data_4DHG
#
_entry.id   4DHG
#
_cell.length_a   70.028
_cell.length_b   84.823
_cell.length_c   94.119
_cell.angle_alpha   89.26
_cell.angle_beta   84.07
_cell.angle_gamma   72.72
#
_symmetry.space_group_name_H-M   'P 1'
#
loop_
_entity.id
_entity.type
_entity.pdbx_description
1 polymer 'Mandelate racemase/muconate lactonizing protein'
2 non-polymer 'PHOSPHATE ION'
3 non-polymer 'IODIDE ION'
4 non-polymer GLYCEROL
5 non-polymer 'UNKNOWN LIGAND'
6 water water
#
_entity_poly.entity_id   1
_entity_poly.type   'polypeptide(L)'
_entity_poly.pdbx_seq_one_letter_code
;MHHHHHHSSGVDLGTENLYFQSMLIREVRVTPVAFRDPPLLNAAGVHQPWALRTIVEVVTDEGITGLGETYGDLAHLEQV
RAAAARLPGLDVYALHRIYRRVADVVGANIVTDMHGLTGSSSRVKTVDRVFAAFEVACLDIQGKAAGRPVADLLGGKVRD
AVPYSAYLFYKWAGHPGKPEDRFGPALDPDGIVAQARLLIGEYGFRSIKLKGGVFPPEQEAEAIQALRDAFPGLPLRLDP
NAAWTVETSIRVGRALDGVLEYLEDPTPGIDGMARVAAEVPMPLATNMCVVTPEHLPAAVERRPIGVLLIDHHYWGGLVR
SAHIATLCATFGIELSMHSNSHLGISLAAMTHLAAATPAITHACDTHTPWQDGQDVVAPGALRFVDGAVPVPDGPGLGVE
LDRDALAVMHEQYERCGIRTRDDEGYMRSFDPSFSTRRGFW
;
_entity_poly.pdbx_strand_id   A,B,C,D
#
loop_
_chem_comp.id
_chem_comp.type
_chem_comp.name
_chem_comp.formula
GOL non-polymer GLYCEROL 'C3 H8 O3'
IOD non-polymer 'IODIDE ION' 'I -1'
PO4 non-polymer 'PHOSPHATE ION' 'O4 P -3'
UNL non-polymer 'UNKNOWN LIGAND' ?
#
# COMPACT_ATOMS: atom_id res chain seq x y z
N HIS A 5 -7.38 29.17 37.36
CA HIS A 5 -6.50 29.33 38.55
C HIS A 5 -5.54 28.19 38.72
N HIS A 6 -4.27 28.53 38.88
CA HIS A 6 -3.21 27.53 39.00
C HIS A 6 -2.89 27.15 40.43
N HIS A 7 -3.44 27.89 41.39
CA HIS A 7 -3.24 27.57 42.80
C HIS A 7 -1.77 27.40 43.20
N SER A 8 -0.90 28.34 42.79
CA SER A 8 0.50 28.35 43.24
C SER A 8 1.40 27.37 42.50
N SER A 9 0.80 26.56 41.63
CA SER A 9 1.54 25.49 40.95
C SER A 9 1.93 25.84 39.50
N GLY A 10 3.23 25.80 39.20
CA GLY A 10 3.69 26.07 37.83
C GLY A 10 3.81 27.55 37.52
N VAL A 11 3.68 28.40 38.53
CA VAL A 11 3.63 29.80 38.27
C VAL A 11 4.76 30.56 38.97
N ASP A 12 5.04 31.76 38.50
CA ASP A 12 5.91 32.70 39.26
C ASP A 12 5.28 33.03 40.61
N LEU A 13 6.13 33.15 41.63
CA LEU A 13 5.72 33.39 43.03
C LEU A 13 4.67 34.51 43.15
N GLY A 14 3.54 34.17 43.76
CA GLY A 14 2.44 35.12 43.99
C GLY A 14 1.59 35.50 42.78
N THR A 15 1.77 34.84 41.64
CA THR A 15 1.08 35.25 40.43
C THR A 15 0.30 34.09 39.83
N GLU A 16 -0.37 34.39 38.71
CA GLU A 16 -1.01 33.37 37.87
C GLU A 16 -0.22 33.13 36.56
N ASN A 17 1.00 33.64 36.49
CA ASN A 17 1.79 33.55 35.24
C ASN A 17 2.62 32.29 35.23
N LEU A 18 2.34 31.37 34.28
CA LEU A 18 3.14 30.15 34.14
C LEU A 18 4.56 30.48 33.75
N TYR A 19 5.54 29.75 34.32
CA TYR A 19 6.88 29.84 33.79
C TYR A 19 7.04 28.78 32.67
N PHE A 20 8.17 28.80 31.97
CA PHE A 20 8.40 27.90 30.82
C PHE A 20 8.14 26.46 31.23
N GLN A 21 7.27 25.79 30.47
CA GLN A 21 6.70 24.51 30.80
C GLN A 21 7.20 23.41 29.84
N SER A 22 7.20 22.18 30.32
CA SER A 22 7.44 21.00 29.50
C SER A 22 6.25 20.07 29.74
N MET A 23 5.75 19.38 28.72
CA MET A 23 4.63 18.42 28.94
C MET A 23 4.85 17.18 28.07
N LEU A 24 5.48 16.17 28.65
CA LEU A 24 5.95 15.08 27.82
C LEU A 24 4.94 13.94 27.83
N ILE A 25 4.92 13.18 26.75
CA ILE A 25 4.09 11.97 26.69
C ILE A 25 4.67 10.86 27.59
N ARG A 26 3.83 10.37 28.49
CA ARG A 26 4.23 9.25 29.34
C ARG A 26 3.94 7.92 28.61
N GLU A 27 2.74 7.76 28.06
CA GLU A 27 2.46 6.49 27.35
C GLU A 27 1.33 6.68 26.37
N VAL A 28 1.19 5.77 25.41
CA VAL A 28 0.10 5.91 24.47
C VAL A 28 -0.65 4.58 24.41
N ARG A 29 -1.94 4.60 24.74
CA ARG A 29 -2.70 3.35 24.74
C ARG A 29 -3.44 3.23 23.44
N VAL A 30 -3.38 2.07 22.82
CA VAL A 30 -4.02 1.87 21.51
C VAL A 30 -5.02 0.72 21.62
N THR A 31 -6.28 0.97 21.32
CA THR A 31 -7.32 -0.06 21.49
C THR A 31 -8.15 -0.21 20.24
N PRO A 32 -8.05 -1.36 19.54
CA PRO A 32 -8.95 -1.58 18.40
C PRO A 32 -10.37 -1.90 18.90
N VAL A 33 -11.37 -1.40 18.19
CA VAL A 33 -12.75 -1.65 18.56
C VAL A 33 -13.55 -2.05 17.34
N ALA A 34 -14.67 -2.73 17.56
CA ALA A 34 -15.57 -3.06 16.47
C ALA A 34 -16.97 -2.73 16.91
N PHE A 35 -17.77 -2.23 15.96
CA PHE A 35 -19.17 -1.94 16.24
C PHE A 35 -20.04 -2.37 15.08
N ARG A 36 -21.35 -2.40 15.33
CA ARG A 36 -22.25 -3.00 14.34
C ARG A 36 -22.53 -2.02 13.23
N ASP A 37 -22.60 -2.53 11.99
CA ASP A 37 -22.79 -1.67 10.83
C ASP A 37 -23.82 -2.37 9.94
N PRO A 38 -24.75 -1.60 9.37
CA PRO A 38 -25.78 -2.23 8.54
C PRO A 38 -25.25 -2.48 7.13
N PRO A 39 -25.97 -3.28 6.34
CA PRO A 39 -25.55 -3.68 4.99
C PRO A 39 -25.77 -2.57 3.96
N LEU A 40 -25.00 -1.49 4.07
CA LEU A 40 -25.06 -0.39 3.12
C LEU A 40 -24.33 -0.78 1.85
N LEU A 41 -24.93 -0.46 0.72
CA LEU A 41 -24.39 -0.82 -0.58
C LEU A 41 -23.59 0.35 -1.13
N ASN A 42 -22.55 0.02 -1.88
CA ASN A 42 -21.80 1.06 -2.58
C ASN A 42 -21.10 0.47 -3.82
N ALA A 43 -20.35 1.27 -4.56
CA ALA A 43 -19.74 0.75 -5.80
C ALA A 43 -18.81 -0.46 -5.54
N ALA A 44 -18.27 -0.55 -4.33
CA ALA A 44 -17.27 -1.60 -3.99
C ALA A 44 -17.90 -2.86 -3.44
N GLY A 45 -19.20 -2.83 -3.14
CA GLY A 45 -19.81 -4.07 -2.64
C GLY A 45 -20.87 -3.77 -1.58
N VAL A 46 -20.70 -4.36 -0.42
CA VAL A 46 -21.65 -4.11 0.66
C VAL A 46 -20.85 -4.06 1.94
N HIS A 47 -21.21 -3.15 2.85
CA HIS A 47 -20.55 -3.08 4.17
C HIS A 47 -20.67 -4.36 4.95
N GLN A 48 -19.58 -4.82 5.54
CA GLN A 48 -19.60 -5.97 6.45
C GLN A 48 -20.33 -5.67 7.78
N PRO A 49 -20.75 -6.72 8.50
CA PRO A 49 -21.54 -6.55 9.73
C PRO A 49 -20.81 -5.85 10.88
N TRP A 50 -19.47 -5.75 10.83
CA TRP A 50 -18.70 -5.00 11.84
C TRP A 50 -17.82 -3.98 11.19
N ALA A 51 -17.83 -2.76 11.71
CA ALA A 51 -16.88 -1.71 11.29
C ALA A 51 -15.76 -1.61 12.34
N LEU A 52 -14.52 -1.33 11.93
CA LEU A 52 -13.39 -1.35 12.84
C LEU A 52 -12.84 0.05 13.00
N ARG A 53 -12.43 0.39 14.20
CA ARG A 53 -11.71 1.65 14.41
C ARG A 53 -10.59 1.36 15.38
N THR A 54 -9.64 2.29 15.45
CA THR A 54 -8.60 2.25 16.48
C THR A 54 -8.74 3.48 17.37
N ILE A 55 -8.79 3.27 18.67
CA ILE A 55 -8.88 4.40 19.61
C ILE A 55 -7.49 4.63 20.20
N VAL A 56 -7.04 5.87 20.22
CA VAL A 56 -5.72 6.19 20.77
C VAL A 56 -5.92 7.08 21.98
N GLU A 57 -5.25 6.74 23.07
CA GLU A 57 -5.26 7.63 24.23
C GLU A 57 -3.82 8.01 24.59
N VAL A 58 -3.49 9.30 24.47
CA VAL A 58 -2.14 9.78 24.81
C VAL A 58 -2.18 10.31 26.25
N VAL A 59 -1.27 9.83 27.09
CA VAL A 59 -1.27 10.20 28.51
C VAL A 59 0.02 10.96 28.77
N THR A 60 -0.07 12.16 29.35
CA THR A 60 1.14 12.93 29.66
C THR A 60 1.65 12.55 31.05
N ASP A 61 2.90 12.87 31.35
CA ASP A 61 3.40 12.78 32.72
C ASP A 61 2.51 13.57 33.73
N GLU A 62 1.97 14.70 33.28
CA GLU A 62 1.13 15.53 34.15
C GLU A 62 -0.22 14.90 34.41
N GLY A 63 -0.49 13.77 33.76
CA GLY A 63 -1.77 13.06 33.90
C GLY A 63 -2.91 13.51 32.97
N ILE A 64 -2.68 14.54 32.17
CA ILE A 64 -3.65 14.96 31.16
C ILE A 64 -3.68 13.93 30.03
N THR A 65 -4.88 13.59 29.54
CA THR A 65 -4.97 12.64 28.44
C THR A 65 -5.73 13.24 27.27
N GLY A 66 -5.47 12.72 26.08
CA GLY A 66 -6.12 13.23 24.89
C GLY A 66 -6.50 12.04 24.07
N LEU A 67 -7.57 12.18 23.30
CA LEU A 67 -8.02 11.03 22.52
C LEU A 67 -7.91 11.32 21.04
N GLY A 68 -7.68 10.26 20.27
CA GLY A 68 -7.75 10.32 18.81
C GLY A 68 -8.38 9.02 18.34
N GLU A 69 -8.79 8.97 17.07
CA GLU A 69 -9.48 7.77 16.59
C GLU A 69 -9.02 7.65 15.16
N THR A 70 -8.73 6.43 14.69
CA THR A 70 -8.35 6.27 13.29
C THR A 70 -8.88 4.94 12.79
N TYR A 71 -8.48 4.55 11.57
CA TYR A 71 -8.90 3.27 10.93
C TYR A 71 -8.54 2.06 11.74
N GLY A 72 -9.32 0.99 11.58
CA GLY A 72 -9.05 -0.21 12.36
C GLY A 72 -8.45 -1.38 11.57
N ASP A 73 -8.19 -1.17 10.28
CA ASP A 73 -7.57 -2.21 9.46
C ASP A 73 -6.36 -2.74 10.21
N LEU A 74 -5.96 -3.98 9.92
CA LEU A 74 -4.86 -4.58 10.65
C LEU A 74 -3.47 -3.96 10.36
N ALA A 75 -3.13 -3.79 9.09
CA ALA A 75 -1.80 -3.23 8.74
C ALA A 75 -1.61 -1.82 9.30
N HIS A 76 -2.67 -1.02 9.26
CA HIS A 76 -2.64 0.32 9.85
C HIS A 76 -2.53 0.28 11.37
N LEU A 77 -3.32 -0.60 12.00
CA LEU A 77 -3.33 -0.76 13.45
C LEU A 77 -1.93 -1.15 13.93
N GLU A 78 -1.30 -2.03 13.19
CA GLU A 78 0.07 -2.43 13.51
C GLU A 78 1.06 -1.25 13.46
N GLN A 79 0.92 -0.39 12.46
CA GLN A 79 1.75 0.82 12.42
C GLN A 79 1.43 1.80 13.53
N VAL A 80 0.15 1.96 13.83
CA VAL A 80 -0.24 2.82 14.95
C VAL A 80 0.33 2.30 16.30
N ARG A 81 0.26 0.98 16.53
CA ARG A 81 0.86 0.40 17.72
C ARG A 81 2.38 0.63 17.77
N ALA A 82 3.05 0.44 16.64
CA ALA A 82 4.52 0.63 16.58
C ALA A 82 4.91 2.09 16.84
N ALA A 83 4.16 3.03 16.27
CA ALA A 83 4.45 4.45 16.50
C ALA A 83 4.19 4.79 17.96
N ALA A 84 3.07 4.28 18.49
CA ALA A 84 2.64 4.61 19.85
C ALA A 84 3.72 4.22 20.82
N ALA A 85 4.41 3.12 20.55
CA ALA A 85 5.46 2.64 21.47
C ALA A 85 6.74 3.49 21.41
N ARG A 86 6.91 4.26 20.34
CA ARG A 86 8.13 5.06 20.21
C ARG A 86 7.93 6.56 20.51
N LEU A 87 6.73 6.92 20.93
CA LEU A 87 6.40 8.31 21.20
C LEU A 87 6.68 8.85 22.63
N PRO A 88 6.71 7.97 23.63
CA PRO A 88 7.00 8.46 24.99
C PRO A 88 8.24 9.31 25.05
N GLY A 89 8.20 10.34 25.89
CA GLY A 89 9.34 11.26 25.93
C GLY A 89 9.26 12.50 25.05
N LEU A 90 8.37 12.53 24.05
CA LEU A 90 8.23 13.72 23.21
C LEU A 90 7.18 14.66 23.82
N ASP A 91 7.33 15.96 23.57
CA ASP A 91 6.43 16.98 24.12
C ASP A 91 5.18 17.06 23.24
N VAL A 92 4.03 17.32 23.85
CA VAL A 92 2.81 17.32 23.07
C VAL A 92 2.64 18.56 22.21
N TYR A 93 3.47 19.57 22.38
CA TYR A 93 3.40 20.72 21.44
C TYR A 93 4.37 20.53 20.29
N ALA A 94 5.22 19.51 20.40
CA ALA A 94 6.30 19.38 19.42
C ALA A 94 5.82 18.54 18.24
N LEU A 95 4.80 19.04 17.54
CA LEU A 95 4.15 18.27 16.47
C LEU A 95 5.07 18.00 15.29
N HIS A 96 5.92 18.94 14.91
CA HIS A 96 6.91 18.62 13.87
C HIS A 96 7.77 17.45 14.25
N ARG A 97 8.20 17.46 15.49
CA ARG A 97 9.12 16.41 15.95
C ARG A 97 8.40 15.05 16.05
N ILE A 98 7.15 15.05 16.49
CA ILE A 98 6.34 13.84 16.51
C ILE A 98 6.12 13.30 15.07
N TYR A 99 5.87 14.19 14.13
CA TYR A 99 5.62 13.79 12.73
C TYR A 99 6.88 13.07 12.20
N ARG A 100 8.04 13.63 12.49
CA ARG A 100 9.32 13.03 12.07
C ARG A 100 9.54 11.65 12.74
N ARG A 101 9.25 11.54 14.04
CA ARG A 101 9.28 10.23 14.73
C ARG A 101 8.35 9.19 14.07
N VAL A 102 7.14 9.61 13.71
CA VAL A 102 6.23 8.69 13.05
C VAL A 102 6.83 8.30 11.69
N ALA A 103 7.34 9.28 10.95
CA ALA A 103 7.95 9.02 9.63
C ALA A 103 9.10 7.98 9.75
N ASP A 104 9.92 8.11 10.79
CA ASP A 104 10.98 7.11 11.05
C ASP A 104 10.41 5.70 11.27
N VAL A 105 9.36 5.61 12.08
CA VAL A 105 8.72 4.32 12.40
C VAL A 105 8.15 3.68 11.12
N VAL A 106 7.55 4.46 10.23
CA VAL A 106 6.99 3.83 9.03
C VAL A 106 7.97 3.69 7.84
N GLY A 107 9.24 3.98 8.09
CA GLY A 107 10.28 3.83 7.05
C GLY A 107 10.20 4.86 5.95
N ALA A 108 9.59 6.00 6.24
CA ALA A 108 9.45 7.06 5.26
C ALA A 108 10.69 7.97 5.26
N ASN A 109 10.81 8.79 4.23
CA ASN A 109 11.87 9.79 4.21
C ASN A 109 11.29 11.15 3.83
N ILE A 110 11.24 12.05 4.81
CA ILE A 110 10.54 13.33 4.65
C ILE A 110 11.53 14.49 4.65
N VAL A 111 12.81 14.18 4.51
CA VAL A 111 13.86 15.18 4.50
C VAL A 111 14.83 14.97 3.34
N SER A 121 10.57 7.14 -3.45
CA SER A 121 9.17 7.50 -3.38
C SER A 121 8.78 8.11 -2.03
N SER A 122 7.84 9.04 -2.06
CA SER A 122 7.32 9.63 -0.83
C SER A 122 6.31 8.71 -0.16
N ARG A 123 6.52 8.37 1.11
CA ARG A 123 5.55 7.63 1.88
C ARG A 123 4.69 8.60 2.69
N VAL A 124 4.52 9.82 2.19
CA VAL A 124 3.76 10.83 2.91
C VAL A 124 2.33 10.34 3.20
N LYS A 125 1.73 9.60 2.28
CA LYS A 125 0.32 9.15 2.56
C LYS A 125 0.25 8.32 3.81
N THR A 126 1.21 7.41 3.97
CA THR A 126 1.27 6.56 5.15
C THR A 126 1.60 7.34 6.40
N VAL A 127 2.59 8.25 6.31
CA VAL A 127 2.96 9.00 7.50
C VAL A 127 1.75 9.80 7.98
N ASP A 128 1.12 10.51 7.05
CA ASP A 128 -0.06 11.33 7.38
C ASP A 128 -1.15 10.53 8.05
N ARG A 129 -1.49 9.36 7.53
CA ARG A 129 -2.57 8.65 8.19
C ARG A 129 -2.21 8.04 9.54
N VAL A 130 -0.94 7.68 9.75
CA VAL A 130 -0.53 7.19 11.06
C VAL A 130 -0.41 8.35 12.09
N PHE A 131 0.10 9.49 11.64
CA PHE A 131 0.30 10.69 12.46
C PHE A 131 -1.06 11.26 12.92
N ALA A 132 -2.07 11.19 12.06
CA ALA A 132 -3.37 11.89 12.35
C ALA A 132 -3.96 11.63 13.74
N ALA A 133 -4.03 10.37 14.17
CA ALA A 133 -4.67 10.08 15.44
C ALA A 133 -3.89 10.68 16.62
N PHE A 134 -2.57 10.63 16.53
CA PHE A 134 -1.73 11.23 17.57
C PHE A 134 -1.87 12.74 17.59
N GLU A 135 -1.92 13.37 16.42
CA GLU A 135 -2.07 14.83 16.35
C GLU A 135 -3.36 15.29 17.01
N VAL A 136 -4.45 14.58 16.75
CA VAL A 136 -5.74 14.94 17.32
C VAL A 136 -5.69 14.80 18.85
N ALA A 137 -5.12 13.70 19.35
CA ALA A 137 -4.94 13.53 20.79
C ALA A 137 -4.05 14.62 21.38
N CYS A 138 -2.98 15.00 20.69
CA CYS A 138 -2.11 16.05 21.23
C CYS A 138 -2.83 17.41 21.25
N LEU A 139 -3.62 17.69 20.23
CA LEU A 139 -4.41 18.94 20.27
C LEU A 139 -5.48 18.93 21.40
N ASP A 140 -6.10 17.77 21.67
CA ASP A 140 -7.07 17.60 22.78
C ASP A 140 -6.33 17.99 24.08
N ILE A 141 -5.11 17.48 24.26
CA ILE A 141 -4.29 17.81 25.45
C ILE A 141 -3.93 19.31 25.52
N GLN A 142 -3.51 19.88 24.40
CA GLN A 142 -3.13 21.31 24.35
C GLN A 142 -4.36 22.18 24.72
N GLY A 143 -5.53 21.79 24.22
CA GLY A 143 -6.77 22.45 24.58
C GLY A 143 -7.04 22.36 26.07
N LYS A 144 -6.93 21.15 26.63
CA LYS A 144 -7.14 20.97 28.08
C LYS A 144 -6.14 21.77 28.90
N ALA A 145 -4.90 21.84 28.45
CA ALA A 145 -3.90 22.65 29.15
C ALA A 145 -4.24 24.15 29.12
N ALA A 146 -4.81 24.66 28.04
CA ALA A 146 -5.14 26.09 27.93
C ALA A 146 -6.54 26.37 28.44
N GLY A 147 -7.26 25.32 28.81
CA GLY A 147 -8.66 25.44 29.19
C GLY A 147 -9.52 25.96 28.05
N ARG A 148 -9.23 25.54 26.82
CA ARG A 148 -9.91 26.05 25.62
C ARG A 148 -10.36 24.88 24.74
N PRO A 149 -11.46 25.04 23.99
CA PRO A 149 -11.80 24.00 22.99
C PRO A 149 -10.76 23.99 21.86
N VAL A 150 -10.58 22.83 21.22
CA VAL A 150 -9.67 22.67 20.09
C VAL A 150 -9.89 23.72 19.00
N ALA A 151 -11.14 24.13 18.77
CA ALA A 151 -11.39 25.18 17.77
C ALA A 151 -10.57 26.44 18.03
N ASP A 152 -10.34 26.77 19.29
CA ASP A 152 -9.55 27.94 19.66
C ASP A 152 -8.08 27.81 19.32
N LEU A 153 -7.58 26.59 19.30
CA LEU A 153 -6.21 26.37 18.83
C LEU A 153 -6.09 26.54 17.33
N LEU A 154 -7.23 26.59 16.64
CA LEU A 154 -7.26 26.68 15.18
C LEU A 154 -7.74 28.04 14.66
N GLY A 155 -7.80 29.07 15.50
CA GLY A 155 -8.22 30.39 15.05
C GLY A 155 -9.54 30.85 15.63
N GLY A 156 -10.22 29.96 16.35
CA GLY A 156 -11.49 30.31 16.98
C GLY A 156 -12.61 29.90 16.06
N LYS A 157 -13.78 29.58 16.62
CA LYS A 157 -14.88 29.14 15.78
C LYS A 157 -15.48 30.33 15.05
N VAL A 158 -15.87 30.12 13.80
CA VAL A 158 -16.50 31.17 13.03
C VAL A 158 -17.97 30.84 12.82
N ARG A 159 -18.41 29.73 13.40
CA ARG A 159 -19.85 29.41 13.47
C ARG A 159 -20.07 28.63 14.74
N ASP A 160 -21.27 28.77 15.32
CA ASP A 160 -21.61 28.09 16.58
C ASP A 160 -21.88 26.61 16.40
N ALA A 161 -22.35 26.23 15.23
CA ALA A 161 -22.71 24.84 15.02
C ALA A 161 -22.34 24.45 13.61
N VAL A 162 -22.09 23.15 13.39
CA VAL A 162 -21.58 22.68 12.12
C VAL A 162 -22.65 21.82 11.44
N PRO A 163 -23.16 22.29 10.30
CA PRO A 163 -24.19 21.55 9.55
C PRO A 163 -23.64 20.27 8.90
N TYR A 164 -24.39 19.18 9.00
CA TYR A 164 -24.07 17.92 8.35
C TYR A 164 -25.19 17.50 7.44
N SER A 165 -24.85 16.70 6.43
CA SER A 165 -25.85 16.17 5.52
C SER A 165 -26.35 14.79 5.95
N ALA A 166 -27.57 14.45 5.51
CA ALA A 166 -28.13 13.11 5.64
C ALA A 166 -27.39 12.29 4.61
N TYR A 167 -26.76 11.22 5.05
CA TYR A 167 -25.96 10.45 4.12
C TYR A 167 -26.76 9.19 3.82
N LEU A 168 -27.38 9.14 2.64
CA LEU A 168 -28.31 8.04 2.36
C LEU A 168 -27.65 6.96 1.51
N PHE A 169 -28.05 5.71 1.71
CA PHE A 169 -27.49 4.56 1.01
C PHE A 169 -28.59 3.65 0.58
N TYR A 170 -28.43 3.04 -0.57
CA TYR A 170 -29.17 1.83 -0.86
C TYR A 170 -28.68 0.79 0.15
N LYS A 171 -29.57 -0.10 0.56
CA LYS A 171 -29.18 -1.11 1.55
C LYS A 171 -30.12 -2.28 1.59
N TRP A 172 -29.62 -3.43 2.01
CA TRP A 172 -30.47 -4.59 2.27
C TRP A 172 -31.18 -4.42 3.56
N ALA A 173 -32.22 -5.23 3.78
CA ALA A 173 -32.94 -5.18 5.04
C ALA A 173 -32.06 -5.59 6.22
N GLY A 174 -31.10 -6.45 5.98
CA GLY A 174 -30.22 -6.87 7.05
C GLY A 174 -29.15 -7.74 6.44
N HIS A 175 -28.19 -8.14 7.26
CA HIS A 175 -27.14 -9.08 6.85
C HIS A 175 -27.72 -10.46 6.82
N PRO A 176 -27.43 -11.22 5.75
CA PRO A 176 -27.97 -12.56 5.56
C PRO A 176 -27.82 -13.42 6.80
N GLY A 177 -28.93 -13.98 7.26
CA GLY A 177 -28.94 -14.84 8.43
C GLY A 177 -28.81 -14.12 9.78
N LYS A 178 -29.20 -12.85 9.82
CA LYS A 178 -29.19 -12.09 11.08
C LYS A 178 -30.45 -11.23 11.14
N PRO A 179 -30.79 -10.73 12.34
CA PRO A 179 -31.96 -9.88 12.52
C PRO A 179 -31.89 -8.60 11.68
N GLU A 180 -32.99 -8.24 11.03
CA GLU A 180 -33.08 -6.99 10.28
C GLU A 180 -32.95 -5.77 11.18
N ASP A 181 -32.36 -4.70 10.66
CA ASP A 181 -32.17 -3.48 11.45
C ASP A 181 -33.40 -2.58 11.38
N ARG A 182 -33.39 -1.51 12.16
CA ARG A 182 -34.55 -0.62 12.22
C ARG A 182 -34.77 0.25 10.99
N PHE A 183 -33.79 0.36 10.10
CA PHE A 183 -33.92 1.35 9.04
C PHE A 183 -34.76 0.81 7.88
N GLY A 184 -34.77 -0.51 7.72
CA GLY A 184 -35.46 -1.12 6.59
C GLY A 184 -34.59 -1.20 5.34
N PRO A 185 -35.04 -1.92 4.31
CA PRO A 185 -34.30 -1.98 3.05
C PRO A 185 -34.54 -0.73 2.21
N ALA A 186 -33.61 -0.38 1.33
CA ALA A 186 -33.83 0.71 0.39
C ALA A 186 -33.22 0.29 -0.93
N LEU A 187 -34.06 -0.02 -1.90
CA LEU A 187 -33.59 -0.59 -3.14
C LEU A 187 -34.14 0.13 -4.36
N ASP A 188 -34.84 1.23 -4.10
CA ASP A 188 -35.41 2.05 -5.17
C ASP A 188 -35.79 3.40 -4.60
N PRO A 189 -36.33 4.30 -5.46
CA PRO A 189 -36.59 5.67 -5.04
C PRO A 189 -37.54 5.82 -3.83
N ASP A 190 -38.62 5.04 -3.76
CA ASP A 190 -39.52 5.12 -2.59
C ASP A 190 -38.75 4.78 -1.32
N GLY A 191 -37.94 3.74 -1.42
CA GLY A 191 -37.13 3.33 -0.26
C GLY A 191 -36.14 4.42 0.15
N ILE A 192 -35.49 5.04 -0.83
CA ILE A 192 -34.54 6.11 -0.50
C ILE A 192 -35.25 7.32 0.14
N VAL A 193 -36.43 7.69 -0.36
CA VAL A 193 -37.19 8.79 0.24
C VAL A 193 -37.62 8.48 1.69
N ALA A 194 -38.12 7.28 1.91
CA ALA A 194 -38.53 6.86 3.25
C ALA A 194 -37.33 6.89 4.22
N GLN A 195 -36.17 6.50 3.72
CA GLN A 195 -34.96 6.55 4.53
C GLN A 195 -34.63 7.99 4.89
N ALA A 196 -34.70 8.88 3.90
CA ALA A 196 -34.46 10.29 4.11
C ALA A 196 -35.43 10.86 5.14
N ARG A 197 -36.71 10.45 5.08
CA ARG A 197 -37.72 10.94 6.03
C ARG A 197 -37.37 10.55 7.44
N LEU A 198 -36.89 9.32 7.60
CA LEU A 198 -36.47 8.79 8.89
C LEU A 198 -35.27 9.56 9.45
N LEU A 199 -34.20 9.65 8.66
CA LEU A 199 -33.02 10.41 9.07
C LEU A 199 -33.31 11.86 9.39
N ILE A 200 -33.93 12.58 8.47
CA ILE A 200 -34.19 13.99 8.69
C ILE A 200 -35.12 14.26 9.87
N GLY A 201 -36.09 13.36 10.09
CA GLY A 201 -36.98 13.47 11.24
C GLY A 201 -36.25 13.38 12.57
N GLU A 202 -35.25 12.52 12.66
CA GLU A 202 -34.49 12.37 13.90
C GLU A 202 -33.35 13.39 14.11
N TYR A 203 -32.63 13.76 13.04
CA TYR A 203 -31.41 14.59 13.18
C TYR A 203 -31.59 16.00 12.67
N GLY A 204 -32.58 16.19 11.81
CA GLY A 204 -32.93 17.50 11.28
C GLY A 204 -32.07 17.98 10.14
N PHE A 205 -31.35 17.06 9.46
CA PHE A 205 -30.45 17.44 8.35
C PHE A 205 -31.07 18.38 7.33
N ARG A 206 -30.27 19.36 6.89
CA ARG A 206 -30.74 20.32 5.89
C ARG A 206 -30.08 20.18 4.52
N SER A 207 -29.40 19.05 4.30
CA SER A 207 -28.72 18.72 3.04
C SER A 207 -28.79 17.21 2.92
N ILE A 208 -28.77 16.68 1.69
CA ILE A 208 -28.82 15.25 1.51
C ILE A 208 -27.71 14.80 0.56
N LYS A 209 -27.07 13.69 0.88
CA LYS A 209 -26.16 13.07 -0.08
C LYS A 209 -26.59 11.62 -0.31
N LEU A 210 -26.56 11.18 -1.57
CA LEU A 210 -26.92 9.81 -1.89
C LEU A 210 -25.66 9.11 -2.40
N LYS A 211 -25.33 7.99 -1.78
CA LYS A 211 -24.21 7.13 -2.21
C LYS A 211 -24.71 6.29 -3.38
N GLY A 212 -24.10 6.48 -4.54
CA GLY A 212 -24.58 5.82 -5.76
C GLY A 212 -23.60 4.74 -6.18
N GLY A 213 -23.62 4.38 -7.46
CA GLY A 213 -22.69 3.35 -7.96
C GLY A 213 -23.25 1.96 -7.79
N VAL A 214 -24.50 1.87 -7.34
CA VAL A 214 -25.07 0.58 -6.96
C VAL A 214 -26.02 0.10 -8.04
N PHE A 215 -26.90 0.98 -8.49
CA PHE A 215 -27.87 0.65 -9.54
C PHE A 215 -27.52 1.42 -10.78
N PRO A 216 -28.03 0.97 -11.94
CA PRO A 216 -27.81 1.73 -13.15
C PRO A 216 -28.14 3.20 -12.91
N PRO A 217 -27.35 4.09 -13.52
CA PRO A 217 -27.42 5.53 -13.30
C PRO A 217 -28.82 6.12 -13.54
N GLU A 218 -29.59 5.56 -14.47
CA GLU A 218 -30.96 6.03 -14.65
C GLU A 218 -31.80 5.87 -13.37
N GLN A 219 -31.62 4.78 -12.64
CA GLN A 219 -32.38 4.57 -11.41
C GLN A 219 -31.95 5.51 -10.31
N GLU A 220 -30.65 5.74 -10.21
CA GLU A 220 -30.11 6.69 -9.22
C GLU A 220 -30.53 8.13 -9.48
N ALA A 221 -30.57 8.54 -10.75
CA ALA A 221 -31.12 9.86 -11.08
C ALA A 221 -32.62 9.97 -10.75
N GLU A 222 -33.35 8.87 -10.87
CA GLU A 222 -34.73 8.86 -10.45
C GLU A 222 -34.86 9.04 -8.93
N ALA A 223 -33.96 8.43 -8.16
CA ALA A 223 -33.98 8.62 -6.71
C ALA A 223 -33.65 10.07 -6.34
N ILE A 224 -32.74 10.68 -7.07
CA ILE A 224 -32.40 12.09 -6.84
C ILE A 224 -33.61 12.99 -7.13
N GLN A 225 -34.29 12.73 -8.24
CA GLN A 225 -35.48 13.50 -8.57
C GLN A 225 -36.61 13.33 -7.53
N ALA A 226 -36.76 12.12 -7.02
CA ALA A 226 -37.76 11.85 -6.00
C ALA A 226 -37.46 12.56 -4.70
N LEU A 227 -36.18 12.66 -4.36
CA LEU A 227 -35.76 13.43 -3.17
C LEU A 227 -36.01 14.91 -3.36
N ARG A 228 -35.69 15.44 -4.53
CA ARG A 228 -35.95 16.86 -4.79
C ARG A 228 -37.46 17.16 -4.67
N ASP A 229 -38.29 16.24 -5.15
CA ASP A 229 -39.75 16.41 -5.05
C ASP A 229 -40.19 16.36 -3.60
N ALA A 230 -39.66 15.41 -2.83
CA ALA A 230 -40.05 15.23 -1.44
C ALA A 230 -39.48 16.30 -0.51
N PHE A 231 -38.32 16.86 -0.87
CA PHE A 231 -37.61 17.78 0.03
C PHE A 231 -37.21 19.04 -0.72
N PRO A 232 -38.21 19.86 -1.06
CA PRO A 232 -38.06 20.99 -2.00
C PRO A 232 -36.85 21.91 -1.79
N GLY A 233 -36.55 22.26 -0.55
CA GLY A 233 -35.52 23.29 -0.34
C GLY A 233 -34.07 22.80 -0.25
N LEU A 234 -33.89 21.50 -0.10
CA LEU A 234 -32.60 21.00 0.44
C LEU A 234 -31.55 20.69 -0.62
N PRO A 235 -30.32 21.15 -0.39
CA PRO A 235 -29.26 20.83 -1.35
C PRO A 235 -29.06 19.32 -1.45
N LEU A 236 -28.80 18.83 -2.67
CA LEU A 236 -28.66 17.40 -2.93
C LEU A 236 -27.29 17.12 -3.58
N ARG A 237 -26.63 16.04 -3.18
CA ARG A 237 -25.33 15.66 -3.76
C ARG A 237 -25.41 14.21 -4.08
N LEU A 238 -24.63 13.78 -5.08
CA LEU A 238 -24.67 12.40 -5.51
C LEU A 238 -23.20 11.94 -5.63
N ASP A 239 -22.94 10.74 -5.14
CA ASP A 239 -21.56 10.20 -5.10
C ASP A 239 -21.54 8.76 -5.60
N PRO A 240 -21.24 8.55 -6.89
CA PRO A 240 -21.10 7.21 -7.48
C PRO A 240 -19.75 6.55 -7.17
N ASN A 241 -18.88 7.22 -6.44
CA ASN A 241 -17.61 6.61 -6.06
C ASN A 241 -16.86 6.04 -7.26
N ALA A 242 -16.78 6.79 -8.37
CA ALA A 242 -15.97 6.46 -9.57
C ALA A 242 -16.53 5.26 -10.37
N ALA A 243 -17.78 4.91 -10.13
CA ALA A 243 -18.44 3.79 -10.81
C ALA A 243 -18.82 4.05 -12.27
N TRP A 244 -18.81 5.31 -12.71
CA TRP A 244 -19.27 5.64 -14.09
C TRP A 244 -18.18 5.92 -15.04
N THR A 245 -18.43 5.68 -16.32
CA THR A 245 -17.56 6.17 -17.37
C THR A 245 -17.68 7.67 -17.55
N VAL A 246 -16.70 8.26 -18.23
CA VAL A 246 -16.74 9.67 -18.62
C VAL A 246 -18.02 10.02 -19.39
N GLU A 247 -18.34 9.19 -20.38
CA GLU A 247 -19.54 9.41 -21.19
C GLU A 247 -20.84 9.40 -20.36
N THR A 248 -21.01 8.39 -19.49
CA THR A 248 -22.20 8.31 -18.64
C THR A 248 -22.28 9.52 -17.68
N SER A 249 -21.15 9.90 -17.12
CA SER A 249 -21.09 11.03 -16.19
C SER A 249 -21.54 12.31 -16.87
N ILE A 250 -21.17 12.48 -18.13
CA ILE A 250 -21.57 13.70 -18.83
C ILE A 250 -23.08 13.68 -19.10
N ARG A 251 -23.61 12.53 -19.49
CA ARG A 251 -25.06 12.40 -19.73
C ARG A 251 -25.86 12.64 -18.45
N VAL A 252 -25.46 12.03 -17.34
CA VAL A 252 -26.18 12.18 -16.08
C VAL A 252 -26.07 13.60 -15.55
N GLY A 253 -24.86 14.14 -15.59
CA GLY A 253 -24.61 15.47 -15.10
C GLY A 253 -25.47 16.48 -15.85
N ARG A 254 -25.59 16.29 -17.16
CA ARG A 254 -26.41 17.21 -17.95
C ARG A 254 -27.88 17.04 -17.60
N ALA A 255 -28.33 15.79 -17.44
CA ALA A 255 -29.72 15.52 -17.07
C ALA A 255 -30.11 16.04 -15.68
N LEU A 256 -29.12 16.28 -14.83
CA LEU A 256 -29.39 16.68 -13.45
C LEU A 256 -29.05 18.14 -13.25
N ASP A 257 -28.88 18.85 -14.36
CA ASP A 257 -28.70 20.30 -14.35
C ASP A 257 -29.74 20.97 -13.43
N GLY A 258 -29.26 21.83 -12.56
CA GLY A 258 -30.11 22.58 -11.64
C GLY A 258 -30.49 21.83 -10.38
N VAL A 259 -30.26 20.52 -10.36
CA VAL A 259 -30.74 19.68 -9.25
C VAL A 259 -29.66 19.35 -8.18
N LEU A 260 -28.42 19.08 -8.59
CA LEU A 260 -27.36 18.76 -7.64
C LEU A 260 -26.56 19.96 -7.24
N GLU A 261 -26.17 20.00 -5.98
CA GLU A 261 -25.17 20.94 -5.49
C GLU A 261 -23.82 20.61 -6.14
N TYR A 262 -23.45 19.35 -6.08
CA TYR A 262 -22.23 18.88 -6.74
C TYR A 262 -22.34 17.41 -7.04
N LEU A 263 -21.49 16.96 -7.95
CA LEU A 263 -21.44 15.57 -8.32
C LEU A 263 -20.05 15.07 -7.88
N GLU A 264 -20.03 14.13 -6.95
CA GLU A 264 -18.76 13.70 -6.32
C GLU A 264 -18.19 12.42 -6.98
N ASP A 265 -16.93 12.45 -7.41
CA ASP A 265 -16.30 11.24 -7.95
C ASP A 265 -17.15 10.40 -8.91
N PRO A 266 -17.62 11.00 -10.00
CA PRO A 266 -18.43 10.17 -10.86
C PRO A 266 -17.60 9.14 -11.63
N THR A 267 -16.32 9.43 -11.89
CA THR A 267 -15.53 8.63 -12.81
C THR A 267 -14.09 8.57 -12.28
N PRO A 268 -13.35 7.55 -12.70
CA PRO A 268 -12.02 7.41 -12.10
C PRO A 268 -10.90 8.23 -12.69
N GLY A 269 -10.01 8.69 -11.81
CA GLY A 269 -8.77 9.37 -12.23
C GLY A 269 -8.91 10.85 -12.55
N ILE A 270 -7.82 11.60 -12.37
CA ILE A 270 -7.85 13.06 -12.54
C ILE A 270 -8.18 13.41 -13.97
N ASP A 271 -7.59 12.67 -14.90
CA ASP A 271 -7.84 12.92 -16.31
C ASP A 271 -9.33 12.81 -16.68
N GLY A 272 -9.95 11.69 -16.32
CA GLY A 272 -11.37 11.47 -16.62
C GLY A 272 -12.22 12.53 -15.97
N MET A 273 -11.93 12.86 -14.72
CA MET A 273 -12.72 13.83 -13.97
C MET A 273 -12.67 15.19 -14.65
N ALA A 274 -11.47 15.56 -15.11
CA ALA A 274 -11.29 16.84 -15.76
C ALA A 274 -12.08 16.93 -17.07
N ARG A 275 -12.21 15.81 -17.78
CA ARG A 275 -13.00 15.80 -19.00
C ARG A 275 -14.49 15.94 -18.70
N VAL A 276 -14.94 15.30 -17.63
CA VAL A 276 -16.34 15.42 -17.21
C VAL A 276 -16.62 16.85 -16.73
N ALA A 277 -15.72 17.39 -15.92
CA ALA A 277 -15.93 18.70 -15.28
C ALA A 277 -16.12 19.81 -16.32
N ALA A 278 -15.47 19.69 -17.46
CA ALA A 278 -15.59 20.70 -18.50
C ALA A 278 -16.94 20.66 -19.24
N GLU A 279 -17.73 19.62 -19.02
CA GLU A 279 -18.92 19.40 -19.84
C GLU A 279 -20.22 19.28 -19.07
N VAL A 280 -20.16 19.39 -17.76
CA VAL A 280 -21.37 19.28 -16.93
C VAL A 280 -21.62 20.61 -16.24
N PRO A 281 -22.88 20.89 -15.88
CA PRO A 281 -23.20 22.23 -15.36
C PRO A 281 -22.90 22.43 -13.87
N MET A 282 -22.78 21.34 -13.11
CA MET A 282 -22.50 21.48 -11.67
C MET A 282 -21.03 21.21 -11.38
N PRO A 283 -20.54 21.73 -10.25
CA PRO A 283 -19.15 21.44 -9.89
C PRO A 283 -19.00 19.96 -9.59
N LEU A 284 -17.79 19.44 -9.75
CA LEU A 284 -17.44 18.09 -9.34
C LEU A 284 -16.70 18.19 -8.01
N ALA A 285 -16.88 17.20 -7.15
CA ALA A 285 -16.15 17.09 -5.88
C ALA A 285 -15.33 15.79 -5.91
N THR A 286 -14.27 15.71 -5.12
CA THR A 286 -13.59 14.42 -5.01
C THR A 286 -13.13 14.14 -3.60
N ASN A 287 -13.11 12.87 -3.21
CA ASN A 287 -12.34 12.38 -2.08
C ASN A 287 -11.54 11.16 -2.54
N MET A 288 -11.34 11.00 -3.84
CA MET A 288 -10.61 9.80 -4.32
C MET A 288 -9.37 10.09 -5.13
N CYS A 289 -9.39 11.15 -5.91
CA CYS A 289 -8.27 11.36 -6.83
C CYS A 289 -7.35 12.48 -6.35
N VAL A 290 -7.73 13.18 -5.29
CA VAL A 290 -6.87 14.20 -4.68
C VAL A 290 -6.90 13.92 -3.19
N VAL A 291 -5.88 13.23 -2.68
CA VAL A 291 -5.94 12.74 -1.30
C VAL A 291 -4.69 12.96 -0.50
N THR A 292 -3.75 13.69 -1.12
CA THR A 292 -2.52 13.99 -0.45
C THR A 292 -1.91 15.21 -1.17
N PRO A 293 -0.99 15.92 -0.50
CA PRO A 293 -0.55 17.20 -1.08
C PRO A 293 0.10 17.10 -2.45
N GLU A 294 0.74 15.96 -2.73
CA GLU A 294 1.39 15.81 -4.05
C GLU A 294 0.41 15.71 -5.22
N HIS A 295 -0.88 15.45 -4.94
CA HIS A 295 -1.93 15.54 -5.97
C HIS A 295 -2.39 16.95 -6.28
N LEU A 296 -2.04 17.92 -5.46
CA LEU A 296 -2.60 19.25 -5.62
C LEU A 296 -2.11 20.02 -6.86
N PRO A 297 -0.81 19.96 -7.19
CA PRO A 297 -0.41 20.63 -8.43
C PRO A 297 -1.17 20.12 -9.66
N ALA A 298 -1.39 18.81 -9.75
CA ALA A 298 -2.18 18.28 -10.87
C ALA A 298 -3.63 18.77 -10.82
N ALA A 299 -4.17 18.91 -9.61
CA ALA A 299 -5.57 19.35 -9.46
C ALA A 299 -5.71 20.79 -9.88
N VAL A 300 -4.69 21.59 -9.60
CA VAL A 300 -4.72 22.97 -10.00
C VAL A 300 -4.54 23.10 -11.50
N GLU A 301 -3.63 22.32 -12.05
CA GLU A 301 -3.37 22.37 -13.47
C GLU A 301 -4.53 21.84 -14.34
N ARG A 302 -5.08 20.68 -13.99
CA ARG A 302 -6.11 20.01 -14.83
C ARG A 302 -7.55 20.42 -14.50
N ARG A 303 -7.75 20.91 -13.29
CA ARG A 303 -9.10 21.28 -12.83
C ARG A 303 -10.12 20.13 -12.87
N PRO A 304 -9.81 19.01 -12.24
CA PRO A 304 -10.80 17.94 -12.19
C PRO A 304 -11.96 18.31 -11.25
N ILE A 305 -11.75 19.32 -10.39
CA ILE A 305 -12.72 19.59 -9.33
C ILE A 305 -12.93 21.03 -8.98
N GLY A 306 -14.17 21.32 -8.56
CA GLY A 306 -14.51 22.59 -7.96
C GLY A 306 -14.55 22.54 -6.44
N VAL A 307 -14.77 21.34 -5.88
CA VAL A 307 -14.89 21.10 -4.42
C VAL A 307 -13.99 19.95 -3.95
N LEU A 308 -13.15 20.20 -2.96
CA LEU A 308 -12.33 19.14 -2.41
C LEU A 308 -12.97 18.70 -1.10
N LEU A 309 -13.18 17.39 -0.97
CA LEU A 309 -13.66 16.86 0.29
C LEU A 309 -12.43 16.47 1.09
N ILE A 310 -12.20 17.18 2.18
CA ILE A 310 -11.02 16.95 2.99
C ILE A 310 -11.40 16.04 4.16
N ASP A 311 -10.44 15.22 4.57
CA ASP A 311 -10.66 14.27 5.66
C ASP A 311 -9.38 14.30 6.49
N HIS A 312 -9.49 14.73 7.75
CA HIS A 312 -8.29 14.87 8.56
C HIS A 312 -7.62 13.55 8.84
N HIS A 313 -8.35 12.44 8.65
CA HIS A 313 -7.78 11.13 8.98
C HIS A 313 -6.73 10.73 8.00
N TYR A 314 -6.75 11.30 6.80
CA TYR A 314 -5.68 10.93 5.87
C TYR A 314 -4.91 12.10 5.28
N TRP A 315 -5.35 13.32 5.57
CA TRP A 315 -4.55 14.49 5.23
C TRP A 315 -3.56 14.83 6.33
N GLY A 316 -3.62 14.14 7.45
CA GLY A 316 -2.59 14.31 8.48
C GLY A 316 -2.93 15.13 9.71
N GLY A 317 -4.21 15.12 10.08
CA GLY A 317 -4.64 15.73 11.32
C GLY A 317 -5.22 17.13 11.10
N LEU A 318 -5.56 17.80 12.19
CA LEU A 318 -6.38 19.02 12.04
C LEU A 318 -5.59 20.22 11.55
N VAL A 319 -4.34 20.34 11.98
CA VAL A 319 -3.57 21.49 11.55
C VAL A 319 -3.24 21.40 10.06
N ARG A 320 -2.73 20.25 9.65
CA ARG A 320 -2.46 20.04 8.23
C ARG A 320 -3.70 20.22 7.37
N SER A 321 -4.84 19.69 7.80
CA SER A 321 -6.06 19.94 7.05
C SER A 321 -6.35 21.46 6.93
N ALA A 322 -6.18 22.21 8.00
CA ALA A 322 -6.36 23.65 7.95
C ALA A 322 -5.43 24.31 6.93
N HIS A 323 -4.18 23.84 6.84
CA HIS A 323 -3.26 24.36 5.83
C HIS A 323 -3.75 24.06 4.42
N ILE A 324 -4.34 22.88 4.22
CA ILE A 324 -4.84 22.53 2.89
C ILE A 324 -6.04 23.41 2.54
N ALA A 325 -6.90 23.68 3.53
CA ALA A 325 -8.04 24.53 3.29
C ALA A 325 -7.61 25.92 2.76
N THR A 326 -6.54 26.49 3.31
CA THR A 326 -6.03 27.76 2.81
C THR A 326 -5.53 27.68 1.36
N LEU A 327 -4.83 26.60 1.05
CA LEU A 327 -4.32 26.42 -0.31
C LEU A 327 -5.50 26.37 -1.26
N CYS A 328 -6.50 25.55 -0.94
CA CYS A 328 -7.67 25.44 -1.79
C CYS A 328 -8.34 26.76 -2.07
N ALA A 329 -8.58 27.54 -1.02
CA ALA A 329 -9.19 28.86 -1.16
C ALA A 329 -8.38 29.74 -2.10
N THR A 330 -7.06 29.64 -2.03
CA THR A 330 -6.18 30.51 -2.82
C THR A 330 -6.37 30.18 -4.28
N PHE A 331 -6.62 28.91 -4.57
CA PHE A 331 -6.72 28.48 -5.95
C PHE A 331 -8.14 28.29 -6.41
N GLY A 332 -9.08 28.81 -5.64
CA GLY A 332 -10.44 28.82 -6.11
C GLY A 332 -11.21 27.54 -5.92
N ILE A 333 -10.70 26.64 -5.07
CA ILE A 333 -11.35 25.35 -4.84
C ILE A 333 -12.16 25.43 -3.54
N GLU A 334 -13.45 25.08 -3.57
CA GLU A 334 -14.27 25.07 -2.37
C GLU A 334 -13.99 23.79 -1.57
N LEU A 335 -14.44 23.76 -0.32
CA LEU A 335 -14.13 22.62 0.55
C LEU A 335 -15.35 22.10 1.26
N SER A 336 -15.35 20.81 1.54
CA SER A 336 -16.34 20.20 2.35
C SER A 336 -15.56 19.10 3.08
N MET A 337 -16.26 18.26 3.85
CA MET A 337 -15.58 17.15 4.52
C MET A 337 -16.18 15.77 4.39
N HIS A 338 -15.26 14.83 4.21
CA HIS A 338 -15.56 13.44 3.90
C HIS A 338 -15.55 12.68 5.19
N SER A 339 -16.28 11.58 5.25
CA SER A 339 -16.16 10.72 6.42
C SER A 339 -16.36 9.28 6.04
N ASN A 340 -15.86 8.40 6.91
CA ASN A 340 -16.12 6.97 6.80
C ASN A 340 -16.79 6.62 8.12
N SER A 341 -17.29 5.39 8.26
CA SER A 341 -17.91 4.99 9.53
C SER A 341 -16.98 5.33 10.71
N HIS A 342 -17.46 6.12 11.66
CA HIS A 342 -16.60 6.60 12.73
C HIS A 342 -17.40 6.77 13.98
N LEU A 343 -16.72 7.12 15.06
CA LEU A 343 -17.37 7.27 16.36
C LEU A 343 -17.26 8.72 16.83
N GLY A 344 -17.51 8.94 18.11
CA GLY A 344 -17.68 10.28 18.62
C GLY A 344 -16.38 11.04 18.71
N ILE A 345 -15.25 10.34 18.78
CA ILE A 345 -13.99 11.11 18.88
C ILE A 345 -13.73 11.81 17.54
N SER A 346 -13.90 11.08 16.44
CA SER A 346 -13.76 11.66 15.10
C SER A 346 -14.83 12.72 14.83
N LEU A 347 -16.05 12.49 15.29
CA LEU A 347 -17.08 13.51 15.09
C LEU A 347 -16.68 14.83 15.79
N ALA A 348 -16.17 14.73 17.01
CA ALA A 348 -15.79 15.93 17.76
C ALA A 348 -14.66 16.60 16.99
N ALA A 349 -13.66 15.83 16.57
CA ALA A 349 -12.52 16.41 15.83
C ALA A 349 -12.97 17.11 14.54
N MET A 350 -13.85 16.46 13.77
CA MET A 350 -14.31 17.01 12.50
C MET A 350 -15.06 18.31 12.75
N THR A 351 -15.85 18.29 13.82
CA THR A 351 -16.68 19.47 14.17
C THR A 351 -15.82 20.68 14.56
N HIS A 352 -14.82 20.46 15.42
CA HIS A 352 -13.89 21.54 15.77
C HIS A 352 -13.22 22.08 14.54
N LEU A 353 -12.77 21.19 13.67
CA LEU A 353 -12.09 21.62 12.46
C LEU A 353 -12.99 22.49 11.56
N ALA A 354 -14.19 22.00 11.29
CA ALA A 354 -15.16 22.69 10.44
C ALA A 354 -15.57 24.02 11.05
N ALA A 355 -15.78 24.04 12.37
CA ALA A 355 -16.23 25.26 13.07
C ALA A 355 -15.20 26.39 12.92
N ALA A 356 -13.92 26.02 12.91
CA ALA A 356 -12.81 26.99 12.89
C ALA A 356 -12.21 27.21 11.49
N THR A 357 -12.90 26.76 10.45
CA THR A 357 -12.28 26.85 9.13
C THR A 357 -13.23 27.60 8.22
N PRO A 358 -12.99 28.90 8.01
CA PRO A 358 -13.92 29.74 7.24
C PRO A 358 -14.14 29.17 5.84
N ALA A 359 -13.12 28.53 5.27
CA ALA A 359 -13.20 27.95 3.91
C ALA A 359 -14.12 26.72 3.78
N ILE A 360 -14.45 26.06 4.89
CA ILE A 360 -15.37 24.93 4.84
C ILE A 360 -16.82 25.39 4.84
N THR A 361 -17.31 25.72 3.65
CA THR A 361 -18.63 26.32 3.45
C THR A 361 -19.82 25.34 3.29
N HIS A 362 -19.55 24.13 2.80
CA HIS A 362 -20.62 23.15 2.51
C HIS A 362 -20.89 22.26 3.69
N ALA A 363 -22.12 21.74 3.81
CA ALA A 363 -22.43 20.79 4.88
C ALA A 363 -21.41 19.65 4.83
N CYS A 364 -20.96 19.19 6.00
CA CYS A 364 -20.05 18.05 6.11
C CYS A 364 -20.77 16.72 6.07
N ASP A 365 -20.08 15.65 5.66
CA ASP A 365 -20.69 14.31 5.75
C ASP A 365 -20.41 13.63 7.10
N THR A 366 -21.32 12.74 7.50
CA THR A 366 -21.11 11.88 8.64
C THR A 366 -21.94 10.61 8.48
N HIS A 367 -21.41 9.49 8.97
CA HIS A 367 -22.15 8.23 8.98
C HIS A 367 -22.87 8.05 10.29
N THR A 368 -22.79 9.05 11.18
CA THR A 368 -23.29 8.88 12.56
C THR A 368 -24.65 8.15 12.71
N PRO A 369 -25.66 8.54 11.91
CA PRO A 369 -26.96 7.89 12.08
C PRO A 369 -26.88 6.39 11.87
N TRP A 370 -25.99 5.93 11.00
CA TRP A 370 -25.89 4.50 10.75
C TRP A 370 -25.34 3.70 11.90
N GLN A 371 -24.68 4.35 12.85
CA GLN A 371 -24.12 3.67 14.02
C GLN A 371 -25.17 3.43 15.13
N ASP A 372 -26.36 4.01 14.96
CA ASP A 372 -27.48 3.68 15.83
C ASP A 372 -27.16 3.86 17.31
N GLY A 373 -26.52 4.97 17.65
CA GLY A 373 -26.20 5.26 19.05
C GLY A 373 -24.95 4.61 19.63
N GLN A 374 -24.29 3.72 18.89
CA GLN A 374 -23.07 3.08 19.42
C GLN A 374 -21.96 4.12 19.60
N ASP A 375 -21.31 4.18 20.76
CA ASP A 375 -20.20 5.15 20.93
C ASP A 375 -19.28 4.80 22.08
N VAL A 376 -18.09 5.39 22.10
CA VAL A 376 -17.15 5.09 23.18
C VAL A 376 -16.92 6.32 24.06
N VAL A 377 -17.64 7.40 23.77
CA VAL A 377 -17.54 8.60 24.59
C VAL A 377 -18.80 8.78 25.42
N ALA A 378 -18.67 9.43 26.57
CA ALA A 378 -19.83 9.68 27.41
C ALA A 378 -20.90 10.48 26.65
N PRO A 379 -22.18 10.18 26.91
CA PRO A 379 -23.26 10.87 26.23
C PRO A 379 -23.40 12.33 26.68
N GLY A 380 -24.06 13.15 25.85
CA GLY A 380 -24.36 14.53 26.21
C GLY A 380 -23.52 15.59 25.51
N ALA A 381 -22.32 15.22 25.11
CA ALA A 381 -21.36 16.19 24.56
C ALA A 381 -21.65 16.55 23.09
N LEU A 382 -22.05 15.56 22.28
CA LEU A 382 -22.30 15.75 20.87
C LEU A 382 -23.79 15.53 20.64
N ARG A 383 -24.47 16.49 20.03
CA ARG A 383 -25.90 16.40 19.76
C ARG A 383 -26.11 16.99 18.39
N PHE A 384 -27.13 16.53 17.68
CA PHE A 384 -27.50 17.17 16.45
C PHE A 384 -28.74 17.99 16.72
N VAL A 385 -28.67 19.27 16.40
CA VAL A 385 -29.82 20.15 16.57
C VAL A 385 -30.07 20.78 15.23
N ASP A 386 -31.22 20.51 14.61
CA ASP A 386 -31.50 21.10 13.30
C ASP A 386 -30.41 20.77 12.28
N GLY A 387 -29.89 19.55 12.35
CA GLY A 387 -29.02 19.05 11.28
C GLY A 387 -27.57 19.43 11.56
N ALA A 388 -27.33 20.15 12.67
CA ALA A 388 -25.99 20.68 12.97
C ALA A 388 -25.50 20.28 14.35
N VAL A 389 -24.18 20.19 14.49
CA VAL A 389 -23.57 19.79 15.77
C VAL A 389 -22.97 21.06 16.39
N PRO A 390 -23.50 21.47 17.54
CA PRO A 390 -22.93 22.61 18.28
C PRO A 390 -21.51 22.26 18.72
N VAL A 391 -20.59 23.20 18.58
CA VAL A 391 -19.23 22.96 18.96
C VAL A 391 -19.19 22.70 20.45
N PRO A 392 -18.60 21.59 20.85
CA PRO A 392 -18.61 21.19 22.25
C PRO A 392 -18.04 22.28 23.18
N ASP A 393 -18.56 22.30 24.40
CA ASP A 393 -18.17 23.30 25.39
C ASP A 393 -16.78 23.01 25.93
N GLY A 394 -16.62 21.82 26.50
CA GLY A 394 -15.46 21.52 27.33
C GLY A 394 -14.17 22.01 26.72
N PRO A 395 -13.12 22.13 27.54
CA PRO A 395 -11.80 22.32 26.97
C PRO A 395 -11.47 21.07 26.15
N GLY A 396 -10.52 21.19 25.23
CA GLY A 396 -10.10 20.06 24.43
C GLY A 396 -11.12 19.71 23.39
N LEU A 397 -11.27 18.41 23.11
CA LEU A 397 -12.25 18.00 22.11
C LEU A 397 -13.67 18.11 22.67
N GLY A 398 -13.78 18.06 23.98
CA GLY A 398 -15.07 18.22 24.61
C GLY A 398 -15.73 16.88 24.85
N VAL A 399 -14.99 15.81 24.65
CA VAL A 399 -15.52 14.45 24.91
C VAL A 399 -14.68 13.68 25.92
N GLU A 400 -15.34 12.74 26.61
CA GLU A 400 -14.68 11.91 27.60
C GLU A 400 -14.86 10.42 27.28
N LEU A 401 -13.80 9.66 27.43
CA LEU A 401 -13.84 8.24 27.18
C LEU A 401 -14.82 7.59 28.15
N ASP A 402 -15.72 6.77 27.64
CA ASP A 402 -16.53 5.87 28.48
C ASP A 402 -15.83 4.52 28.54
N ARG A 403 -15.09 4.27 29.63
CA ARG A 403 -14.20 3.13 29.66
C ARG A 403 -14.89 1.75 29.64
N ASP A 404 -16.10 1.68 30.18
CA ASP A 404 -16.90 0.45 30.07
C ASP A 404 -17.27 0.15 28.62
N ALA A 405 -17.74 1.17 27.91
CA ALA A 405 -18.12 1.01 26.50
C ALA A 405 -16.91 0.66 25.63
N LEU A 406 -15.78 1.29 25.90
CA LEU A 406 -14.56 0.94 25.19
C LEU A 406 -14.24 -0.55 25.36
N ALA A 407 -14.33 -1.06 26.60
CA ALA A 407 -14.07 -2.47 26.86
C ALA A 407 -15.00 -3.41 26.09
N VAL A 408 -16.29 -3.08 26.06
CA VAL A 408 -17.29 -3.88 25.32
C VAL A 408 -16.95 -3.91 23.82
N MET A 409 -16.62 -2.75 23.24
CA MET A 409 -16.28 -2.70 21.81
C MET A 409 -14.93 -3.35 21.49
N HIS A 410 -14.00 -3.33 22.45
CA HIS A 410 -12.74 -4.03 22.25
C HIS A 410 -12.95 -5.53 22.27
N GLU A 411 -13.80 -5.99 23.18
CA GLU A 411 -14.16 -7.42 23.18
C GLU A 411 -14.92 -7.82 21.87
N GLN A 412 -15.78 -6.94 21.37
CA GLN A 412 -16.40 -7.19 20.04
C GLN A 412 -15.36 -7.35 18.94
N TYR A 413 -14.33 -6.53 19.00
CA TYR A 413 -13.27 -6.62 18.02
C TYR A 413 -12.57 -7.96 18.15
N GLU A 414 -12.24 -8.36 19.37
CA GLU A 414 -11.53 -9.62 19.58
C GLU A 414 -12.28 -10.80 19.02
N ARG A 415 -13.60 -10.76 19.13
CA ARG A 415 -14.44 -11.90 18.77
C ARG A 415 -14.98 -11.96 17.34
N CYS A 416 -15.00 -10.82 16.65
N CYS A 416 -14.96 -10.83 16.60
CA CYS A 416 -15.53 -10.84 15.30
CA CYS A 416 -15.81 -10.70 15.39
C CYS A 416 -14.45 -11.43 14.41
C CYS A 416 -15.30 -11.30 14.07
N GLY A 417 -14.86 -11.89 13.24
N GLY A 417 -14.01 -11.63 14.01
CA GLY A 417 -13.96 -12.49 12.28
CA GLY A 417 -13.44 -12.32 12.83
C GLY A 417 -13.47 -11.45 11.30
C GLY A 417 -12.97 -11.43 11.69
N ILE A 418 -13.44 -10.18 11.69
CA ILE A 418 -13.07 -9.15 10.71
C ILE A 418 -11.81 -8.42 11.18
N ARG A 419 -10.83 -8.29 10.29
CA ARG A 419 -9.58 -7.61 10.64
C ARG A 419 -9.20 -6.49 9.66
N THR A 420 -9.72 -6.54 8.44
CA THR A 420 -9.50 -5.47 7.47
C THR A 420 -10.81 -5.30 6.71
N ARG A 421 -11.20 -4.06 6.47
CA ARG A 421 -12.42 -3.82 5.70
C ARG A 421 -12.27 -4.39 4.28
N ASP A 422 -13.29 -5.10 3.79
CA ASP A 422 -13.27 -5.62 2.39
C ASP A 422 -14.71 -5.77 1.88
N ASP A 423 -15.28 -4.67 1.40
CA ASP A 423 -16.67 -4.68 0.93
C ASP A 423 -16.82 -5.60 -0.30
N GLU A 424 -15.79 -5.65 -1.14
CA GLU A 424 -15.88 -6.47 -2.36
C GLU A 424 -15.82 -7.94 -1.99
N GLY A 425 -14.90 -8.31 -1.11
CA GLY A 425 -14.79 -9.70 -0.64
C GLY A 425 -16.10 -10.13 0.03
N TYR A 426 -16.71 -9.25 0.81
CA TYR A 426 -17.97 -9.63 1.46
C TYR A 426 -19.06 -9.83 0.42
N MET A 427 -19.21 -8.88 -0.52
CA MET A 427 -20.18 -9.07 -1.62
C MET A 427 -19.92 -10.36 -2.40
N ARG A 428 -18.66 -10.68 -2.65
CA ARG A 428 -18.34 -11.91 -3.40
C ARG A 428 -18.69 -13.19 -2.68
N SER A 429 -18.79 -13.12 -1.36
CA SER A 429 -19.17 -14.30 -0.59
C SER A 429 -20.63 -14.62 -0.93
N PHE A 430 -21.37 -13.65 -1.46
CA PHE A 430 -22.76 -13.91 -1.90
C PHE A 430 -22.91 -14.04 -3.41
N ASP A 431 -22.16 -13.26 -4.18
CA ASP A 431 -22.17 -13.33 -5.63
C ASP A 431 -20.73 -13.27 -6.15
N PRO A 432 -20.12 -14.43 -6.40
CA PRO A 432 -18.68 -14.48 -6.72
C PRO A 432 -18.33 -13.74 -8.01
N SER A 433 -19.33 -13.56 -8.88
CA SER A 433 -19.09 -12.82 -10.13
C SER A 433 -19.04 -11.28 -9.94
N PHE A 434 -19.38 -10.78 -8.75
CA PHE A 434 -19.32 -9.32 -8.53
C PHE A 434 -17.85 -8.84 -8.52
N SER A 435 -17.57 -7.68 -9.10
CA SER A 435 -16.29 -6.97 -8.87
C SER A 435 -16.66 -5.52 -8.61
N THR A 436 -15.83 -4.82 -7.85
CA THR A 436 -16.00 -3.39 -7.62
C THR A 436 -16.25 -2.63 -8.92
N ARG A 437 -17.29 -1.79 -8.95
CA ARG A 437 -17.61 -1.06 -10.17
C ARG A 437 -16.73 0.17 -10.24
N ARG A 438 -15.95 0.25 -11.30
CA ARG A 438 -15.12 1.42 -11.51
CA ARG A 438 -15.07 1.39 -11.50
C ARG A 438 -15.06 1.68 -13.00
N GLY A 439 -15.60 2.82 -13.42
CA GLY A 439 -15.71 3.10 -14.86
C GLY A 439 -16.62 2.06 -15.52
N PHE A 440 -17.65 1.66 -14.80
CA PHE A 440 -18.43 0.51 -15.17
C PHE A 440 -19.70 0.92 -15.92
N TRP A 441 -20.48 1.85 -15.37
CA TRP A 441 -21.77 2.20 -15.97
C TRP A 441 -21.60 3.27 -16.99
N SER B 22 21.07 -15.66 6.11
CA SER B 22 21.25 -17.12 5.92
C SER B 22 19.91 -17.85 6.12
N MET B 23 19.31 -17.70 7.29
CA MET B 23 18.09 -18.46 7.61
C MET B 23 18.34 -19.97 7.56
N LEU B 24 19.51 -20.38 8.01
CA LEU B 24 19.83 -21.83 8.10
C LEU B 24 19.19 -22.43 9.34
N ILE B 25 18.77 -23.68 9.21
CA ILE B 25 18.22 -24.39 10.37
C ILE B 25 19.35 -24.70 11.36
N ARG B 26 19.17 -24.30 12.62
CA ARG B 26 20.12 -24.59 13.68
C ARG B 26 19.76 -25.88 14.42
N GLU B 27 18.49 -26.06 14.76
CA GLU B 27 18.09 -27.27 15.45
C GLU B 27 16.62 -27.51 15.21
N VAL B 28 16.19 -28.73 15.43
CA VAL B 28 14.78 -29.11 15.24
C VAL B 28 14.34 -29.86 16.50
N ARG B 29 13.45 -29.28 17.30
CA ARG B 29 12.97 -29.95 18.51
C ARG B 29 11.71 -30.76 18.18
N VAL B 30 11.71 -32.02 18.57
CA VAL B 30 10.60 -32.94 18.28
C VAL B 30 10.03 -33.43 19.59
N THR B 31 8.74 -33.20 19.83
CA THR B 31 8.11 -33.51 21.11
C THR B 31 6.81 -34.29 20.89
N PRO B 32 6.80 -35.56 21.30
CA PRO B 32 5.54 -36.32 21.30
C PRO B 32 4.65 -35.82 22.41
N VAL B 33 3.34 -35.78 22.14
CA VAL B 33 2.38 -35.29 23.11
C VAL B 33 1.17 -36.23 23.05
N ALA B 34 0.42 -36.27 24.14
CA ALA B 34 -0.84 -37.05 24.19
C ALA B 34 -1.91 -36.20 24.86
N PHE B 35 -3.15 -36.35 24.41
CA PHE B 35 -4.24 -35.58 25.02
C PHE B 35 -5.48 -36.48 25.07
N ARG B 36 -6.42 -36.13 25.89
CA ARG B 36 -7.61 -36.94 26.07
C ARG B 36 -8.48 -36.99 24.84
N ASP B 37 -8.95 -38.17 24.48
CA ASP B 37 -9.88 -38.32 23.36
C ASP B 37 -11.10 -39.11 23.88
N PRO B 38 -12.31 -38.71 23.47
CA PRO B 38 -13.49 -39.52 23.80
C PRO B 38 -13.63 -40.83 23.00
N PRO B 39 -14.47 -41.75 23.49
CA PRO B 39 -14.66 -43.05 22.87
C PRO B 39 -15.53 -42.97 21.62
N LEU B 40 -14.99 -42.34 20.58
CA LEU B 40 -15.67 -42.20 19.32
C LEU B 40 -15.57 -43.49 18.51
N LEU B 41 -16.71 -43.89 17.95
CA LEU B 41 -16.77 -45.17 17.23
C LEU B 41 -16.60 -44.94 15.74
N ASN B 42 -16.00 -45.93 15.06
CA ASN B 42 -15.86 -45.90 13.62
C ASN B 42 -15.74 -47.31 13.05
N ALA B 43 -15.50 -47.45 11.74
CA ALA B 43 -15.45 -48.77 11.13
C ALA B 43 -14.28 -49.57 11.64
N ALA B 44 -13.24 -48.90 12.11
CA ALA B 44 -12.05 -49.60 12.56
C ALA B 44 -12.08 -49.90 14.06
N GLY B 45 -13.15 -49.50 14.75
CA GLY B 45 -13.25 -49.77 16.18
C GLY B 45 -13.69 -48.61 17.04
N VAL B 46 -12.86 -48.29 18.03
CA VAL B 46 -13.17 -47.20 18.92
C VAL B 46 -11.90 -46.44 19.28
N HIS B 47 -11.98 -45.12 19.39
CA HIS B 47 -10.78 -44.33 19.76
C HIS B 47 -10.34 -44.64 21.15
N GLN B 48 -9.05 -44.79 21.33
CA GLN B 48 -8.46 -44.95 22.65
C GLN B 48 -8.58 -43.68 23.44
N PRO B 49 -8.44 -43.78 24.77
CA PRO B 49 -8.59 -42.67 25.69
C PRO B 49 -7.51 -41.59 25.52
N TRP B 50 -6.41 -41.94 24.86
CA TRP B 50 -5.36 -40.94 24.56
C TRP B 50 -5.09 -40.85 23.08
N ALA B 51 -5.01 -39.63 22.54
CA ALA B 51 -4.65 -39.40 21.14
C ALA B 51 -3.23 -38.85 21.14
N LEU B 52 -2.43 -39.28 20.18
CA LEU B 52 -1.02 -38.89 20.18
C LEU B 52 -0.71 -37.99 18.97
N ARG B 53 0.22 -37.06 19.13
CA ARG B 53 0.66 -36.21 18.03
C ARG B 53 2.14 -35.96 18.26
N THR B 54 2.82 -35.44 17.26
CA THR B 54 4.20 -35.00 17.42
C THR B 54 4.28 -33.54 17.07
N ILE B 55 4.85 -32.72 17.97
CA ILE B 55 5.03 -31.32 17.70
C ILE B 55 6.47 -31.12 17.24
N VAL B 56 6.65 -30.37 16.19
CA VAL B 56 7.97 -30.08 15.68
C VAL B 56 8.22 -28.59 15.79
N GLU B 57 9.40 -28.21 16.28
CA GLU B 57 9.75 -26.80 16.26
C GLU B 57 11.11 -26.66 15.59
N VAL B 58 11.15 -25.88 14.50
CA VAL B 58 12.37 -25.67 13.73
C VAL B 58 12.89 -24.34 14.23
N VAL B 59 14.19 -24.28 14.54
CA VAL B 59 14.76 -23.03 15.04
C VAL B 59 15.91 -22.63 14.11
N THR B 60 15.88 -21.39 13.62
CA THR B 60 16.96 -20.93 12.72
C THR B 60 18.16 -20.41 13.53
N ASP B 61 19.29 -20.23 12.87
CA ASP B 61 20.47 -19.60 13.50
C ASP B 61 20.16 -18.23 14.14
N GLU B 62 19.32 -17.44 13.48
CA GLU B 62 18.90 -16.14 14.00
C GLU B 62 17.90 -16.22 15.14
N GLY B 63 17.38 -17.41 15.41
CA GLY B 63 16.46 -17.61 16.54
C GLY B 63 14.99 -17.57 16.14
N ILE B 64 14.68 -17.43 14.86
CA ILE B 64 13.26 -17.48 14.45
C ILE B 64 12.77 -18.92 14.53
N THR B 65 11.59 -19.16 15.12
CA THR B 65 11.08 -20.53 15.19
C THR B 65 9.80 -20.73 14.40
N GLY B 66 9.60 -21.96 13.92
CA GLY B 66 8.35 -22.33 13.20
C GLY B 66 7.80 -23.62 13.78
N LEU B 67 6.48 -23.76 13.75
CA LEU B 67 5.85 -24.92 14.34
C LEU B 67 5.21 -25.79 13.27
N GLY B 68 5.28 -27.10 13.48
CA GLY B 68 4.61 -28.10 12.63
C GLY B 68 4.06 -29.18 13.54
N GLU B 69 3.13 -29.97 13.04
CA GLU B 69 2.46 -30.99 13.87
C GLU B 69 2.18 -32.19 12.98
N THR B 70 2.44 -33.40 13.47
CA THR B 70 2.21 -34.61 12.67
C THR B 70 1.70 -35.73 13.56
N TYR B 71 1.58 -36.95 13.04
CA TYR B 71 1.07 -38.09 13.81
C TYR B 71 1.99 -38.47 14.95
N GLY B 72 1.40 -39.11 15.94
CA GLY B 72 2.12 -39.49 17.14
C GLY B 72 2.60 -40.93 17.17
N ASP B 73 2.21 -41.76 16.19
CA ASP B 73 2.55 -43.21 16.26
C ASP B 73 4.06 -43.44 16.32
N LEU B 74 4.49 -44.49 17.00
CA LEU B 74 5.89 -44.69 17.32
C LEU B 74 6.76 -44.81 16.08
N ALA B 75 6.31 -45.60 15.12
CA ALA B 75 7.10 -45.84 13.92
C ALA B 75 7.33 -44.53 13.18
N HIS B 76 6.30 -43.69 13.14
CA HIS B 76 6.37 -42.38 12.49
C HIS B 76 7.24 -41.44 13.28
N LEU B 77 7.06 -41.42 14.61
CA LEU B 77 7.85 -40.54 15.44
C LEU B 77 9.34 -40.86 15.31
N GLU B 78 9.67 -42.13 15.18
CA GLU B 78 11.07 -42.49 15.05
CA GLU B 78 11.09 -42.46 15.07
C GLU B 78 11.65 -41.90 13.75
N GLN B 79 10.87 -41.94 12.68
CA GLN B 79 11.35 -41.35 11.42
C GLN B 79 11.42 -39.84 11.42
N VAL B 80 10.48 -39.19 12.12
CA VAL B 80 10.52 -37.76 12.26
C VAL B 80 11.77 -37.36 13.05
N ARG B 81 12.09 -38.13 14.09
CA ARG B 81 13.30 -37.84 14.86
CA ARG B 81 13.30 -37.91 14.89
C ARG B 81 14.56 -38.04 14.03
N ALA B 82 14.60 -39.10 13.23
CA ALA B 82 15.77 -39.37 12.40
C ALA B 82 15.92 -38.27 11.36
N ALA B 83 14.82 -37.85 10.75
CA ALA B 83 14.91 -36.78 9.74
C ALA B 83 15.32 -35.45 10.35
N ALA B 84 14.78 -35.14 11.52
CA ALA B 84 15.09 -33.91 12.23
C ALA B 84 16.59 -33.77 12.46
N ALA B 85 17.25 -34.89 12.72
CA ALA B 85 18.67 -34.87 13.04
C ALA B 85 19.56 -34.61 11.85
N ARG B 86 19.04 -34.75 10.62
CA ARG B 86 19.82 -34.46 9.39
C ARG B 86 19.49 -33.10 8.75
N LEU B 87 18.57 -32.35 9.35
CA LEU B 87 18.15 -31.07 8.74
C LEU B 87 19.02 -29.85 9.04
N PRO B 88 19.70 -29.83 10.18
CA PRO B 88 20.43 -28.60 10.48
C PRO B 88 21.46 -28.28 9.41
N GLY B 89 21.63 -27.01 9.08
CA GLY B 89 22.52 -26.63 8.00
C GLY B 89 21.81 -26.40 6.68
N LEU B 90 20.58 -26.89 6.54
CA LEU B 90 19.75 -26.54 5.37
C LEU B 90 18.97 -25.25 5.60
N ASP B 91 18.70 -24.50 4.54
CA ASP B 91 18.03 -23.19 4.62
C ASP B 91 16.50 -23.44 4.71
N VAL B 92 15.72 -22.60 5.42
CA VAL B 92 14.27 -22.86 5.54
C VAL B 92 13.49 -22.59 4.23
N TYR B 93 14.17 -21.99 3.25
CA TYR B 93 13.59 -21.81 1.92
C TYR B 93 13.87 -22.98 0.97
N ALA B 94 14.75 -23.88 1.39
CA ALA B 94 15.19 -24.97 0.52
C ALA B 94 14.26 -26.18 0.69
N LEU B 95 12.97 -25.99 0.38
CA LEU B 95 11.98 -27.06 0.54
C LEU B 95 12.25 -28.30 -0.29
N HIS B 96 12.64 -28.15 -1.56
CA HIS B 96 12.97 -29.33 -2.34
C HIS B 96 14.14 -30.05 -1.75
N ARG B 97 15.15 -29.32 -1.30
CA ARG B 97 16.31 -29.99 -0.69
C ARG B 97 15.96 -30.70 0.60
N ILE B 98 15.11 -30.10 1.42
CA ILE B 98 14.64 -30.77 2.62
C ILE B 98 13.86 -32.05 2.29
N TYR B 99 13.01 -31.95 1.28
CA TYR B 99 12.22 -33.10 0.83
C TYR B 99 13.14 -34.26 0.38
N ARG B 100 14.16 -33.94 -0.41
CA ARG B 100 15.09 -34.98 -0.84
CA ARG B 100 15.12 -34.95 -0.85
C ARG B 100 15.86 -35.61 0.32
N ARG B 101 16.22 -34.79 1.32
CA ARG B 101 16.91 -35.27 2.53
C ARG B 101 15.99 -36.18 3.34
N VAL B 102 14.74 -35.78 3.54
CA VAL B 102 13.78 -36.67 4.19
C VAL B 102 13.59 -37.97 3.38
N ALA B 103 13.55 -37.85 2.07
CA ALA B 103 13.34 -39.06 1.25
C ALA B 103 14.51 -40.02 1.48
N ASP B 104 15.73 -39.49 1.61
CA ASP B 104 16.90 -40.33 1.87
C ASP B 104 16.87 -40.96 3.27
N VAL B 105 16.32 -40.26 4.24
CA VAL B 105 16.29 -40.80 5.56
C VAL B 105 15.30 -41.94 5.59
N VAL B 106 14.15 -41.75 4.99
CA VAL B 106 13.08 -42.71 5.03
C VAL B 106 13.46 -43.92 4.18
N GLY B 107 14.22 -43.69 3.11
CA GLY B 107 14.79 -44.78 2.33
C GLY B 107 13.73 -45.77 1.90
N ALA B 108 13.88 -47.02 2.34
CA ALA B 108 12.98 -48.11 1.94
C ALA B 108 11.88 -48.41 2.96
N ASN B 109 12.01 -47.84 4.17
CA ASN B 109 11.00 -48.02 5.23
C ASN B 109 9.64 -47.44 4.86
N ILE B 110 8.64 -48.31 4.76
CA ILE B 110 7.26 -47.88 4.56
C ILE B 110 6.53 -48.06 5.89
N VAL B 111 6.16 -46.95 6.53
CA VAL B 111 5.46 -46.99 7.82
C VAL B 111 3.96 -47.18 7.60
N THR B 112 3.40 -48.22 8.22
CA THR B 112 1.97 -48.51 8.11
C THR B 112 1.33 -48.42 9.48
N ASP B 113 0.18 -47.76 9.56
CA ASP B 113 -0.54 -47.63 10.82
C ASP B 113 -1.46 -48.84 11.07
N MET B 114 -2.27 -48.76 12.12
CA MET B 114 -3.08 -49.92 12.52
C MET B 114 -4.58 -49.79 12.21
N HIS B 115 -4.97 -48.68 11.58
CA HIS B 115 -6.38 -48.40 11.29
C HIS B 115 -6.74 -48.50 9.82
N GLY B 116 -5.91 -47.91 8.98
CA GLY B 116 -6.14 -47.91 7.53
C GLY B 116 -7.20 -46.92 7.07
N LEU B 117 -7.59 -46.01 7.96
CA LEU B 117 -8.67 -45.06 7.70
C LEU B 117 -8.26 -43.92 6.76
N THR B 118 -6.98 -43.88 6.40
CA THR B 118 -6.50 -42.93 5.38
C THR B 118 -5.81 -43.69 4.23
N GLY B 119 -6.33 -44.87 3.91
CA GLY B 119 -5.83 -45.67 2.77
C GLY B 119 -4.56 -46.46 3.07
N SER B 120 -4.06 -47.18 2.06
CA SER B 120 -2.89 -48.04 2.26
C SER B 120 -1.59 -47.24 2.23
N SER B 121 -0.50 -47.89 2.60
CA SER B 121 0.79 -47.21 2.67
CA SER B 121 0.82 -47.25 2.69
C SER B 121 1.67 -47.49 1.45
N SER B 122 2.74 -46.71 1.32
CA SER B 122 3.74 -46.84 0.25
C SER B 122 5.00 -46.07 0.65
N ARG B 123 5.94 -45.92 -0.28
CA ARG B 123 7.18 -45.19 0.04
C ARG B 123 7.01 -43.68 -0.06
N VAL B 124 6.44 -43.23 -1.18
CA VAL B 124 6.17 -41.81 -1.37
C VAL B 124 5.25 -41.36 -0.26
N LYS B 125 4.31 -42.23 0.12
CA LYS B 125 3.37 -41.88 1.19
C LYS B 125 4.12 -41.63 2.49
N THR B 126 5.07 -42.50 2.79
CA THR B 126 5.83 -42.32 4.00
C THR B 126 6.69 -41.05 3.95
N VAL B 127 7.37 -40.81 2.85
CA VAL B 127 8.15 -39.58 2.72
C VAL B 127 7.27 -38.34 2.92
N ASP B 128 6.10 -38.35 2.28
CA ASP B 128 5.18 -37.20 2.36
C ASP B 128 4.76 -36.93 3.79
N ARG B 129 4.43 -37.98 4.55
CA ARG B 129 3.94 -37.83 5.93
C ARG B 129 5.04 -37.30 6.82
N VAL B 130 6.27 -37.76 6.60
CA VAL B 130 7.40 -37.24 7.40
C VAL B 130 7.80 -35.79 7.04
N PHE B 131 7.83 -35.47 5.76
CA PHE B 131 8.18 -34.14 5.29
C PHE B 131 7.16 -33.10 5.78
N ALA B 132 5.87 -33.44 5.79
CA ALA B 132 4.85 -32.40 6.02
C ALA B 132 5.07 -31.51 7.26
N ALA B 133 5.37 -32.11 8.40
CA ALA B 133 5.54 -31.29 9.60
C ALA B 133 6.67 -30.27 9.42
N PHE B 134 7.75 -30.66 8.75
CA PHE B 134 8.88 -29.74 8.57
C PHE B 134 8.53 -28.63 7.61
N GLU B 135 7.77 -28.98 6.58
CA GLU B 135 7.36 -28.06 5.55
C GLU B 135 6.49 -27.01 6.20
N VAL B 136 5.53 -27.43 7.02
CA VAL B 136 4.71 -26.43 7.71
C VAL B 136 5.53 -25.47 8.57
N ALA B 137 6.45 -26.01 9.35
CA ALA B 137 7.28 -25.18 10.23
C ALA B 137 8.15 -24.26 9.41
N CYS B 138 8.67 -24.73 8.28
CA CYS B 138 9.51 -23.84 7.46
C CYS B 138 8.69 -22.69 6.86
N LEU B 139 7.47 -22.97 6.42
CA LEU B 139 6.57 -21.94 5.91
C LEU B 139 6.21 -20.89 6.98
N ASP B 140 6.00 -21.35 8.21
CA ASP B 140 5.72 -20.49 9.37
C ASP B 140 6.91 -19.52 9.49
N ILE B 141 8.13 -20.04 9.35
CA ILE B 141 9.33 -19.19 9.44
C ILE B 141 9.42 -18.22 8.28
N GLN B 142 9.10 -18.69 7.07
CA GLN B 142 9.16 -17.81 5.95
C GLN B 142 8.12 -16.71 6.12
N GLY B 143 6.93 -17.04 6.59
CA GLY B 143 5.91 -16.00 6.80
C GLY B 143 6.39 -14.99 7.82
N LYS B 144 6.99 -15.45 8.91
CA LYS B 144 7.45 -14.50 9.93
C LYS B 144 8.54 -13.60 9.37
N ALA B 145 9.39 -14.18 8.52
CA ALA B 145 10.49 -13.40 7.94
C ALA B 145 10.01 -12.30 7.00
N ALA B 146 8.84 -12.51 6.39
CA ALA B 146 8.23 -11.56 5.47
C ALA B 146 7.18 -10.67 6.18
N GLY B 147 6.87 -10.95 7.44
CA GLY B 147 5.80 -10.19 8.15
C GLY B 147 4.43 -10.52 7.53
N ARG B 148 4.27 -11.76 7.06
CA ARG B 148 3.04 -12.15 6.32
C ARG B 148 2.48 -13.46 6.82
N PRO B 149 1.15 -13.62 6.79
CA PRO B 149 0.53 -14.92 7.08
C PRO B 149 0.92 -15.96 6.02
N VAL B 150 1.00 -17.23 6.40
CA VAL B 150 1.32 -18.30 5.44
C VAL B 150 0.40 -18.25 4.20
N ALA B 151 -0.88 -17.91 4.37
CA ALA B 151 -1.76 -17.75 3.20
C ALA B 151 -1.17 -16.85 2.08
N ASP B 152 -0.46 -15.79 2.46
CA ASP B 152 0.16 -14.90 1.44
C ASP B 152 1.31 -15.56 0.69
N LEU B 153 1.91 -16.58 1.29
CA LEU B 153 2.96 -17.31 0.59
C LEU B 153 2.34 -18.27 -0.41
N LEU B 154 1.02 -18.47 -0.29
CA LEU B 154 0.33 -19.40 -1.17
C LEU B 154 -0.56 -18.68 -2.19
N GLY B 155 -0.34 -17.38 -2.38
CA GLY B 155 -1.06 -16.60 -3.40
C GLY B 155 -2.06 -15.62 -2.81
N GLY B 156 -2.16 -15.60 -1.48
CA GLY B 156 -3.08 -14.68 -0.81
C GLY B 156 -4.42 -15.34 -0.59
N LYS B 157 -5.14 -14.91 0.44
CA LYS B 157 -6.42 -15.57 0.75
C LYS B 157 -7.49 -15.21 -0.27
N VAL B 158 -8.33 -16.19 -0.59
CA VAL B 158 -9.42 -15.97 -1.54
C VAL B 158 -10.73 -15.95 -0.74
N ARG B 159 -10.66 -16.31 0.53
CA ARG B 159 -11.81 -16.17 1.44
C ARG B 159 -11.29 -15.79 2.81
N ASP B 160 -12.02 -14.95 3.53
CA ASP B 160 -11.51 -14.42 4.79
C ASP B 160 -11.59 -15.41 5.94
N ALA B 161 -12.50 -16.37 5.85
CA ALA B 161 -12.62 -17.37 6.91
C ALA B 161 -12.97 -18.72 6.26
N VAL B 162 -12.58 -19.80 6.92
CA VAL B 162 -12.77 -21.10 6.33
C VAL B 162 -13.87 -21.86 7.09
N PRO B 163 -14.92 -22.28 6.37
CA PRO B 163 -16.01 -22.99 7.04
C PRO B 163 -15.65 -24.46 7.34
N TYR B 164 -16.04 -24.90 8.54
CA TYR B 164 -15.84 -26.28 8.95
C TYR B 164 -17.18 -26.96 9.23
N SER B 165 -17.23 -28.29 9.12
CA SER B 165 -18.45 -29.03 9.41
CA SER B 165 -18.45 -29.04 9.40
C SER B 165 -18.45 -29.53 10.84
N ALA B 166 -19.64 -29.83 11.34
CA ALA B 166 -19.80 -30.50 12.64
C ALA B 166 -19.52 -31.97 12.37
N TYR B 167 -18.47 -32.50 12.98
CA TYR B 167 -18.09 -33.89 12.75
C TYR B 167 -18.73 -34.79 13.83
N LEU B 168 -19.83 -35.47 13.46
CA LEU B 168 -20.64 -36.24 14.41
C LEU B 168 -20.18 -37.70 14.46
N PHE B 169 -20.20 -38.30 15.66
CA PHE B 169 -19.82 -39.71 15.83
C PHE B 169 -20.80 -40.43 16.75
N TYR B 170 -21.07 -41.68 16.45
CA TYR B 170 -21.62 -42.56 17.49
C TYR B 170 -20.53 -42.71 18.54
N LYS B 171 -20.92 -42.82 19.81
CA LYS B 171 -19.88 -42.91 20.84
C LYS B 171 -20.38 -43.53 22.12
N TRP B 172 -19.47 -44.12 22.89
CA TRP B 172 -19.83 -44.56 24.25
C TRP B 172 -20.03 -43.36 25.10
N ALA B 173 -20.60 -43.57 26.28
CA ALA B 173 -20.77 -42.48 27.25
C ALA B 173 -19.43 -42.02 27.81
N GLY B 174 -18.48 -42.96 27.93
CA GLY B 174 -17.13 -42.65 28.39
C GLY B 174 -16.24 -43.89 28.28
N HIS B 175 -14.97 -43.75 28.63
CA HIS B 175 -14.10 -44.94 28.62
C HIS B 175 -14.26 -45.69 29.93
N PRO B 176 -14.08 -47.01 29.91
CA PRO B 176 -14.21 -47.87 31.10
C PRO B 176 -13.54 -47.33 32.36
N GLY B 177 -14.31 -47.17 33.43
CA GLY B 177 -13.76 -46.71 34.71
C GLY B 177 -13.02 -45.37 34.70
N LYS B 178 -13.39 -44.50 33.77
CA LYS B 178 -12.98 -43.10 33.79
C LYS B 178 -14.29 -42.31 33.90
N PRO B 179 -14.20 -40.99 34.09
CA PRO B 179 -15.44 -40.21 34.16
C PRO B 179 -16.10 -40.04 32.79
N GLU B 180 -17.43 -40.09 32.74
CA GLU B 180 -18.18 -39.82 31.51
C GLU B 180 -17.99 -38.38 31.04
N ASP B 181 -17.81 -38.20 29.75
CA ASP B 181 -17.54 -36.88 29.21
C ASP B 181 -18.83 -36.07 29.08
N ARG B 182 -18.69 -34.77 28.83
CA ARG B 182 -19.86 -33.88 28.82
C ARG B 182 -20.74 -34.09 27.60
N PHE B 183 -20.24 -34.80 26.60
CA PHE B 183 -20.99 -34.97 25.37
C PHE B 183 -22.12 -35.98 25.52
N GLY B 184 -21.96 -36.95 26.42
CA GLY B 184 -22.91 -38.06 26.55
C GLY B 184 -22.76 -39.12 25.47
N PRO B 185 -23.50 -40.24 25.59
CA PRO B 185 -23.45 -41.30 24.59
C PRO B 185 -24.27 -40.94 23.37
N ALA B 186 -23.95 -41.55 22.24
CA ALA B 186 -24.77 -41.40 21.06
C ALA B 186 -24.78 -42.73 20.33
N LEU B 187 -25.94 -43.38 20.33
CA LEU B 187 -26.04 -44.73 19.81
C LEU B 187 -27.29 -44.92 18.96
N ASP B 188 -27.98 -43.84 18.67
CA ASP B 188 -29.19 -43.86 17.85
C ASP B 188 -29.50 -42.48 17.27
N PRO B 189 -30.50 -42.37 16.37
CA PRO B 189 -30.74 -41.08 15.73
C PRO B 189 -30.98 -39.93 16.69
N ASP B 190 -31.62 -40.18 17.83
CA ASP B 190 -31.90 -39.08 18.76
C ASP B 190 -30.63 -38.61 19.48
N GLY B 191 -29.70 -39.52 19.71
CA GLY B 191 -28.45 -39.16 20.36
C GLY B 191 -27.59 -38.36 19.37
N ILE B 192 -27.57 -38.81 18.12
CA ILE B 192 -26.85 -38.09 17.05
C ILE B 192 -27.39 -36.67 16.87
N VAL B 193 -28.72 -36.54 16.78
CA VAL B 193 -29.32 -35.20 16.70
C VAL B 193 -28.96 -34.32 17.90
N ALA B 194 -29.04 -34.87 19.13
CA ALA B 194 -28.70 -34.09 20.32
C ALA B 194 -27.20 -33.72 20.31
N GLN B 195 -26.37 -34.59 19.76
CA GLN B 195 -24.94 -34.26 19.70
C GLN B 195 -24.75 -33.06 18.74
N ALA B 196 -25.44 -33.10 17.60
CA ALA B 196 -25.37 -32.00 16.65
C ALA B 196 -25.80 -30.66 17.26
N ARG B 197 -26.86 -30.68 18.07
CA ARG B 197 -27.31 -29.43 18.68
C ARG B 197 -26.25 -28.86 19.58
N LEU B 198 -25.60 -29.74 20.32
CA LEU B 198 -24.55 -29.31 21.22
C LEU B 198 -23.40 -28.62 20.42
N LEU B 199 -22.92 -29.29 19.39
CA LEU B 199 -21.76 -28.78 18.61
C LEU B 199 -22.10 -27.53 17.82
N ILE B 200 -23.25 -27.55 17.16
CA ILE B 200 -23.68 -26.38 16.40
C ILE B 200 -23.99 -25.19 17.31
N GLY B 201 -24.51 -25.46 18.50
CA GLY B 201 -24.75 -24.41 19.50
C GLY B 201 -23.48 -23.72 19.93
N GLU B 202 -22.38 -24.47 20.01
CA GLU B 202 -21.13 -23.89 20.51
C GLU B 202 -20.25 -23.29 19.41
N TYR B 203 -20.26 -23.90 18.24
CA TYR B 203 -19.30 -23.53 17.19
C TYR B 203 -19.94 -22.86 16.00
N GLY B 204 -21.24 -23.08 15.82
CA GLY B 204 -21.96 -22.45 14.72
C GLY B 204 -21.78 -23.11 13.36
N PHE B 205 -21.29 -24.36 13.32
CA PHE B 205 -21.17 -25.10 12.06
C PHE B 205 -22.42 -25.03 11.19
N ARG B 206 -22.22 -24.83 9.89
CA ARG B 206 -23.30 -24.78 8.93
C ARG B 206 -23.31 -25.98 7.99
N SER B 207 -22.62 -27.05 8.36
CA SER B 207 -22.54 -28.28 7.54
C SER B 207 -22.32 -29.41 8.55
N ILE B 208 -22.75 -30.62 8.21
CA ILE B 208 -22.73 -31.72 9.15
C ILE B 208 -22.18 -32.93 8.44
N LYS B 209 -21.32 -33.67 9.12
CA LYS B 209 -20.83 -34.91 8.56
C LYS B 209 -21.05 -36.00 9.61
N LEU B 210 -21.53 -37.16 9.20
CA LEU B 210 -21.70 -38.23 10.18
C LEU B 210 -20.73 -39.36 9.87
N LYS B 211 -20.00 -39.78 10.88
CA LYS B 211 -19.09 -40.92 10.77
C LYS B 211 -19.93 -42.19 10.91
N GLY B 212 -19.97 -43.01 9.85
CA GLY B 212 -20.76 -44.25 9.86
C GLY B 212 -19.90 -45.49 9.91
N GLY B 213 -20.46 -46.63 9.44
CA GLY B 213 -19.76 -47.92 9.48
C GLY B 213 -19.76 -48.54 10.85
N VAL B 214 -20.68 -48.10 11.70
CA VAL B 214 -20.68 -48.52 13.09
C VAL B 214 -21.93 -49.38 13.32
N PHE B 215 -23.04 -48.89 12.79
CA PHE B 215 -24.32 -49.59 12.90
C PHE B 215 -24.73 -49.98 11.49
N PRO B 216 -25.69 -50.90 11.37
CA PRO B 216 -26.18 -51.24 10.05
C PRO B 216 -26.65 -50.01 9.29
N PRO B 217 -26.42 -50.00 7.97
CA PRO B 217 -26.71 -48.92 7.05
C PRO B 217 -28.10 -48.33 7.21
N GLU B 218 -29.12 -49.16 7.39
CA GLU B 218 -30.48 -48.62 7.48
C GLU B 218 -30.57 -47.71 8.70
N GLN B 219 -29.88 -48.09 9.76
CA GLN B 219 -29.88 -47.29 10.97
C GLN B 219 -29.12 -45.98 10.78
N GLU B 220 -28.07 -45.99 9.97
CA GLU B 220 -27.29 -44.78 9.79
C GLU B 220 -28.01 -43.83 8.84
N ALA B 221 -28.68 -44.38 7.84
CA ALA B 221 -29.55 -43.57 6.99
C ALA B 221 -30.66 -42.90 7.82
N GLU B 222 -31.14 -43.58 8.85
CA GLU B 222 -32.18 -42.99 9.72
C GLU B 222 -31.63 -41.85 10.57
N ALA B 223 -30.36 -41.92 10.95
CA ALA B 223 -29.74 -40.79 11.62
C ALA B 223 -29.65 -39.61 10.65
N ILE B 224 -29.25 -39.88 9.41
CA ILE B 224 -29.12 -38.83 8.40
C ILE B 224 -30.48 -38.18 8.16
N GLN B 225 -31.53 -38.98 8.11
CA GLN B 225 -32.86 -38.44 7.83
C GLN B 225 -33.30 -37.59 8.99
N ALA B 226 -33.00 -38.06 10.21
CA ALA B 226 -33.30 -37.28 11.40
C ALA B 226 -32.54 -35.97 11.45
N LEU B 227 -31.30 -35.95 10.98
CA LEU B 227 -30.54 -34.70 11.01
C LEU B 227 -31.14 -33.71 10.02
N ARG B 228 -31.50 -34.19 8.84
CA ARG B 228 -32.14 -33.34 7.84
C ARG B 228 -33.45 -32.74 8.38
N ASP B 229 -34.20 -33.51 9.16
CA ASP B 229 -35.42 -32.98 9.75
C ASP B 229 -35.10 -31.87 10.74
N ALA B 230 -34.10 -32.08 11.60
CA ALA B 230 -33.79 -31.11 12.64
C ALA B 230 -33.04 -29.88 12.13
N PHE B 231 -32.33 -30.04 11.01
CA PHE B 231 -31.47 -28.97 10.48
C PHE B 231 -31.69 -28.77 8.97
N PRO B 232 -32.84 -28.17 8.62
CA PRO B 232 -33.34 -28.10 7.25
C PRO B 232 -32.35 -27.56 6.21
N GLY B 233 -31.66 -26.47 6.54
CA GLY B 233 -30.81 -25.83 5.52
C GLY B 233 -29.40 -26.38 5.33
N LEU B 234 -28.97 -27.26 6.21
CA LEU B 234 -27.55 -27.64 6.30
C LEU B 234 -27.15 -28.83 5.41
N PRO B 235 -26.09 -28.65 4.59
CA PRO B 235 -25.49 -29.77 3.83
C PRO B 235 -25.10 -30.96 4.74
N LEU B 236 -25.36 -32.18 4.29
CA LEU B 236 -25.13 -33.39 5.08
C LEU B 236 -24.23 -34.34 4.32
N ARG B 237 -23.32 -34.99 5.03
CA ARG B 237 -22.40 -35.93 4.42
C ARG B 237 -22.33 -37.16 5.29
N LEU B 238 -22.09 -38.31 4.67
CA LEU B 238 -22.02 -39.57 5.40
C LEU B 238 -20.73 -40.31 5.01
N ASP B 239 -20.02 -40.86 5.99
CA ASP B 239 -18.70 -41.47 5.75
C ASP B 239 -18.55 -42.83 6.45
N PRO B 240 -18.86 -43.91 5.72
CA PRO B 240 -18.76 -45.25 6.29
C PRO B 240 -17.34 -45.83 6.31
N ASN B 241 -16.35 -45.09 5.82
CA ASN B 241 -14.95 -45.59 5.81
C ASN B 241 -14.86 -46.97 5.19
N ALA B 242 -15.56 -47.15 4.07
CA ALA B 242 -15.45 -48.35 3.23
C ALA B 242 -16.07 -49.59 3.86
N ALA B 243 -17.02 -49.40 4.77
CA ALA B 243 -17.62 -50.52 5.49
C ALA B 243 -18.70 -51.26 4.68
N TRP B 244 -19.14 -50.70 3.57
CA TRP B 244 -20.21 -51.34 2.82
C TRP B 244 -19.76 -52.05 1.58
N THR B 245 -20.60 -52.99 1.12
CA THR B 245 -20.39 -53.65 -0.16
C THR B 245 -20.90 -52.72 -1.26
N VAL B 246 -20.52 -53.04 -2.49
CA VAL B 246 -20.99 -52.28 -3.62
C VAL B 246 -22.52 -52.28 -3.66
N GLU B 247 -23.12 -53.46 -3.45
CA GLU B 247 -24.58 -53.56 -3.58
C GLU B 247 -25.30 -52.71 -2.53
N THR B 248 -24.83 -52.78 -1.28
CA THR B 248 -25.38 -51.96 -0.19
C THR B 248 -25.18 -50.45 -0.44
N SER B 249 -23.99 -50.07 -0.88
CA SER B 249 -23.73 -48.66 -1.14
C SER B 249 -24.70 -48.11 -2.15
N ILE B 250 -24.94 -48.89 -3.21
CA ILE B 250 -25.86 -48.43 -4.24
C ILE B 250 -27.28 -48.28 -3.69
N ARG B 251 -27.68 -49.21 -2.82
CA ARG B 251 -29.03 -49.18 -2.24
C ARG B 251 -29.22 -47.97 -1.32
N VAL B 252 -28.24 -47.75 -0.44
CA VAL B 252 -28.30 -46.60 0.46
C VAL B 252 -28.17 -45.27 -0.30
N GLY B 253 -27.25 -45.23 -1.25
CA GLY B 253 -27.11 -44.07 -2.13
C GLY B 253 -28.46 -43.66 -2.66
N ARG B 254 -29.16 -44.61 -3.27
CA ARG B 254 -30.48 -44.33 -3.85
C ARG B 254 -31.51 -43.94 -2.78
N ALA B 255 -31.48 -44.61 -1.64
CA ALA B 255 -32.42 -44.27 -0.56
C ALA B 255 -32.23 -42.83 -0.03
N LEU B 256 -31.03 -42.27 -0.14
CA LEU B 256 -30.76 -40.95 0.39
C LEU B 256 -30.64 -39.92 -0.71
N ASP B 257 -31.23 -40.24 -1.86
CA ASP B 257 -31.30 -39.32 -3.00
C ASP B 257 -31.83 -37.96 -2.57
N GLY B 258 -31.08 -36.91 -2.90
CA GLY B 258 -31.46 -35.54 -2.58
C GLY B 258 -31.21 -35.14 -1.14
N VAL B 259 -30.64 -36.05 -0.34
CA VAL B 259 -30.33 -35.72 1.06
C VAL B 259 -28.86 -35.38 1.34
N LEU B 260 -27.92 -36.04 0.66
CA LEU B 260 -26.47 -35.86 0.95
C LEU B 260 -25.78 -34.97 -0.07
N GLU B 261 -24.88 -34.10 0.42
CA GLU B 261 -23.99 -33.37 -0.46
C GLU B 261 -23.04 -34.38 -1.12
N TYR B 262 -22.50 -35.31 -0.33
CA TYR B 262 -21.75 -36.42 -0.91
C TYR B 262 -21.70 -37.62 0.01
N LEU B 263 -21.34 -38.76 -0.57
CA LEU B 263 -21.18 -40.00 0.15
C LEU B 263 -19.72 -40.37 0.08
N GLU B 264 -19.09 -40.41 1.24
CA GLU B 264 -17.64 -40.57 1.30
C GLU B 264 -17.27 -42.03 1.55
N ASP B 265 -16.40 -42.59 0.71
CA ASP B 265 -15.90 -43.94 0.90
C ASP B 265 -16.95 -44.97 1.35
N PRO B 266 -17.99 -45.17 0.53
CA PRO B 266 -18.95 -46.18 0.96
C PRO B 266 -18.34 -47.58 0.93
N THR B 267 -17.41 -47.82 0.01
CA THR B 267 -16.94 -49.18 -0.27
C THR B 267 -15.44 -49.20 -0.65
N PRO B 268 -14.76 -50.33 -0.43
CA PRO B 268 -13.30 -50.39 -0.62
C PRO B 268 -12.83 -50.37 -2.08
N GLY B 269 -11.76 -49.62 -2.35
CA GLY B 269 -11.02 -49.74 -3.59
C GLY B 269 -11.61 -48.91 -4.70
N ILE B 270 -10.76 -48.53 -5.65
CA ILE B 270 -11.14 -47.66 -6.77
C ILE B 270 -12.20 -48.33 -7.66
N ASP B 271 -11.99 -49.61 -7.98
CA ASP B 271 -12.95 -50.35 -8.82
C ASP B 271 -14.37 -50.37 -8.22
N GLY B 272 -14.49 -50.79 -6.97
CA GLY B 272 -15.79 -50.77 -6.30
C GLY B 272 -16.42 -49.40 -6.26
N MET B 273 -15.62 -48.40 -5.90
CA MET B 273 -16.11 -47.03 -5.83
C MET B 273 -16.63 -46.59 -7.19
N ALA B 274 -15.90 -46.93 -8.24
CA ALA B 274 -16.33 -46.52 -9.58
C ALA B 274 -17.67 -47.16 -9.97
N ARG B 275 -17.91 -48.39 -9.55
CA ARG B 275 -19.20 -49.05 -9.81
CA ARG B 275 -19.20 -49.03 -9.83
C ARG B 275 -20.32 -48.35 -9.05
N VAL B 276 -20.07 -48.02 -7.79
CA VAL B 276 -21.04 -47.26 -7.00
C VAL B 276 -21.32 -45.88 -7.63
N ALA B 277 -20.25 -45.14 -7.95
CA ALA B 277 -20.41 -43.78 -8.51
C ALA B 277 -21.37 -43.72 -9.71
N ALA B 278 -21.28 -44.72 -10.59
CA ALA B 278 -22.09 -44.74 -11.79
C ALA B 278 -23.58 -45.07 -11.52
N GLU B 279 -23.96 -45.30 -10.28
CA GLU B 279 -25.31 -45.78 -9.98
C GLU B 279 -26.03 -45.07 -8.82
N VAL B 280 -25.38 -44.08 -8.20
CA VAL B 280 -26.04 -43.29 -7.16
C VAL B 280 -26.14 -41.86 -7.65
N PRO B 281 -27.10 -41.09 -7.10
CA PRO B 281 -27.36 -39.74 -7.59
C PRO B 281 -26.40 -38.67 -7.04
N MET B 282 -25.78 -38.91 -5.89
CA MET B 282 -24.88 -37.90 -5.34
C MET B 282 -23.41 -38.24 -5.61
N PRO B 283 -22.53 -37.23 -5.58
CA PRO B 283 -21.11 -37.47 -5.84
C PRO B 283 -20.48 -38.40 -4.78
N LEU B 284 -19.47 -39.18 -5.15
CA LEU B 284 -18.69 -39.87 -4.12
C LEU B 284 -17.45 -39.05 -3.77
N ALA B 285 -17.01 -39.16 -2.52
CA ALA B 285 -15.78 -38.53 -2.04
C ALA B 285 -14.86 -39.62 -1.52
N THR B 286 -13.55 -39.36 -1.47
CA THR B 286 -12.67 -40.34 -0.84
C THR B 286 -11.53 -39.66 -0.10
N ASN B 287 -11.15 -40.27 1.03
CA ASN B 287 -9.79 -40.13 1.59
C ASN B 287 -9.13 -41.47 1.88
N MET B 288 -9.50 -42.52 1.13
CA MET B 288 -8.92 -43.84 1.42
C MET B 288 -8.33 -44.51 0.19
N CYS B 289 -8.92 -44.27 -0.97
CA CYS B 289 -8.46 -44.98 -2.15
C CYS B 289 -7.69 -44.07 -3.11
N VAL B 290 -7.71 -42.77 -2.83
CA VAL B 290 -6.85 -41.81 -3.52
C VAL B 290 -6.16 -40.98 -2.44
N VAL B 291 -4.93 -41.37 -2.11
CA VAL B 291 -4.22 -40.76 -0.97
C VAL B 291 -2.76 -40.38 -1.28
N THR B 292 -2.35 -40.57 -2.52
CA THR B 292 -1.01 -40.18 -2.93
C THR B 292 -1.02 -39.94 -4.44
N PRO B 293 -0.09 -39.14 -4.95
CA PRO B 293 -0.20 -38.78 -6.38
C PRO B 293 -0.17 -39.97 -7.34
N GLU B 294 0.46 -41.09 -6.95
CA GLU B 294 0.44 -42.27 -7.79
C GLU B 294 -0.98 -42.79 -8.04
N HIS B 295 -1.92 -42.47 -7.16
CA HIS B 295 -3.30 -42.91 -7.38
C HIS B 295 -4.11 -42.03 -8.31
N LEU B 296 -3.58 -40.87 -8.69
CA LEU B 296 -4.41 -39.91 -9.46
C LEU B 296 -4.72 -40.34 -10.89
N PRO B 297 -3.73 -40.93 -11.58
CA PRO B 297 -4.11 -41.33 -12.94
C PRO B 297 -5.26 -42.34 -12.94
N ALA B 298 -5.28 -43.28 -12.00
CA ALA B 298 -6.42 -44.23 -11.95
C ALA B 298 -7.73 -43.54 -11.56
N ALA B 299 -7.66 -42.51 -10.72
CA ALA B 299 -8.87 -41.75 -10.38
C ALA B 299 -9.44 -41.03 -11.60
N VAL B 300 -8.56 -40.45 -12.40
CA VAL B 300 -8.97 -39.74 -13.62
C VAL B 300 -9.53 -40.74 -14.62
N GLU B 301 -8.89 -41.91 -14.70
CA GLU B 301 -9.30 -42.91 -15.68
C GLU B 301 -10.57 -43.70 -15.29
N ARG B 302 -10.76 -43.99 -14.00
CA ARG B 302 -11.92 -44.80 -13.59
C ARG B 302 -13.05 -43.96 -13.02
N ARG B 303 -12.76 -42.71 -12.67
CA ARG B 303 -13.76 -41.84 -12.02
C ARG B 303 -14.49 -42.47 -10.81
N PRO B 304 -13.72 -42.93 -9.82
CA PRO B 304 -14.30 -43.40 -8.54
C PRO B 304 -14.93 -42.27 -7.73
N ILE B 305 -14.51 -41.03 -7.95
CA ILE B 305 -14.93 -39.91 -7.11
C ILE B 305 -15.23 -38.64 -7.88
N GLY B 306 -16.08 -37.81 -7.28
CA GLY B 306 -16.29 -36.44 -7.73
C GLY B 306 -15.60 -35.44 -6.79
N VAL B 307 -15.33 -35.86 -5.55
CA VAL B 307 -14.71 -34.99 -4.53
C VAL B 307 -13.50 -35.67 -3.90
N LEU B 308 -12.35 -35.01 -3.90
CA LEU B 308 -11.18 -35.57 -3.22
C LEU B 308 -10.99 -34.85 -1.87
N LEU B 309 -10.81 -35.61 -0.80
CA LEU B 309 -10.59 -34.98 0.48
C LEU B 309 -9.05 -34.95 0.63
N ILE B 310 -8.50 -33.76 0.56
CA ILE B 310 -7.07 -33.54 0.65
C ILE B 310 -6.72 -33.42 2.14
N ASP B 311 -5.49 -33.79 2.51
CA ASP B 311 -5.07 -33.64 3.91
C ASP B 311 -3.57 -33.41 3.83
N HIS B 312 -3.11 -32.24 4.25
CA HIS B 312 -1.70 -31.88 4.06
C HIS B 312 -0.77 -32.77 4.85
N HIS B 313 -1.29 -33.47 5.86
CA HIS B 313 -0.43 -34.33 6.70
C HIS B 313 0.06 -35.54 5.97
N TYR B 314 -0.62 -35.94 4.90
CA TYR B 314 -0.15 -37.09 4.16
C TYR B 314 0.00 -36.89 2.67
N TRP B 315 -0.46 -35.75 2.18
CA TRP B 315 -0.13 -35.39 0.82
C TRP B 315 1.18 -34.60 0.77
N GLY B 316 1.80 -34.32 1.91
CA GLY B 316 3.18 -33.74 1.83
C GLY B 316 3.36 -32.24 2.03
N GLY B 317 2.51 -31.66 2.85
CA GLY B 317 2.63 -30.27 3.27
C GLY B 317 1.73 -29.35 2.46
N LEU B 318 1.75 -28.07 2.80
CA LEU B 318 0.79 -27.11 2.21
C LEU B 318 1.03 -26.83 0.72
N VAL B 319 2.29 -26.74 0.32
CA VAL B 319 2.58 -26.42 -1.06
C VAL B 319 2.22 -27.56 -2.00
N ARG B 320 2.62 -28.77 -1.64
CA ARG B 320 2.26 -29.93 -2.44
C ARG B 320 0.74 -30.11 -2.48
N SER B 321 0.06 -29.89 -1.35
CA SER B 321 -1.43 -29.97 -1.40
C SER B 321 -2.06 -28.94 -2.34
N ALA B 322 -1.53 -27.72 -2.34
CA ALA B 322 -1.97 -26.71 -3.32
C ALA B 322 -1.73 -27.13 -4.77
N HIS B 323 -0.59 -27.76 -5.04
CA HIS B 323 -0.37 -28.30 -6.39
C HIS B 323 -1.40 -29.35 -6.76
N ILE B 324 -1.73 -30.23 -5.83
CA ILE B 324 -2.73 -31.29 -6.12
C ILE B 324 -4.12 -30.69 -6.36
N ALA B 325 -4.44 -29.64 -5.61
CA ALA B 325 -5.71 -28.95 -5.80
C ALA B 325 -5.85 -28.46 -7.25
N THR B 326 -4.76 -27.92 -7.81
CA THR B 326 -4.74 -27.41 -9.18
C THR B 326 -4.94 -28.53 -10.20
N LEU B 327 -4.24 -29.65 -9.98
CA LEU B 327 -4.39 -30.87 -10.77
C LEU B 327 -5.87 -31.29 -10.77
N CYS B 328 -6.47 -31.37 -9.58
CA CYS B 328 -7.87 -31.81 -9.49
C CYS B 328 -8.84 -30.91 -10.22
N ALA B 329 -8.67 -29.60 -10.06
CA ALA B 329 -9.49 -28.65 -10.78
C ALA B 329 -9.39 -28.86 -12.27
N THR B 330 -8.17 -29.11 -12.76
CA THR B 330 -7.99 -29.33 -14.18
C THR B 330 -8.75 -30.54 -14.69
N PHE B 331 -8.91 -31.54 -13.83
CA PHE B 331 -9.56 -32.78 -14.25
C PHE B 331 -11.00 -32.85 -13.82
N GLY B 332 -11.53 -31.73 -13.33
CA GLY B 332 -12.95 -31.62 -12.96
C GLY B 332 -13.33 -32.27 -11.64
N ILE B 333 -12.36 -32.43 -10.76
CA ILE B 333 -12.61 -33.03 -9.44
C ILE B 333 -12.62 -31.93 -8.39
N GLU B 334 -13.62 -31.94 -7.52
CA GLU B 334 -13.75 -30.93 -6.47
C GLU B 334 -12.97 -31.33 -5.22
N LEU B 335 -12.77 -30.37 -4.31
CA LEU B 335 -11.93 -30.64 -3.13
C LEU B 335 -12.63 -30.27 -1.85
N SER B 336 -12.38 -31.10 -0.85
CA SER B 336 -12.72 -30.79 0.52
C SER B 336 -11.46 -31.12 1.30
N MET B 337 -11.51 -31.01 2.61
CA MET B 337 -10.34 -31.36 3.44
C MET B 337 -10.69 -32.34 4.53
N HIS B 338 -9.81 -33.32 4.69
CA HIS B 338 -9.90 -34.39 5.67
C HIS B 338 -9.18 -34.02 6.93
N SER B 339 -9.57 -34.64 8.04
CA SER B 339 -9.04 -34.27 9.35
C SER B 339 -8.89 -35.53 10.17
N ASN B 340 -7.86 -35.60 11.01
CA ASN B 340 -7.74 -36.59 12.08
C ASN B 340 -7.64 -35.80 13.38
N SER B 341 -7.80 -36.44 14.54
CA SER B 341 -7.63 -35.76 15.84
C SER B 341 -6.33 -34.92 15.84
N HIS B 342 -6.43 -33.64 16.15
CA HIS B 342 -5.27 -32.75 15.92
C HIS B 342 -5.33 -31.59 16.84
N LEU B 343 -4.29 -30.77 16.88
CA LEU B 343 -4.31 -29.64 17.81
C LEU B 343 -4.31 -28.31 17.04
N GLY B 344 -3.98 -27.22 17.71
CA GLY B 344 -4.06 -25.88 17.09
C GLY B 344 -3.09 -25.59 15.96
N ILE B 345 -1.94 -26.25 15.97
CA ILE B 345 -0.96 -25.99 14.93
C ILE B 345 -1.49 -26.53 13.62
N SER B 346 -2.09 -27.73 13.64
CA SER B 346 -2.66 -28.30 12.43
C SER B 346 -3.88 -27.50 11.98
N LEU B 347 -4.68 -27.00 12.93
CA LEU B 347 -5.86 -26.20 12.56
C LEU B 347 -5.44 -24.91 11.85
N ALA B 348 -4.41 -24.26 12.36
CA ALA B 348 -3.90 -23.04 11.71
C ALA B 348 -3.42 -23.41 10.34
N ALA B 349 -2.62 -24.47 10.22
CA ALA B 349 -2.12 -24.82 8.86
C ALA B 349 -3.24 -25.17 7.86
N MET B 350 -4.22 -25.95 8.28
CA MET B 350 -5.33 -26.31 7.40
C MET B 350 -6.06 -25.06 6.99
N THR B 351 -6.25 -24.16 7.94
CA THR B 351 -6.96 -22.90 7.70
C THR B 351 -6.23 -22.00 6.67
N HIS B 352 -4.92 -21.77 6.84
CA HIS B 352 -4.16 -21.08 5.80
C HIS B 352 -4.29 -21.71 4.42
N LEU B 353 -4.17 -23.03 4.35
CA LEU B 353 -4.27 -23.72 3.05
C LEU B 353 -5.64 -23.52 2.43
N ALA B 354 -6.67 -23.82 3.19
CA ALA B 354 -8.02 -23.68 2.65
C ALA B 354 -8.33 -22.24 2.28
N ALA B 355 -7.84 -21.28 3.05
CA ALA B 355 -8.17 -19.89 2.76
C ALA B 355 -7.57 -19.46 1.41
N ALA B 356 -6.46 -20.09 1.03
CA ALA B 356 -5.72 -19.64 -0.15
C ALA B 356 -5.88 -20.55 -1.37
N THR B 357 -6.81 -21.50 -1.31
CA THR B 357 -6.93 -22.45 -2.40
C THR B 357 -8.34 -22.32 -2.97
N PRO B 358 -8.46 -21.72 -4.17
CA PRO B 358 -9.78 -21.52 -4.81
C PRO B 358 -10.57 -22.84 -4.95
N ALA B 359 -9.88 -23.93 -5.28
CA ALA B 359 -10.56 -25.24 -5.48
C ALA B 359 -11.18 -25.88 -4.24
N ILE B 360 -10.78 -25.45 -3.04
CA ILE B 360 -11.33 -26.02 -1.82
C ILE B 360 -12.63 -25.31 -1.52
N THR B 361 -13.74 -25.80 -2.09
CA THR B 361 -15.03 -25.10 -2.00
C THR B 361 -16.05 -25.68 -1.02
N HIS B 362 -15.80 -26.89 -0.52
CA HIS B 362 -16.72 -27.51 0.45
C HIS B 362 -16.25 -27.25 1.86
N ALA B 363 -17.12 -27.32 2.85
CA ALA B 363 -16.66 -27.18 4.24
C ALA B 363 -15.60 -28.22 4.60
N CYS B 364 -14.59 -27.81 5.35
CA CYS B 364 -13.51 -28.71 5.78
C CYS B 364 -13.93 -29.49 7.01
N ASP B 365 -13.32 -30.64 7.24
CA ASP B 365 -13.57 -31.36 8.48
C ASP B 365 -12.60 -30.94 9.57
N THR B 366 -13.06 -31.02 10.81
CA THR B 366 -12.20 -30.91 11.99
C THR B 366 -12.76 -31.67 13.17
N HIS B 367 -11.83 -32.22 13.94
CA HIS B 367 -12.11 -32.90 15.20
C HIS B 367 -12.09 -31.94 16.37
N THR B 368 -11.81 -30.67 16.09
CA THR B 368 -11.61 -29.70 17.18
C THR B 368 -12.56 -29.75 18.39
N PRO B 369 -13.87 -29.87 18.15
CA PRO B 369 -14.79 -29.86 19.31
C PRO B 369 -14.58 -31.04 20.28
N TRP B 370 -14.13 -32.15 19.75
CA TRP B 370 -13.88 -33.35 20.54
C TRP B 370 -12.69 -33.26 21.44
N GLN B 371 -11.77 -32.33 21.15
CA GLN B 371 -10.62 -32.19 22.05
CA GLN B 371 -10.57 -32.08 21.96
C GLN B 371 -10.91 -31.29 23.24
N ASP B 372 -12.10 -30.72 23.26
CA ASP B 372 -12.58 -30.01 24.44
C ASP B 372 -11.65 -28.92 24.99
N GLY B 373 -11.02 -28.15 24.12
CA GLY B 373 -10.21 -27.04 24.58
C GLY B 373 -8.75 -27.36 24.89
N GLN B 374 -8.38 -28.63 24.81
CA GLN B 374 -6.98 -29.03 25.05
C GLN B 374 -6.13 -28.50 23.90
N ASP B 375 -5.05 -27.79 24.19
CA ASP B 375 -4.19 -27.32 23.09
C ASP B 375 -2.80 -26.95 23.58
N VAL B 376 -1.87 -26.76 22.65
CA VAL B 376 -0.49 -26.44 23.01
C VAL B 376 -0.13 -25.04 22.52
N VAL B 377 -1.08 -24.35 21.89
CA VAL B 377 -0.82 -22.98 21.49
C VAL B 377 -1.54 -21.98 22.39
N ALA B 378 -1.04 -20.76 22.43
CA ALA B 378 -1.65 -19.70 23.25
C ALA B 378 -3.05 -19.34 22.74
N PRO B 379 -3.94 -19.00 23.67
CA PRO B 379 -5.34 -18.73 23.37
C PRO B 379 -5.53 -17.45 22.55
N GLY B 380 -6.63 -17.38 21.81
CA GLY B 380 -7.01 -16.13 21.17
C GLY B 380 -6.60 -15.94 19.72
N ALA B 381 -5.82 -16.87 19.18
CA ALA B 381 -5.37 -16.72 17.80
C ALA B 381 -6.34 -17.43 16.87
N LEU B 382 -6.89 -18.54 17.34
CA LEU B 382 -7.82 -19.37 16.59
C LEU B 382 -9.19 -19.28 17.23
N ARG B 383 -10.21 -19.04 16.43
CA ARG B 383 -11.57 -18.91 16.96
CA ARG B 383 -11.56 -19.03 16.98
C ARG B 383 -12.58 -19.35 15.90
N PHE B 384 -13.76 -19.80 16.31
CA PHE B 384 -14.80 -20.15 15.33
C PHE B 384 -15.81 -19.03 15.36
N VAL B 385 -16.13 -18.49 14.19
CA VAL B 385 -17.17 -17.47 14.10
C VAL B 385 -18.21 -17.98 13.12
N ASP B 386 -19.40 -18.34 13.63
CA ASP B 386 -20.44 -18.86 12.74
C ASP B 386 -19.94 -20.03 11.92
N GLY B 387 -19.24 -20.96 12.57
CA GLY B 387 -18.88 -22.20 11.92
C GLY B 387 -17.57 -22.14 11.17
N ALA B 388 -16.95 -20.94 11.10
CA ALA B 388 -15.78 -20.72 10.23
C ALA B 388 -14.60 -20.20 11.06
N VAL B 389 -13.38 -20.50 10.63
CA VAL B 389 -12.23 -19.98 11.35
C VAL B 389 -11.61 -18.84 10.51
N PRO B 390 -11.56 -17.64 11.06
CA PRO B 390 -10.91 -16.56 10.34
C PRO B 390 -9.38 -16.86 10.24
N VAL B 391 -8.75 -16.55 9.12
CA VAL B 391 -7.30 -16.71 9.04
C VAL B 391 -6.65 -15.89 10.15
N PRO B 392 -5.79 -16.52 10.96
CA PRO B 392 -5.16 -15.84 12.10
C PRO B 392 -4.42 -14.54 11.67
N ASP B 393 -4.34 -13.59 12.59
N ASP B 393 -4.31 -13.59 12.60
CA ASP B 393 -3.68 -12.30 12.44
CA ASP B 393 -3.67 -12.28 12.43
C ASP B 393 -2.21 -12.39 12.55
C ASP B 393 -2.17 -12.25 12.34
N GLY B 394 -1.57 -11.50 11.89
N GLY B 394 -1.46 -12.99 13.14
CA GLY B 394 -0.13 -11.55 12.10
CA GLY B 394 -0.02 -12.83 13.08
C GLY B 394 0.57 -12.59 11.26
C GLY B 394 0.66 -13.29 11.79
N PRO B 395 1.90 -12.53 11.25
N PRO B 395 1.83 -12.73 11.51
CA PRO B 395 2.77 -13.28 10.37
CA PRO B 395 2.75 -13.34 10.55
C PRO B 395 3.01 -14.74 10.76
C PRO B 395 2.97 -14.83 10.79
N GLY B 396 3.28 -15.56 9.75
CA GLY B 396 3.48 -16.98 9.86
C GLY B 396 2.15 -17.71 9.97
N LEU B 397 2.13 -18.77 10.77
CA LEU B 397 0.87 -19.49 11.01
C LEU B 397 -0.05 -18.70 11.91
N GLY B 398 0.52 -17.79 12.67
CA GLY B 398 -0.26 -16.90 13.53
C GLY B 398 -0.58 -17.51 14.87
N VAL B 399 0.12 -18.60 15.21
CA VAL B 399 -0.01 -19.22 16.54
C VAL B 399 1.34 -19.30 17.22
N GLU B 400 1.33 -19.30 18.55
CA GLU B 400 2.54 -19.33 19.37
C GLU B 400 2.46 -20.51 20.32
N LEU B 401 3.57 -21.23 20.48
CA LEU B 401 3.67 -22.33 21.43
C LEU B 401 3.44 -21.87 22.87
N ASP B 402 2.57 -22.58 23.59
CA ASP B 402 2.44 -22.38 25.05
C ASP B 402 3.33 -23.46 25.69
N ARG B 403 4.52 -23.07 26.15
CA ARG B 403 5.50 -24.10 26.54
C ARG B 403 5.11 -24.87 27.79
N ASP B 404 4.38 -24.23 28.71
CA ASP B 404 3.80 -24.95 29.84
C ASP B 404 2.84 -26.06 29.42
N ALA B 405 1.95 -25.72 28.48
CA ALA B 405 0.97 -26.71 28.02
C ALA B 405 1.68 -27.82 27.25
N LEU B 406 2.72 -27.46 26.49
CA LEU B 406 3.49 -28.46 25.76
C LEU B 406 4.12 -29.46 26.74
N ALA B 407 4.65 -28.94 27.85
CA ALA B 407 5.27 -29.80 28.87
C ALA B 407 4.25 -30.74 29.51
N VAL B 408 3.09 -30.21 29.85
CA VAL B 408 2.03 -31.04 30.40
C VAL B 408 1.66 -32.18 29.45
N MET B 409 1.44 -31.87 28.17
CA MET B 409 1.07 -32.93 27.22
C MET B 409 2.20 -33.88 26.91
N HIS B 410 3.44 -33.41 26.97
CA HIS B 410 4.52 -34.34 26.81
C HIS B 410 4.58 -35.30 27.98
N GLU B 411 4.36 -34.80 29.20
CA GLU B 411 4.35 -35.69 30.37
C GLU B 411 3.18 -36.69 30.26
N GLN B 412 2.04 -36.22 29.76
CA GLN B 412 0.93 -37.15 29.51
C GLN B 412 1.33 -38.26 28.55
N TYR B 413 2.09 -37.91 27.52
CA TYR B 413 2.50 -38.93 26.58
C TYR B 413 3.39 -39.95 27.31
N GLU B 414 4.34 -39.45 28.10
CA GLU B 414 5.29 -40.33 28.77
C GLU B 414 4.59 -41.38 29.64
N ARG B 415 3.48 -40.98 30.28
CA ARG B 415 2.80 -41.81 31.25
C ARG B 415 1.62 -42.58 30.68
N CYS B 416 1.16 -42.24 29.48
CA CYS B 416 -0.18 -42.69 29.07
C CYS B 416 -0.26 -44.16 28.66
N GLY B 417 0.86 -44.82 28.47
CA GLY B 417 0.84 -46.26 28.14
C GLY B 417 0.47 -46.64 26.71
N ILE B 418 0.28 -45.64 25.84
CA ILE B 418 -0.13 -45.89 24.47
C ILE B 418 0.94 -45.31 23.53
N ARG B 419 1.38 -46.09 22.55
CA ARG B 419 2.49 -45.64 21.69
C ARG B 419 2.12 -45.58 20.23
N THR B 420 1.04 -46.28 19.86
CA THR B 420 0.57 -46.29 18.49
C THR B 420 -0.95 -46.33 18.51
N ARG B 421 -1.58 -45.56 17.64
CA ARG B 421 -3.03 -45.61 17.52
C ARG B 421 -3.50 -46.99 17.09
N ASP B 422 -4.46 -47.57 17.82
CA ASP B 422 -4.92 -48.92 17.48
C ASP B 422 -6.40 -49.06 17.83
N ASP B 423 -7.27 -48.45 17.03
CA ASP B 423 -8.72 -48.50 17.29
C ASP B 423 -9.22 -49.95 17.31
N GLU B 424 -8.71 -50.78 16.40
CA GLU B 424 -9.20 -52.14 16.25
C GLU B 424 -8.75 -52.97 17.47
N GLY B 425 -7.50 -52.79 17.86
CA GLY B 425 -6.96 -53.46 19.05
C GLY B 425 -7.74 -53.10 20.30
N TYR B 426 -8.11 -51.84 20.45
CA TYR B 426 -8.82 -51.40 21.65
C TYR B 426 -10.21 -52.04 21.61
N MET B 427 -10.84 -52.06 20.44
CA MET B 427 -12.17 -52.69 20.35
C MET B 427 -12.10 -54.20 20.63
N ARG B 428 -11.03 -54.84 20.14
CA ARG B 428 -10.83 -56.30 20.33
C ARG B 428 -10.57 -56.72 21.78
N SER B 429 -10.11 -55.80 22.60
CA SER B 429 -9.92 -56.06 24.00
C SER B 429 -11.28 -56.33 24.66
N PHE B 430 -12.35 -55.87 24.03
CA PHE B 430 -13.73 -56.19 24.48
C PHE B 430 -14.39 -57.27 23.65
N ASP B 431 -14.37 -57.12 22.34
CA ASP B 431 -14.98 -58.12 21.47
C ASP B 431 -13.93 -58.75 20.61
N PRO B 432 -13.40 -59.92 21.02
CA PRO B 432 -12.23 -60.49 20.36
C PRO B 432 -12.48 -60.90 18.93
N SER B 433 -13.74 -61.10 18.56
CA SER B 433 -14.05 -61.46 17.18
C SER B 433 -14.22 -60.22 16.30
N PHE B 434 -14.11 -59.02 16.87
CA PHE B 434 -14.21 -57.82 16.04
C PHE B 434 -13.07 -57.73 15.03
N SER B 435 -13.41 -57.35 13.80
CA SER B 435 -12.40 -56.88 12.83
C SER B 435 -12.84 -55.60 12.16
N THR B 436 -11.88 -54.77 11.81
CA THR B 436 -12.21 -53.58 11.02
C THR B 436 -13.22 -53.90 9.91
N ARG B 437 -14.29 -53.13 9.84
CA ARG B 437 -15.34 -53.41 8.88
C ARG B 437 -14.95 -52.89 7.49
N ARG B 438 -14.88 -53.82 6.53
CA ARG B 438 -14.43 -53.51 5.19
C ARG B 438 -15.32 -54.30 4.21
N GLY B 439 -16.22 -53.63 3.50
CA GLY B 439 -17.19 -54.35 2.67
C GLY B 439 -17.93 -55.41 3.50
N PHE B 440 -18.33 -55.00 4.70
CA PHE B 440 -18.99 -55.85 5.68
C PHE B 440 -20.51 -55.84 5.47
N TRP B 441 -21.13 -54.67 5.55
CA TRP B 441 -22.59 -54.60 5.40
C TRP B 441 -22.97 -54.56 3.95
N LEU C 18 -15.48 35.17 36.09
CA LEU C 18 -16.50 34.78 35.09
C LEU C 18 -16.16 35.42 33.75
N TYR C 19 -16.93 36.43 33.38
CA TYR C 19 -16.72 37.14 32.13
C TYR C 19 -15.28 37.67 31.99
N PHE C 20 -14.83 38.48 32.96
CA PHE C 20 -13.50 39.13 32.90
C PHE C 20 -12.34 38.21 33.26
N GLN C 21 -12.55 36.91 33.11
CA GLN C 21 -11.48 35.94 33.32
C GLN C 21 -11.40 34.94 32.17
N SER C 22 -11.68 35.40 30.96
CA SER C 22 -11.62 34.52 29.80
C SER C 22 -10.71 35.04 28.69
N MET C 23 -9.64 35.77 29.05
CA MET C 23 -8.67 36.20 28.05
C MET C 23 -9.29 37.12 26.96
N LEU C 24 -10.23 37.94 27.38
CA LEU C 24 -10.75 38.96 26.46
C LEU C 24 -9.84 40.19 26.49
N ILE C 25 -9.83 40.95 25.39
CA ILE C 25 -9.00 42.14 25.29
C ILE C 25 -9.65 43.29 26.07
N ARG C 26 -8.90 43.95 26.96
CA ARG C 26 -9.45 45.08 27.70
C ARG C 26 -9.18 46.35 26.95
N GLU C 27 -7.94 46.49 26.49
CA GLU C 27 -7.60 47.62 25.68
C GLU C 27 -6.38 47.35 24.81
N VAL C 28 -6.20 48.18 23.78
CA VAL C 28 -5.02 48.06 22.90
C VAL C 28 -4.34 49.41 22.82
N ARG C 29 -3.08 49.47 23.22
CA ARG C 29 -2.30 50.71 23.19
C ARG C 29 -1.49 50.77 21.94
N VAL C 30 -1.60 51.87 21.21
CA VAL C 30 -0.87 52.03 19.96
C VAL C 30 0.07 53.20 20.09
N THR C 31 1.37 52.97 19.87
CA THR C 31 2.38 54.02 20.10
C THR C 31 3.28 54.13 18.88
N PRO C 32 3.16 55.23 18.14
CA PRO C 32 4.13 55.33 17.04
C PRO C 32 5.48 55.71 17.61
N VAL C 33 6.57 55.27 16.95
CA VAL C 33 7.92 55.52 17.47
C VAL C 33 8.79 55.91 16.27
N ALA C 34 9.88 56.64 16.52
CA ALA C 34 10.80 56.94 15.48
C ALA C 34 12.23 56.69 16.03
N PHE C 35 13.10 56.17 15.18
CA PHE C 35 14.47 55.91 15.63
C PHE C 35 15.47 56.25 14.53
N ARG C 36 16.73 56.47 14.88
CA ARG C 36 17.69 56.99 13.91
C ARG C 36 18.03 55.92 12.87
N ASP C 37 18.09 56.32 11.59
CA ASP C 37 18.43 55.40 10.51
C ASP C 37 19.58 56.01 9.70
N PRO C 38 20.56 55.20 9.26
CA PRO C 38 21.63 55.73 8.38
C PRO C 38 21.19 55.98 6.93
N PRO C 39 21.98 56.76 6.18
CA PRO C 39 21.64 57.07 4.79
C PRO C 39 21.94 55.92 3.81
N LEU C 40 21.18 54.84 3.97
CA LEU C 40 21.30 53.68 3.10
C LEU C 40 20.63 53.90 1.76
N LEU C 41 21.29 53.48 0.69
CA LEU C 41 20.83 53.78 -0.65
C LEU C 41 20.12 52.58 -1.24
N ASN C 42 19.10 52.83 -2.06
CA ASN C 42 18.45 51.75 -2.76
C ASN C 42 17.81 52.23 -4.06
N ALA C 43 17.12 51.35 -4.76
CA ALA C 43 16.54 51.71 -6.04
C ALA C 43 15.52 52.84 -5.92
N ALA C 44 14.97 53.04 -4.72
CA ALA C 44 13.93 54.07 -4.55
C ALA C 44 14.50 55.38 -3.99
N GLY C 45 15.79 55.43 -3.70
CA GLY C 45 16.36 56.69 -3.22
C GLY C 45 17.32 56.51 -2.08
N VAL C 46 17.05 57.19 -0.98
CA VAL C 46 17.92 57.06 0.18
C VAL C 46 17.05 57.04 1.44
N HIS C 47 17.42 56.24 2.45
CA HIS C 47 16.67 56.23 3.72
C HIS C 47 16.73 57.55 4.38
N GLN C 48 15.59 58.04 4.85
CA GLN C 48 15.58 59.25 5.67
C GLN C 48 16.24 59.04 7.03
N PRO C 49 16.58 60.14 7.70
CA PRO C 49 17.29 60.07 8.99
C PRO C 49 16.46 59.48 10.14
N TRP C 50 15.14 59.40 9.98
CA TRP C 50 14.27 58.79 11.01
C TRP C 50 13.46 57.71 10.38
N ALA C 51 13.41 56.54 11.02
CA ALA C 51 12.60 55.41 10.53
C ALA C 51 11.42 55.31 11.47
N LEU C 52 10.25 55.00 10.94
CA LEU C 52 9.05 55.03 11.76
C LEU C 52 8.52 53.60 11.96
N ARG C 53 8.01 53.30 13.15
CA ARG C 53 7.31 52.02 13.39
C ARG C 53 6.13 52.30 14.29
N THR C 54 5.23 51.33 14.36
CA THR C 54 4.11 51.42 15.32
C THR C 54 4.17 50.24 16.28
N ILE C 55 4.17 50.52 17.58
CA ILE C 55 4.21 49.48 18.60
C ILE C 55 2.78 49.27 19.10
N VAL C 56 2.36 48.01 19.19
CA VAL C 56 1.00 47.68 19.61
C VAL C 56 1.10 46.85 20.87
N GLU C 57 0.37 47.26 21.90
CA GLU C 57 0.35 46.44 23.12
C GLU C 57 -1.09 46.03 23.40
N VAL C 58 -1.37 44.74 23.35
CA VAL C 58 -2.74 44.25 23.65
C VAL C 58 -2.74 43.85 25.11
N VAL C 59 -3.73 44.33 25.86
CA VAL C 59 -3.81 44.02 27.28
C VAL C 59 -5.12 43.27 27.55
N THR C 60 -5.05 42.11 28.20
CA THR C 60 -6.31 41.39 28.51
C THR C 60 -6.88 41.87 29.82
N ASP C 61 -8.15 41.51 30.08
CA ASP C 61 -8.79 41.80 31.36
C ASP C 61 -7.97 41.36 32.57
N GLU C 62 -7.38 40.18 32.52
CA GLU C 62 -6.53 39.73 33.63
C GLU C 62 -5.16 40.40 33.70
N GLY C 63 -4.83 41.25 32.75
CA GLY C 63 -3.59 42.02 32.82
C GLY C 63 -2.43 41.43 32.03
N ILE C 64 -2.65 40.33 31.33
CA ILE C 64 -1.59 39.77 30.46
C ILE C 64 -1.39 40.65 29.24
N THR C 65 -0.16 41.01 28.90
CA THR C 65 0.03 41.86 27.73
C THR C 65 0.74 41.12 26.60
N GLY C 66 0.50 41.57 25.38
CA GLY C 66 1.13 41.01 24.19
C GLY C 66 1.62 42.15 23.34
N LEU C 67 2.76 41.97 22.66
CA LEU C 67 3.29 43.07 21.88
C LEU C 67 3.31 42.72 20.40
N GLY C 68 3.10 43.72 19.55
CA GLY C 68 3.21 43.58 18.10
C GLY C 68 3.91 44.83 17.57
N GLU C 69 4.39 44.75 16.34
CA GLU C 69 5.10 45.92 15.78
C GLU C 69 4.73 45.98 14.31
N THR C 70 4.48 47.18 13.76
CA THR C 70 4.17 47.28 12.35
C THR C 70 4.73 48.58 11.76
N TYR C 71 4.38 48.89 10.52
CA TYR C 71 4.86 50.12 9.85
C TYR C 71 4.40 51.37 10.57
N GLY C 72 5.17 52.46 10.40
CA GLY C 72 4.88 53.71 11.09
C GLY C 72 4.20 54.76 10.19
N ASP C 73 4.05 54.46 8.90
CA ASP C 73 3.50 55.43 7.94
C ASP C 73 2.14 55.91 8.42
N LEU C 74 1.85 57.20 8.22
CA LEU C 74 0.63 57.80 8.75
C LEU C 74 -0.67 57.09 8.36
N ALA C 75 -0.85 56.79 7.06
CA ALA C 75 -2.09 56.13 6.60
C ALA C 75 -2.31 54.75 7.24
N HIS C 76 -1.23 54.01 7.40
CA HIS C 76 -1.29 52.72 8.09
C HIS C 76 -1.56 52.94 9.56
N LEU C 77 -0.85 53.89 10.17
CA LEU C 77 -1.01 54.14 11.59
C LEU C 77 -2.47 54.51 11.91
N GLU C 78 -3.09 55.29 11.05
CA GLU C 78 -4.49 55.64 11.27
C GLU C 78 -5.43 54.43 11.20
N GLN C 79 -5.14 53.47 10.32
CA GLN C 79 -5.95 52.24 10.27
C GLN C 79 -5.71 51.37 11.50
N VAL C 80 -4.45 51.26 11.94
CA VAL C 80 -4.13 50.51 13.14
C VAL C 80 -4.87 51.10 14.37
N ARG C 81 -4.86 52.42 14.48
CA ARG C 81 -5.61 53.06 15.58
C ARG C 81 -7.12 52.77 15.48
N ALA C 82 -7.69 52.88 14.28
CA ALA C 82 -9.12 52.62 14.08
C ALA C 82 -9.45 51.20 14.48
N ALA C 83 -8.61 50.26 14.10
CA ALA C 83 -8.91 48.86 14.40
C ALA C 83 -8.78 48.60 15.88
N ALA C 84 -7.74 49.17 16.49
CA ALA C 84 -7.43 48.96 17.92
C ALA C 84 -8.63 49.37 18.77
N ALA C 85 -9.28 50.44 18.36
CA ALA C 85 -10.42 50.99 19.10
C ALA C 85 -11.65 50.09 19.01
N ARG C 86 -11.65 49.12 18.09
CA ARG C 86 -12.78 48.21 17.96
C ARG C 86 -12.46 46.76 18.41
N LEU C 87 -11.38 46.59 19.18
CA LEU C 87 -11.02 45.26 19.69
C LEU C 87 -11.46 44.91 21.12
N PRO C 88 -11.68 45.92 21.99
CA PRO C 88 -12.04 45.52 23.36
C PRO C 88 -13.26 44.58 23.40
N GLY C 89 -13.19 43.55 24.24
CA GLY C 89 -14.25 42.54 24.34
C GLY C 89 -14.04 41.31 23.45
N LEU C 90 -13.16 41.38 22.45
CA LEU C 90 -12.87 40.19 21.61
C LEU C 90 -11.85 39.30 22.30
N ASP C 91 -11.89 38.02 21.98
CA ASP C 91 -11.07 37.00 22.61
C ASP C 91 -9.71 36.90 21.88
N VAL C 92 -8.60 36.75 22.61
CA VAL C 92 -7.30 36.72 21.94
C VAL C 92 -7.08 35.41 21.17
N TYR C 93 -7.94 34.42 21.38
CA TYR C 93 -7.87 33.19 20.59
C TYR C 93 -8.72 33.28 19.32
N ALA C 94 -9.54 34.31 19.24
CA ALA C 94 -10.49 34.44 18.12
C ALA C 94 -9.88 35.16 16.93
N LEU C 95 -8.83 34.59 16.36
CA LEU C 95 -8.07 35.26 15.32
C LEU C 95 -8.90 35.44 14.05
N HIS C 96 -9.72 34.47 13.70
CA HIS C 96 -10.59 34.68 12.52
C HIS C 96 -11.50 35.87 12.71
N ARG C 97 -12.06 35.99 13.91
CA ARG C 97 -13.02 37.07 14.20
C ARG C 97 -12.35 38.44 14.27
N ILE C 98 -11.12 38.49 14.79
CA ILE C 98 -10.32 39.70 14.75
C ILE C 98 -9.97 40.11 13.30
N TYR C 99 -9.58 39.13 12.50
CA TYR C 99 -9.28 39.38 11.07
C TYR C 99 -10.50 39.99 10.40
N ARG C 100 -11.66 39.39 10.64
CA ARG C 100 -12.91 39.94 10.08
C ARG C 100 -13.17 41.40 10.50
N ARG C 101 -12.95 41.73 11.78
CA ARG C 101 -13.10 43.08 12.31
C ARG C 101 -12.14 44.08 11.65
N VAL C 102 -10.87 43.72 11.56
CA VAL C 102 -9.93 44.54 10.77
C VAL C 102 -10.42 44.76 9.34
N ALA C 103 -10.90 43.70 8.70
CA ALA C 103 -11.33 43.86 7.31
C ALA C 103 -12.52 44.83 7.25
N ASP C 104 -13.40 44.77 8.23
CA ASP C 104 -14.56 45.70 8.32
C ASP C 104 -14.11 47.14 8.50
N VAL C 105 -13.12 47.32 9.35
CA VAL C 105 -12.57 48.64 9.62
C VAL C 105 -11.90 49.21 8.38
N VAL C 106 -11.08 48.41 7.71
CA VAL C 106 -10.36 48.88 6.51
C VAL C 106 -11.34 49.21 5.38
N GLY C 107 -12.38 48.39 5.26
CA GLY C 107 -13.45 48.63 4.30
C GLY C 107 -12.93 48.72 2.87
N ALA C 108 -13.22 49.87 2.23
CA ALA C 108 -12.86 50.09 0.84
C ALA C 108 -11.45 50.66 0.71
N ASN C 109 -10.92 51.16 1.82
CA ASN C 109 -9.64 51.85 1.81
C ASN C 109 -8.51 50.91 1.40
N ILE C 110 -7.57 51.41 0.61
CA ILE C 110 -6.39 50.65 0.23
C ILE C 110 -5.23 51.55 0.60
N VAL C 111 -4.27 51.03 1.35
CA VAL C 111 -3.13 51.85 1.80
C VAL C 111 -1.94 51.57 0.90
N THR C 112 -1.36 52.62 0.34
CA THR C 112 -0.23 52.48 -0.56
C THR C 112 0.96 53.20 0.06
N ASP C 113 2.15 52.66 -0.14
CA ASP C 113 3.34 53.35 0.35
C ASP C 113 3.93 54.19 -0.79
N MET C 114 5.04 54.86 -0.52
CA MET C 114 5.57 55.80 -1.51
C MET C 114 6.77 55.26 -2.30
N HIS C 115 7.23 54.06 -1.95
CA HIS C 115 8.46 53.48 -2.52
C HIS C 115 8.27 52.29 -3.43
N GLY C 116 7.24 51.47 -3.15
CA GLY C 116 6.97 50.29 -3.98
C GLY C 116 7.94 49.13 -3.77
N LEU C 117 8.80 49.23 -2.75
CA LEU C 117 9.80 48.18 -2.52
C LEU C 117 9.20 46.86 -2.02
N THR C 118 7.92 46.84 -1.63
CA THR C 118 7.26 45.56 -1.32
C THR C 118 6.08 45.33 -2.26
N GLY C 119 6.21 45.84 -3.47
CA GLY C 119 5.26 45.52 -4.53
C GLY C 119 3.98 46.32 -4.39
N SER C 120 2.98 45.96 -5.20
CA SER C 120 1.79 46.74 -5.34
C SER C 120 0.83 46.58 -4.16
N SER C 121 0.00 47.60 -3.98
CA SER C 121 -1.02 47.61 -2.93
C SER C 121 -2.29 46.89 -3.38
N SER C 122 -3.16 46.57 -2.42
CA SER C 122 -4.44 45.93 -2.75
C SER C 122 -5.26 45.94 -1.47
N ARG C 123 -6.52 45.54 -1.56
CA ARG C 123 -7.35 45.47 -0.36
C ARG C 123 -6.85 44.40 0.61
N VAL C 124 -6.60 43.20 0.10
CA VAL C 124 -6.24 42.10 1.00
C VAL C 124 -4.91 42.42 1.64
N LYS C 125 -4.02 43.04 0.89
CA LYS C 125 -2.72 43.31 1.45
C LYS C 125 -2.85 44.33 2.56
N THR C 126 -3.75 45.29 2.37
CA THR C 126 -3.96 46.31 3.39
C THR C 126 -4.50 45.67 4.66
N VAL C 127 -5.48 44.79 4.52
CA VAL C 127 -6.04 44.10 5.69
C VAL C 127 -4.96 43.24 6.38
N ASP C 128 -4.18 42.52 5.59
CA ASP C 128 -3.12 41.70 6.21
C ASP C 128 -2.10 42.55 6.96
N ARG C 129 -1.71 43.68 6.40
CA ARG C 129 -0.73 44.55 7.10
C ARG C 129 -1.28 45.08 8.41
N VAL C 130 -2.54 45.46 8.44
CA VAL C 130 -3.12 45.95 9.72
C VAL C 130 -3.35 44.84 10.73
N PHE C 131 -3.76 43.67 10.24
CA PHE C 131 -4.03 42.53 11.10
C PHE C 131 -2.74 42.01 11.74
N ALA C 132 -1.64 42.00 10.99
CA ALA C 132 -0.40 41.35 11.49
C ALA C 132 0.07 41.81 12.88
N ALA C 133 0.00 43.10 13.17
CA ALA C 133 0.44 43.58 14.50
C ALA C 133 -0.40 42.97 15.61
N PHE C 134 -1.71 42.91 15.38
CA PHE C 134 -2.59 42.38 16.40
C PHE C 134 -2.38 40.90 16.61
N GLU C 135 -2.18 40.19 15.49
CA GLU C 135 -2.05 38.77 15.53
C GLU C 135 -0.79 38.37 16.28
N VAL C 136 0.33 39.04 15.99
CA VAL C 136 1.55 38.75 16.75
C VAL C 136 1.33 38.97 18.26
N ALA C 137 0.68 40.08 18.61
CA ALA C 137 0.39 40.38 20.03
C ALA C 137 -0.50 39.31 20.65
N CYS C 138 -1.52 38.87 19.91
CA CYS C 138 -2.42 37.85 20.45
C CYS C 138 -1.68 36.50 20.62
N LEU C 139 -0.81 36.19 19.68
CA LEU C 139 -0.01 34.96 19.87
C LEU C 139 0.93 35.06 21.07
N ASP C 140 1.55 36.21 21.27
CA ASP C 140 2.37 36.49 22.46
C ASP C 140 1.55 36.17 23.71
N ILE C 141 0.33 36.69 23.78
CA ILE C 141 -0.59 36.36 24.88
C ILE C 141 -0.93 34.88 25.01
N GLN C 142 -1.25 34.21 23.89
CA GLN C 142 -1.55 32.79 23.95
C GLN C 142 -0.35 32.00 24.45
N GLY C 143 0.85 32.41 24.04
CA GLY C 143 2.07 31.74 24.53
C GLY C 143 2.23 31.88 26.03
N LYS C 144 2.07 33.10 26.51
CA LYS C 144 2.14 33.35 27.97
C LYS C 144 1.12 32.53 28.75
N ALA C 145 -0.10 32.45 28.22
CA ALA C 145 -1.18 31.73 28.91
C ALA C 145 -0.86 30.24 28.97
N ALA C 146 -0.13 29.72 28.00
CA ALA C 146 0.20 28.30 28.06
C ALA C 146 1.61 28.05 28.66
N GLY C 147 2.35 29.10 29.00
CA GLY C 147 3.75 28.92 29.46
C GLY C 147 4.70 28.42 28.38
N ARG C 148 4.45 28.82 27.13
CA ARG C 148 5.24 28.31 26.00
C ARG C 148 5.67 29.44 25.05
N PRO C 149 6.81 29.25 24.37
CA PRO C 149 7.21 30.18 23.30
C PRO C 149 6.21 30.09 22.15
N VAL C 150 6.04 31.20 21.43
CA VAL C 150 5.21 31.24 20.23
C VAL C 150 5.54 30.12 19.24
N ALA C 151 6.83 29.81 19.08
CA ALA C 151 7.22 28.68 18.22
C ALA C 151 6.43 27.39 18.52
N ASP C 152 6.12 27.12 19.80
CA ASP C 152 5.37 25.91 20.17
C ASP C 152 3.91 25.99 19.76
N LEU C 153 3.38 27.19 19.60
CA LEU C 153 2.03 27.32 19.07
C LEU C 153 2.04 27.05 17.58
N LEU C 154 3.23 27.03 16.98
CA LEU C 154 3.32 26.85 15.54
C LEU C 154 3.82 25.46 15.20
N GLY C 155 3.72 24.51 16.12
CA GLY C 155 4.17 23.12 15.89
C GLY C 155 5.51 22.73 16.47
N GLY C 156 6.17 23.68 17.11
CA GLY C 156 7.42 23.45 17.84
C GLY C 156 8.60 23.82 16.97
N LYS C 157 9.73 24.19 17.58
CA LYS C 157 10.85 24.60 16.76
C LYS C 157 11.48 23.42 16.04
N VAL C 158 11.85 23.64 14.79
CA VAL C 158 12.55 22.61 14.03
C VAL C 158 14.05 22.93 13.97
N ARG C 159 14.41 24.12 14.45
CA ARG C 159 15.82 24.46 14.59
C ARG C 159 15.96 25.33 15.83
N ASP C 160 17.12 25.24 16.48
CA ASP C 160 17.29 25.93 17.77
C ASP C 160 17.63 27.41 17.63
N ALA C 161 18.20 27.77 16.50
CA ALA C 161 18.59 29.14 16.23
C ALA C 161 18.36 29.45 14.76
N VAL C 162 18.04 30.69 14.48
CA VAL C 162 17.71 31.10 13.13
C VAL C 162 18.85 31.92 12.51
N PRO C 163 19.42 31.44 11.40
CA PRO C 163 20.50 32.20 10.77
C PRO C 163 20.01 33.43 10.01
N TYR C 164 20.77 34.52 10.12
CA TYR C 164 20.45 35.77 9.44
C TYR C 164 21.62 36.14 8.56
N SER C 165 21.35 36.90 7.51
CA SER C 165 22.41 37.38 6.61
C SER C 165 22.91 38.76 7.01
N ALA C 166 24.16 39.06 6.65
CA ALA C 166 24.67 40.43 6.69
C ALA C 166 24.01 41.22 5.54
N TYR C 167 23.24 42.26 5.88
CA TYR C 167 22.50 43.01 4.85
C TYR C 167 23.33 44.25 4.48
N LEU C 168 24.06 44.21 3.36
CA LEU C 168 24.99 45.27 3.01
C LEU C 168 24.31 46.33 2.14
N PHE C 169 24.66 47.60 2.32
CA PHE C 169 24.13 48.68 1.48
C PHE C 169 25.24 49.63 1.04
N TYR C 170 25.13 50.15 -0.18
CA TYR C 170 25.82 51.42 -0.46
C TYR C 170 25.21 52.50 0.42
N LYS C 171 26.02 53.44 0.88
CA LYS C 171 25.52 54.45 1.81
C LYS C 171 26.37 55.71 1.79
N TRP C 172 25.76 56.85 2.09
CA TRP C 172 26.53 58.06 2.40
C TRP C 172 27.23 57.93 3.71
N ALA C 173 28.24 58.77 3.91
CA ALA C 173 28.95 58.85 5.20
C ALA C 173 28.04 59.22 6.37
N GLY C 174 27.05 60.07 6.11
CA GLY C 174 26.08 60.43 7.12
C GLY C 174 25.04 61.32 6.50
N HIS C 175 24.04 61.74 7.27
CA HIS C 175 23.04 62.64 6.72
C HIS C 175 23.55 64.06 6.80
N PRO C 176 23.08 64.92 5.90
CA PRO C 176 23.43 66.37 5.88
C PRO C 176 23.24 67.07 7.23
N GLY C 177 24.32 67.66 7.74
CA GLY C 177 24.29 68.40 9.01
C GLY C 177 23.98 67.59 10.26
N LYS C 178 24.23 66.29 10.21
CA LYS C 178 24.20 65.45 11.39
C LYS C 178 25.57 64.80 11.50
N PRO C 179 25.86 64.18 12.64
CA PRO C 179 27.14 63.46 12.78
C PRO C 179 27.25 62.27 11.81
N GLU C 180 28.45 62.03 11.30
CA GLU C 180 28.74 60.83 10.52
C GLU C 180 28.60 59.60 11.41
N ASP C 181 28.10 58.50 10.85
CA ASP C 181 27.93 57.29 11.65
C ASP C 181 29.21 56.46 11.69
N ARG C 182 29.23 55.46 12.56
CA ARG C 182 30.41 54.64 12.79
C ARG C 182 30.68 53.69 11.64
N PHE C 183 29.72 53.58 10.72
CA PHE C 183 29.86 52.63 9.64
C PHE C 183 30.73 53.16 8.50
N GLY C 184 30.72 54.48 8.32
CA GLY C 184 31.45 55.09 7.19
C GLY C 184 30.68 54.96 5.88
N PRO C 185 31.20 55.61 4.81
CA PRO C 185 30.58 55.54 3.49
C PRO C 185 30.88 54.24 2.78
N ALA C 186 30.00 53.83 1.87
CA ALA C 186 30.30 52.70 1.03
C ALA C 186 29.79 52.98 -0.35
N LEU C 187 30.71 53.18 -1.30
CA LEU C 187 30.30 53.62 -2.63
C LEU C 187 31.01 52.89 -3.75
N ASP C 188 31.73 51.84 -3.39
CA ASP C 188 32.45 51.01 -4.35
C ASP C 188 32.76 49.68 -3.66
N PRO C 189 33.31 48.72 -4.40
CA PRO C 189 33.60 47.37 -3.88
C PRO C 189 34.46 47.37 -2.62
N ASP C 190 35.47 48.22 -2.53
CA ASP C 190 36.30 48.24 -1.31
C ASP C 190 35.46 48.61 -0.07
N GLY C 191 34.56 49.58 -0.23
CA GLY C 191 33.75 50.03 0.88
C GLY C 191 32.73 48.96 1.27
N ILE C 192 32.16 48.28 0.28
CA ILE C 192 31.22 47.18 0.54
C ILE C 192 31.96 46.07 1.27
N VAL C 193 33.14 45.71 0.79
CA VAL C 193 33.89 44.67 1.51
C VAL C 193 34.20 45.07 2.95
N ALA C 194 34.62 46.32 3.18
CA ALA C 194 34.95 46.76 4.54
C ALA C 194 33.71 46.81 5.44
N GLN C 195 32.58 47.16 4.85
CA GLN C 195 31.35 47.13 5.62
C GLN C 195 31.02 45.69 6.03
N ALA C 196 31.17 44.74 5.11
CA ALA C 196 30.98 43.33 5.45
C ALA C 196 31.87 42.84 6.61
N ARG C 197 33.14 43.20 6.59
CA ARG C 197 34.03 42.81 7.69
C ARG C 197 33.54 43.35 9.01
N LEU C 198 32.99 44.55 8.97
CA LEU C 198 32.57 45.17 10.21
C LEU C 198 31.36 44.37 10.77
N LEU C 199 30.38 44.08 9.91
CA LEU C 199 29.13 43.41 10.36
C LEU C 199 29.37 41.96 10.79
N ILE C 200 30.09 41.22 9.96
CA ILE C 200 30.40 39.83 10.24
C ILE C 200 31.24 39.71 11.50
N GLY C 201 32.13 40.68 11.70
CA GLY C 201 32.95 40.68 12.89
C GLY C 201 32.13 40.86 14.15
N GLU C 202 31.10 41.69 14.09
CA GLU C 202 30.30 41.96 15.27
C GLU C 202 29.20 40.89 15.45
N TYR C 203 28.60 40.41 14.35
CA TYR C 203 27.43 39.50 14.46
C TYR C 203 27.64 38.03 14.09
N GLY C 204 28.67 37.74 13.32
CA GLY C 204 28.96 36.36 12.94
C GLY C 204 28.15 35.81 11.76
N PHE C 205 27.44 36.69 11.04
CA PHE C 205 26.69 36.28 9.86
C PHE C 205 27.48 35.32 8.96
N ARG C 206 26.78 34.32 8.42
CA ARG C 206 27.40 33.32 7.55
C ARG C 206 26.86 33.40 6.11
N SER C 207 26.14 34.47 5.80
CA SER C 207 25.52 34.71 4.49
C SER C 207 25.56 36.21 4.31
N ILE C 208 25.53 36.64 3.04
CA ILE C 208 25.63 38.06 2.74
C ILE C 208 24.63 38.42 1.65
N LYS C 209 23.98 39.56 1.82
CA LYS C 209 23.08 40.07 0.80
C LYS C 209 23.53 41.51 0.46
N LEU C 210 23.60 41.83 -0.82
CA LEU C 210 23.93 43.21 -1.18
C LEU C 210 22.70 43.86 -1.82
N LYS C 211 22.31 45.00 -1.30
CA LYS C 211 21.22 45.81 -1.85
C LYS C 211 21.76 46.61 -3.06
N GLY C 212 21.24 46.30 -4.25
CA GLY C 212 21.71 46.92 -5.49
C GLY C 212 20.72 47.93 -6.04
N GLY C 213 20.81 48.19 -7.35
CA GLY C 213 19.94 49.15 -8.02
C GLY C 213 20.35 50.58 -7.72
N VAL C 214 21.58 50.74 -7.24
CA VAL C 214 22.09 52.06 -6.87
C VAL C 214 23.12 52.54 -7.90
N PHE C 215 24.03 51.64 -8.27
CA PHE C 215 25.09 51.95 -9.22
C PHE C 215 24.81 51.10 -10.43
N PRO C 216 25.47 51.42 -11.57
CA PRO C 216 25.31 50.56 -12.74
C PRO C 216 25.63 49.11 -12.41
N PRO C 217 24.91 48.16 -13.02
CA PRO C 217 24.97 46.74 -12.72
C PRO C 217 26.38 46.17 -12.82
N GLU C 218 27.19 46.69 -13.72
CA GLU C 218 28.54 46.15 -13.83
C GLU C 218 29.37 46.47 -12.57
N GLN C 219 29.12 47.63 -11.97
CA GLN C 219 29.78 48.00 -10.73
C GLN C 219 29.31 47.16 -9.54
N GLU C 220 28.01 46.85 -9.51
CA GLU C 220 27.48 46.03 -8.44
C GLU C 220 27.92 44.59 -8.59
N ALA C 221 28.00 44.11 -9.83
CA ALA C 221 28.59 42.79 -10.08
C ALA C 221 30.02 42.72 -9.55
N GLU C 222 30.77 43.82 -9.67
CA GLU C 222 32.15 43.83 -9.17
C GLU C 222 32.20 43.85 -7.65
N ALA C 223 31.21 44.45 -7.01
CA ALA C 223 31.13 44.34 -5.56
C ALA C 223 30.90 42.87 -5.16
N ILE C 224 29.96 42.19 -5.85
CA ILE C 224 29.69 40.78 -5.58
C ILE C 224 30.98 39.95 -5.74
N GLN C 225 31.73 40.20 -6.81
CA GLN C 225 32.97 39.47 -7.03
C GLN C 225 33.97 39.70 -5.90
N ALA C 226 34.09 40.95 -5.46
CA ALA C 226 35.02 41.28 -4.39
C ALA C 226 34.60 40.63 -3.07
N LEU C 227 33.29 40.52 -2.82
CA LEU C 227 32.81 39.82 -1.62
C LEU C 227 33.17 38.35 -1.65
N ARG C 228 32.94 37.71 -2.79
CA ARG C 228 33.27 36.30 -2.96
C ARG C 228 34.77 36.05 -2.68
N ASP C 229 35.63 36.93 -3.20
CA ASP C 229 37.07 36.81 -2.93
C ASP C 229 37.37 37.00 -1.45
N ALA C 230 36.71 37.96 -0.81
CA ALA C 230 37.02 38.24 0.57
C ALA C 230 36.44 37.19 1.54
N PHE C 231 35.32 36.57 1.13
CA PHE C 231 34.57 35.65 2.01
C PHE C 231 34.26 34.36 1.29
N PRO C 232 35.28 33.51 1.11
CA PRO C 232 35.03 32.27 0.40
C PRO C 232 34.02 31.43 1.19
N GLY C 233 33.13 30.76 0.47
CA GLY C 233 32.22 29.84 1.12
C GLY C 233 30.96 30.45 1.74
N LEU C 234 30.87 31.78 1.83
CA LEU C 234 29.62 32.40 2.29
C LEU C 234 28.65 32.60 1.14
N PRO C 235 27.43 32.09 1.25
CA PRO C 235 26.38 32.35 0.25
C PRO C 235 26.15 33.86 0.04
N LEU C 236 25.92 34.24 -1.22
CA LEU C 236 25.78 35.64 -1.59
C LEU C 236 24.48 35.83 -2.34
N ARG C 237 23.83 36.95 -2.07
CA ARG C 237 22.61 37.30 -2.77
C ARG C 237 22.72 38.75 -3.17
N LEU C 238 22.05 39.10 -4.27
CA LEU C 238 22.06 40.45 -4.78
C LEU C 238 20.60 40.84 -5.04
N ASP C 239 20.23 42.06 -4.64
CA ASP C 239 18.83 42.50 -4.73
C ASP C 239 18.70 43.92 -5.30
N PRO C 240 18.47 44.03 -6.62
CA PRO C 240 18.34 45.39 -7.21
C PRO C 240 16.92 45.99 -7.17
N ASN C 241 15.98 45.31 -6.52
CA ASN C 241 14.60 45.84 -6.38
C ASN C 241 14.01 46.29 -7.72
N ALA C 242 14.11 45.42 -8.72
CA ALA C 242 13.47 45.58 -10.01
C ALA C 242 14.04 46.77 -10.77
N ALA C 243 15.29 47.13 -10.47
CA ALA C 243 15.93 48.28 -11.12
C ALA C 243 16.42 48.00 -12.57
N TRP C 244 16.44 46.73 -12.98
CA TRP C 244 16.98 46.37 -14.30
C TRP C 244 15.99 45.94 -15.32
N THR C 245 16.40 46.03 -16.59
CA THR C 245 15.64 45.49 -17.71
C THR C 245 15.83 43.99 -17.79
N VAL C 246 14.93 43.33 -18.53
CA VAL C 246 15.09 41.91 -18.75
C VAL C 246 16.45 41.62 -19.35
N GLU C 247 16.87 42.41 -20.35
CA GLU C 247 18.12 42.12 -21.07
C GLU C 247 19.34 42.21 -20.15
N THR C 248 19.44 43.29 -19.41
CA THR C 248 20.50 43.46 -18.42
C THR C 248 20.50 42.33 -17.36
N SER C 249 19.32 41.97 -16.90
CA SER C 249 19.20 40.95 -15.84
C SER C 249 19.83 39.66 -16.32
N ILE C 250 19.51 39.32 -17.56
CA ILE C 250 20.01 38.09 -18.12
C ILE C 250 21.52 38.13 -18.28
N ARG C 251 22.03 39.29 -18.69
CA ARG C 251 23.47 39.47 -18.87
C ARG C 251 24.18 39.29 -17.55
N VAL C 252 23.74 40.06 -16.54
CA VAL C 252 24.33 40.00 -15.20
C VAL C 252 24.16 38.62 -14.59
N GLY C 253 22.98 38.04 -14.79
CA GLY C 253 22.72 36.70 -14.32
C GLY C 253 23.77 35.73 -14.80
N ARG C 254 24.08 35.75 -16.10
CA ARG C 254 25.05 34.81 -16.65
C ARG C 254 26.48 35.16 -16.22
N ALA C 255 26.78 36.45 -16.09
CA ALA C 255 28.11 36.85 -15.61
C ALA C 255 28.37 36.42 -14.18
N LEU C 256 27.31 36.26 -13.39
CA LEU C 256 27.47 35.86 -11.99
C LEU C 256 27.20 34.37 -11.76
N ASP C 257 27.35 33.57 -12.81
CA ASP C 257 27.14 32.13 -12.71
C ASP C 257 28.00 31.49 -11.63
N GLY C 258 27.38 30.69 -10.78
CA GLY C 258 28.09 29.97 -9.73
C GLY C 258 28.53 30.84 -8.58
N VAL C 259 28.17 32.12 -8.60
CA VAL C 259 28.53 33.04 -7.51
C VAL C 259 27.39 33.35 -6.55
N LEU C 260 26.17 33.49 -7.05
CA LEU C 260 25.01 33.85 -6.21
C LEU C 260 24.18 32.65 -5.81
N GLU C 261 23.79 32.61 -4.54
CA GLU C 261 22.74 31.69 -4.06
C GLU C 261 21.42 32.03 -4.77
N TYR C 262 21.09 33.31 -4.85
CA TYR C 262 19.95 33.71 -5.68
C TYR C 262 20.00 35.15 -6.13
N LEU C 263 19.21 35.48 -7.14
CA LEU C 263 19.14 36.85 -7.61
C LEU C 263 17.73 37.35 -7.33
N GLU C 264 17.61 38.37 -6.50
CA GLU C 264 16.29 38.83 -6.01
C GLU C 264 15.75 39.99 -6.83
N ASP C 265 14.51 39.86 -7.32
CA ASP C 265 13.82 40.94 -8.04
C ASP C 265 14.71 41.74 -9.01
N PRO C 266 15.31 41.08 -10.01
CA PRO C 266 16.14 41.87 -10.93
C PRO C 266 15.32 42.85 -11.77
N THR C 267 14.08 42.50 -12.09
CA THR C 267 13.31 43.27 -13.07
C THR C 267 11.81 43.27 -12.72
N PRO C 268 11.06 44.27 -13.19
CA PRO C 268 9.66 44.42 -12.79
C PRO C 268 8.70 43.38 -13.37
N GLY C 269 7.74 42.94 -12.56
CA GLY C 269 6.57 42.22 -13.07
C GLY C 269 6.76 40.73 -13.22
N ILE C 270 5.69 39.96 -13.02
CA ILE C 270 5.78 38.51 -13.15
C ILE C 270 6.29 38.07 -14.53
N ASP C 271 5.81 38.73 -15.60
CA ASP C 271 6.20 38.35 -16.97
C ASP C 271 7.70 38.53 -17.24
N GLY C 272 8.21 39.72 -16.94
CA GLY C 272 9.64 39.97 -17.04
C GLY C 272 10.47 39.02 -16.19
N MET C 273 10.05 38.79 -14.96
CA MET C 273 10.80 37.87 -14.09
C MET C 273 10.82 36.50 -14.70
N ALA C 274 9.67 36.07 -15.24
CA ALA C 274 9.57 34.73 -15.82
C ALA C 274 10.53 34.57 -17.01
N ARG C 275 10.71 35.64 -17.78
CA ARG C 275 11.65 35.60 -18.91
C ARG C 275 13.10 35.57 -18.46
N VAL C 276 13.40 36.30 -17.38
CA VAL C 276 14.76 36.24 -16.84
C VAL C 276 15.05 34.87 -16.27
N ALA C 277 14.08 34.29 -15.57
CA ALA C 277 14.32 33.02 -14.86
C ALA C 277 14.72 31.86 -15.78
N ALA C 278 14.11 31.81 -16.96
CA ALA C 278 14.38 30.76 -17.96
C ALA C 278 15.77 30.87 -18.60
N GLU C 279 16.48 31.97 -18.34
CA GLU C 279 17.72 32.26 -19.07
C GLU C 279 18.95 32.47 -18.18
N VAL C 280 18.76 32.47 -16.86
CA VAL C 280 19.89 32.60 -15.94
C VAL C 280 20.07 31.32 -15.14
N PRO C 281 21.32 31.04 -14.70
CA PRO C 281 21.62 29.76 -14.06
C PRO C 281 21.22 29.65 -12.58
N MET C 282 21.07 30.77 -11.88
CA MET C 282 20.67 30.70 -10.48
C MET C 282 19.17 30.98 -10.31
N PRO C 283 18.59 30.51 -9.20
CA PRO C 283 17.16 30.77 -8.98
C PRO C 283 16.84 32.26 -8.84
N LEU C 284 15.63 32.69 -9.18
CA LEU C 284 15.23 34.06 -8.83
C LEU C 284 14.43 34.06 -7.52
N ALA C 285 14.50 35.18 -6.81
CA ALA C 285 13.71 35.39 -5.58
C ALA C 285 12.90 36.66 -5.75
N THR C 286 11.84 36.83 -4.97
CA THR C 286 11.03 38.06 -5.02
C THR C 286 10.39 38.42 -3.69
N ASN C 287 10.35 39.72 -3.41
CA ASN C 287 9.38 40.29 -2.46
C ASN C 287 8.65 41.47 -3.09
N MET C 288 8.51 41.46 -4.40
CA MET C 288 7.86 42.57 -5.08
C MET C 288 6.69 42.15 -5.98
N CYS C 289 6.84 41.05 -6.70
CA CYS C 289 5.78 40.67 -7.62
C CYS C 289 4.90 39.51 -7.11
N VAL C 290 5.30 38.89 -6.00
CA VAL C 290 4.42 37.94 -5.29
C VAL C 290 4.39 38.36 -3.84
N VAL C 291 3.35 39.07 -3.45
CA VAL C 291 3.33 39.69 -2.12
C VAL C 291 1.96 39.55 -1.43
N THR C 292 1.05 38.80 -2.05
CA THR C 292 -0.25 38.53 -1.42
C THR C 292 -0.79 37.24 -2.03
N PRO C 293 -1.73 36.56 -1.35
CA PRO C 293 -2.12 35.26 -1.89
C PRO C 293 -2.74 35.27 -3.30
N GLU C 294 -3.41 36.36 -3.70
CA GLU C 294 -3.92 36.49 -5.06
C GLU C 294 -2.83 36.32 -6.13
N HIS C 295 -1.57 36.54 -5.79
CA HIS C 295 -0.49 36.42 -6.77
C HIS C 295 0.02 35.03 -6.94
N LEU C 296 -0.34 34.12 -6.03
CA LEU C 296 0.29 32.80 -6.05
C LEU C 296 -0.10 31.95 -7.28
N PRO C 297 -1.35 32.02 -7.69
CA PRO C 297 -1.65 31.15 -8.82
C PRO C 297 -0.87 31.58 -10.08
N ALA C 298 -0.68 32.88 -10.30
CA ALA C 298 0.16 33.32 -11.41
C ALA C 298 1.63 32.90 -11.23
N ALA C 299 2.14 32.93 -10.00
CA ALA C 299 3.51 32.49 -9.74
C ALA C 299 3.67 31.00 -10.06
N VAL C 300 2.65 30.21 -9.75
CA VAL C 300 2.70 28.78 -10.03
C VAL C 300 2.67 28.56 -11.53
N GLU C 301 1.78 29.28 -12.20
CA GLU C 301 1.60 29.11 -13.63
C GLU C 301 2.82 29.59 -14.41
N ARG C 302 3.31 30.79 -14.11
CA ARG C 302 4.38 31.42 -14.90
C ARG C 302 5.82 31.11 -14.43
N ARG C 303 5.97 30.68 -13.18
CA ARG C 303 7.31 30.40 -12.65
C ARG C 303 8.28 31.58 -12.72
N PRO C 304 7.85 32.72 -12.21
CA PRO C 304 8.82 33.83 -12.16
C PRO C 304 9.93 33.59 -11.12
N ILE C 305 9.71 32.68 -10.17
CA ILE C 305 10.61 32.51 -9.03
C ILE C 305 10.87 31.08 -8.55
N GLY C 306 12.06 30.89 -7.99
CA GLY C 306 12.44 29.68 -7.30
C GLY C 306 12.33 29.88 -5.78
N VAL C 307 12.39 31.14 -5.33
CA VAL C 307 12.39 31.43 -3.90
C VAL C 307 11.45 32.58 -3.57
N LEU C 308 10.53 32.36 -2.63
CA LEU C 308 9.66 33.45 -2.20
C LEU C 308 10.19 34.03 -0.88
N LEU C 309 10.32 35.35 -0.81
CA LEU C 309 10.68 35.98 0.44
C LEU C 309 9.39 36.35 1.16
N ILE C 310 9.14 35.65 2.25
CA ILE C 310 7.90 35.85 3.00
C ILE C 310 8.15 36.95 4.06
N ASP C 311 7.10 37.64 4.47
CA ASP C 311 7.28 38.68 5.49
C ASP C 311 5.93 38.76 6.20
N HIS C 312 5.93 38.44 7.49
CA HIS C 312 4.68 38.27 8.20
C HIS C 312 3.99 39.62 8.36
N HIS C 313 4.77 40.71 8.18
CA HIS C 313 4.20 42.10 8.32
C HIS C 313 3.24 42.45 7.22
N TYR C 314 3.35 41.79 6.06
CA TYR C 314 2.39 42.04 4.99
C TYR C 314 1.69 40.81 4.46
N TRP C 315 2.11 39.62 4.88
CA TRP C 315 1.33 38.42 4.56
C TRP C 315 0.26 38.14 5.62
N GLY C 316 0.26 38.89 6.72
CA GLY C 316 -0.86 38.80 7.67
C GLY C 316 -0.63 38.01 8.94
N GLY C 317 0.60 38.02 9.41
CA GLY C 317 0.90 37.45 10.71
C GLY C 317 1.53 36.07 10.60
N LEU C 318 1.83 35.50 11.75
CA LEU C 318 2.66 34.30 11.81
C LEU C 318 1.94 33.08 11.29
N VAL C 319 0.65 32.96 11.63
CA VAL C 319 -0.10 31.77 11.21
C VAL C 319 -0.35 31.73 9.70
N ARG C 320 -0.83 32.84 9.15
CA ARG C 320 -1.01 32.94 7.72
C ARG C 320 0.31 32.72 6.99
N SER C 321 1.41 33.28 7.49
CA SER C 321 2.70 33.04 6.85
C SER C 321 3.06 31.57 6.84
N ALA C 322 2.78 30.88 7.94
CA ALA C 322 3.07 29.46 8.02
C ALA C 322 2.21 28.69 7.03
N HIS C 323 0.96 29.09 6.82
CA HIS C 323 0.15 28.43 5.81
C HIS C 323 0.71 28.64 4.41
N ILE C 324 1.20 29.85 4.14
CA ILE C 324 1.77 30.14 2.83
C ILE C 324 3.04 29.30 2.58
N ALA C 325 3.82 29.12 3.63
CA ALA C 325 5.03 28.26 3.54
C ALA C 325 4.68 26.85 3.09
N THR C 326 3.61 26.28 3.62
CA THR C 326 3.14 24.92 3.26
C THR C 326 2.74 24.86 1.78
N LEU C 327 2.00 25.87 1.35
CA LEU C 327 1.59 26.01 -0.05
C LEU C 327 2.82 26.09 -0.96
N CYS C 328 3.76 26.96 -0.63
CA CYS C 328 4.99 27.06 -1.41
C CYS C 328 5.72 25.74 -1.50
N ALA C 329 5.85 25.03 -0.38
CA ALA C 329 6.54 23.74 -0.38
C ALA C 329 5.83 22.75 -1.29
N THR C 330 4.50 22.74 -1.26
CA THR C 330 3.73 21.84 -2.14
C THR C 330 4.01 22.10 -3.62
N PHE C 331 4.22 23.36 -4.00
CA PHE C 331 4.43 23.69 -5.40
C PHE C 331 5.90 23.84 -5.74
N GLY C 332 6.76 23.41 -4.83
CA GLY C 332 8.19 23.34 -5.09
C GLY C 332 8.91 24.68 -5.05
N ILE C 333 8.40 25.61 -4.29
CA ILE C 333 9.04 26.95 -4.17
C ILE C 333 9.69 27.01 -2.81
N GLU C 334 10.95 27.44 -2.75
CA GLU C 334 11.66 27.59 -1.47
C GLU C 334 11.35 28.92 -0.78
N LEU C 335 11.64 29.01 0.52
CA LEU C 335 11.34 30.22 1.28
C LEU C 335 12.55 30.83 1.95
N SER C 336 12.56 32.16 1.96
CA SER C 336 13.44 32.92 2.83
C SER C 336 12.57 33.99 3.46
N MET C 337 13.16 34.90 4.21
CA MET C 337 12.36 35.95 4.87
CA MET C 337 12.39 35.95 4.90
C MET C 337 12.87 37.35 4.59
N HIS C 338 11.93 38.23 4.28
CA HIS C 338 12.20 39.62 3.93
C HIS C 338 12.16 40.47 5.16
N SER C 339 12.89 41.59 5.13
CA SER C 339 13.06 42.45 6.30
C SER C 339 12.98 43.91 5.89
N ASN C 340 12.33 44.74 6.71
CA ASN C 340 12.45 46.21 6.64
C ASN C 340 12.99 46.71 7.99
N SER C 341 13.53 47.92 8.05
CA SER C 341 14.00 48.48 9.32
C SER C 341 12.98 48.20 10.42
N HIS C 342 13.40 47.58 11.52
CA HIS C 342 12.44 47.07 12.50
C HIS C 342 13.10 47.01 13.82
N LEU C 343 12.34 46.74 14.88
CA LEU C 343 12.91 46.70 16.22
C LEU C 343 12.89 45.27 16.77
N GLY C 344 13.06 45.10 18.08
CA GLY C 344 13.20 43.75 18.69
C GLY C 344 11.92 42.94 18.72
N ILE C 345 10.78 43.60 18.67
CA ILE C 345 9.53 42.84 18.74
C ILE C 345 9.39 42.08 17.43
N SER C 346 9.63 42.76 16.32
CA SER C 346 9.60 42.11 15.03
C SER C 346 10.68 41.06 14.87
N LEU C 347 11.87 41.35 15.35
CA LEU C 347 12.93 40.31 15.31
C LEU C 347 12.52 39.05 16.10
N ALA C 348 11.97 39.23 17.32
CA ALA C 348 11.47 38.05 18.04
C ALA C 348 10.41 37.33 17.20
N ALA C 349 9.45 38.08 16.63
CA ALA C 349 8.39 37.37 15.87
C ALA C 349 8.97 36.63 14.66
N MET C 350 9.89 37.26 13.94
CA MET C 350 10.47 36.65 12.75
C MET C 350 11.18 35.37 13.15
N THR C 351 11.84 35.43 14.31
CA THR C 351 12.67 34.31 14.78
C THR C 351 11.79 33.11 15.18
N HIS C 352 10.71 33.35 15.93
CA HIS C 352 9.75 32.27 16.21
C HIS C 352 9.20 31.63 14.96
N LEU C 353 8.85 32.45 13.98
CA LEU C 353 8.25 31.94 12.74
C LEU C 353 9.27 31.07 11.99
N ALA C 354 10.47 31.59 11.82
CA ALA C 354 11.49 30.84 11.08
C ALA C 354 11.88 29.59 11.84
N ALA C 355 11.93 29.67 13.15
CA ALA C 355 12.37 28.50 13.90
C ALA C 355 11.36 27.37 13.73
N ALA C 356 10.09 27.70 13.50
CA ALA C 356 9.05 26.66 13.52
C ALA C 356 8.59 26.26 12.12
N THR C 357 9.23 26.78 11.10
CA THR C 357 8.78 26.54 9.72
C THR C 357 9.87 25.77 8.93
N PRO C 358 9.67 24.46 8.74
CA PRO C 358 10.65 23.63 8.03
C PRO C 358 11.03 24.20 6.66
N ALA C 359 10.09 24.80 5.94
CA ALA C 359 10.36 25.27 4.57
C ALA C 359 11.23 26.53 4.49
N ILE C 360 11.33 27.28 5.58
CA ILE C 360 12.25 28.41 5.62
C ILE C 360 13.66 27.90 5.85
N THR C 361 14.39 27.65 4.75
CA THR C 361 15.69 26.99 4.82
C THR C 361 16.88 27.91 4.47
N HIS C 362 16.61 29.09 3.91
CA HIS C 362 17.68 30.07 3.63
C HIS C 362 17.83 31.03 4.79
N ALA C 363 19.03 31.60 4.97
CA ALA C 363 19.24 32.60 6.00
C ALA C 363 18.21 33.73 5.77
N CYS C 364 17.64 34.24 6.86
CA CYS C 364 16.70 35.35 6.82
C CYS C 364 17.41 36.71 6.75
N ASP C 365 16.76 37.70 6.17
CA ASP C 365 17.28 39.08 6.21
C ASP C 365 16.95 39.80 7.51
N THR C 366 17.85 40.69 7.91
CA THR C 366 17.54 41.63 8.99
C THR C 366 18.34 42.93 8.87
N HIS C 367 17.70 44.03 9.29
CA HIS C 367 18.31 45.34 9.37
C HIS C 367 18.92 45.62 10.71
N THR C 368 18.85 44.65 11.63
CA THR C 368 19.26 44.88 13.00
C THR C 368 20.57 45.67 13.23
N PRO C 369 21.63 45.31 12.50
CA PRO C 369 22.92 45.97 12.74
C PRO C 369 22.86 47.50 12.47
N TRP C 370 22.04 47.91 11.51
CA TRP C 370 21.95 49.34 11.16
C TRP C 370 21.28 50.18 12.18
N GLN C 371 20.50 49.56 13.07
CA GLN C 371 19.81 50.30 14.12
C GLN C 371 20.71 50.58 15.31
N ASP C 372 21.90 49.99 15.25
CA ASP C 372 22.95 50.36 16.21
C ASP C 372 22.53 50.23 17.67
N GLY C 373 21.75 49.20 18.01
CA GLY C 373 21.40 48.97 19.38
C GLY C 373 20.19 49.74 19.91
N GLN C 374 19.57 50.57 19.08
CA GLN C 374 18.32 51.23 19.48
C GLN C 374 17.21 50.17 19.60
N ASP C 375 16.43 50.19 20.68
CA ASP C 375 15.36 49.16 20.81
C ASP C 375 14.40 49.52 21.91
N VAL C 376 13.20 48.93 21.86
CA VAL C 376 12.16 49.23 22.83
C VAL C 376 11.91 48.05 23.75
N VAL C 377 12.68 46.97 23.60
CA VAL C 377 12.53 45.84 24.51
C VAL C 377 13.70 45.77 25.50
N ALA C 378 13.50 45.05 26.60
CA ALA C 378 14.56 44.89 27.58
C ALA C 378 15.70 44.04 27.01
N PRO C 379 16.93 44.39 27.37
CA PRO C 379 18.07 43.66 26.82
C PRO C 379 18.19 42.26 27.38
N GLY C 380 18.91 41.40 26.67
CA GLY C 380 19.24 40.09 27.21
C GLY C 380 18.41 38.95 26.65
N ALA C 381 17.35 39.28 25.90
CA ALA C 381 16.44 38.26 25.38
C ALA C 381 16.84 37.84 23.98
N LEU C 382 17.28 38.82 23.18
CA LEU C 382 17.67 38.59 21.80
C LEU C 382 19.17 38.75 21.69
N ARG C 383 19.84 37.77 21.12
CA ARG C 383 21.30 37.84 20.98
C ARG C 383 21.65 37.17 19.67
N PHE C 384 22.80 37.51 19.08
CA PHE C 384 23.23 36.81 17.90
C PHE C 384 24.40 35.92 18.31
N VAL C 385 24.34 34.65 17.92
CA VAL C 385 25.40 33.71 18.24
C VAL C 385 25.85 33.09 16.93
N ASP C 386 27.05 33.44 16.47
CA ASP C 386 27.52 32.91 15.19
C ASP C 386 26.51 33.18 14.06
N GLY C 387 25.93 34.38 14.06
CA GLY C 387 25.17 34.82 12.89
C GLY C 387 23.71 34.41 13.05
N ALA C 388 23.37 33.75 14.16
CA ALA C 388 22.00 33.19 14.35
C ALA C 388 21.38 33.68 15.65
N VAL C 389 20.05 33.81 15.64
CA VAL C 389 19.36 34.21 16.86
C VAL C 389 18.69 32.96 17.46
N PRO C 390 19.08 32.61 18.70
CA PRO C 390 18.45 31.50 19.40
C PRO C 390 17.01 31.87 19.72
N VAL C 391 16.08 30.95 19.58
CA VAL C 391 14.69 31.30 20.00
C VAL C 391 14.69 31.75 21.45
N PRO C 392 14.07 32.89 21.73
CA PRO C 392 14.11 33.42 23.11
C PRO C 392 13.49 32.44 24.15
N ASP C 393 13.87 32.62 25.42
CA ASP C 393 13.57 31.69 26.52
C ASP C 393 12.14 31.79 27.07
N GLY C 394 11.65 33.01 27.24
CA GLY C 394 10.38 33.24 27.99
C GLY C 394 9.16 32.74 27.25
N PRO C 395 8.05 32.47 27.98
CA PRO C 395 6.82 32.18 27.27
C PRO C 395 6.42 33.36 26.37
N GLY C 396 5.60 33.11 25.34
CA GLY C 396 5.21 34.14 24.39
C GLY C 396 6.38 34.46 23.45
N LEU C 397 6.53 35.71 23.07
CA LEU C 397 7.63 36.13 22.18
C LEU C 397 8.96 36.11 22.90
N GLY C 398 8.92 36.19 24.21
CA GLY C 398 10.16 36.15 25.01
C GLY C 398 10.83 37.50 25.11
N VAL C 399 10.10 38.57 24.76
CA VAL C 399 10.59 39.94 24.95
C VAL C 399 9.59 40.75 25.76
N GLU C 400 10.10 41.73 26.49
CA GLU C 400 9.25 42.59 27.28
C GLU C 400 9.57 44.04 26.99
N LEU C 401 8.56 44.87 27.09
CA LEU C 401 8.66 46.26 26.73
C LEU C 401 9.52 47.01 27.75
N ASP C 402 10.47 47.81 27.26
CA ASP C 402 11.17 48.77 28.11
C ASP C 402 10.43 50.12 28.02
N ARG C 403 9.61 50.43 29.02
CA ARG C 403 8.67 51.55 28.89
C ARG C 403 9.34 52.92 28.83
N ASP C 404 10.50 53.04 29.45
CA ASP C 404 11.26 54.27 29.33
C ASP C 404 11.78 54.45 27.91
N ALA C 405 12.31 53.39 27.32
CA ALA C 405 12.76 53.52 25.92
C ALA C 405 11.58 53.78 25.00
N LEU C 406 10.42 53.18 25.28
CA LEU C 406 9.27 53.39 24.40
C LEU C 406 8.91 54.89 24.46
N ALA C 407 8.95 55.48 25.64
CA ALA C 407 8.62 56.91 25.79
C ALA C 407 9.61 57.85 25.04
N VAL C 408 10.90 57.54 25.09
CA VAL C 408 11.91 58.30 24.37
C VAL C 408 11.64 58.21 22.87
N MET C 409 11.42 57.01 22.34
CA MET C 409 11.16 56.86 20.91
C MET C 409 9.83 57.50 20.46
N HIS C 410 8.86 57.52 21.34
CA HIS C 410 7.60 58.14 20.98
C HIS C 410 7.78 59.64 20.92
N GLU C 411 8.60 60.17 21.81
CA GLU C 411 8.88 61.62 21.78
C GLU C 411 9.68 61.95 20.52
N GLN C 412 10.62 61.09 20.15
CA GLN C 412 11.32 61.26 18.88
C GLN C 412 10.37 61.34 17.69
N TYR C 413 9.33 60.50 17.69
CA TYR C 413 8.34 60.53 16.65
C TYR C 413 7.62 61.89 16.63
N GLU C 414 7.22 62.37 17.80
CA GLU C 414 6.49 63.63 17.89
C GLU C 414 7.31 64.81 17.30
N ARG C 415 8.63 64.82 17.53
CA ARG C 415 9.52 65.90 17.09
C ARG C 415 10.20 65.73 15.73
N CYS C 416 10.12 64.54 15.14
CA CYS C 416 11.05 64.24 14.04
C CYS C 416 10.65 64.82 12.69
N GLY C 417 9.40 65.23 12.53
CA GLY C 417 8.98 65.92 11.31
C GLY C 417 8.76 65.01 10.10
N ILE C 418 8.82 63.69 10.31
CA ILE C 418 8.59 62.73 9.24
C ILE C 418 7.34 61.96 9.65
N ARG C 419 6.39 61.78 8.72
CA ARG C 419 5.15 61.03 9.02
C ARG C 419 4.95 59.80 8.11
N THR C 420 5.62 59.79 6.97
CA THR C 420 5.54 58.66 6.04
C THR C 420 6.90 58.45 5.42
N ARG C 421 7.31 57.21 5.32
CA ARG C 421 8.55 56.83 4.65
C ARG C 421 8.53 57.28 3.18
N ASP C 422 9.52 58.09 2.78
CA ASP C 422 9.54 58.58 1.40
C ASP C 422 11.00 58.66 0.89
N ASP C 423 11.59 57.51 0.59
CA ASP C 423 12.98 57.46 0.13
C ASP C 423 13.19 58.33 -1.14
N GLU C 424 12.20 58.32 -2.03
CA GLU C 424 12.32 59.00 -3.32
C GLU C 424 12.24 60.49 -3.14
N GLY C 425 11.29 60.93 -2.31
CA GLY C 425 11.13 62.32 -1.93
C GLY C 425 12.38 62.88 -1.29
N TYR C 426 12.99 62.09 -0.39
CA TYR C 426 14.24 62.51 0.24
C TYR C 426 15.35 62.65 -0.81
N MET C 427 15.55 61.64 -1.67
CA MET C 427 16.53 61.79 -2.76
C MET C 427 16.24 62.99 -3.70
N ARG C 428 14.98 63.19 -4.06
CA ARG C 428 14.58 64.31 -4.92
C ARG C 428 14.83 65.69 -4.33
N SER C 429 14.94 65.77 -3.00
CA SER C 429 15.27 67.05 -2.39
C SER C 429 16.70 67.49 -2.74
N PHE C 430 17.53 66.55 -3.20
CA PHE C 430 18.89 66.84 -3.68
C PHE C 430 18.94 66.81 -5.20
N ASP C 431 18.39 65.77 -5.79
CA ASP C 431 18.37 65.62 -7.27
C ASP C 431 16.93 65.55 -7.78
N PRO C 432 16.38 66.68 -8.21
CA PRO C 432 14.95 66.75 -8.58
C PRO C 432 14.58 65.86 -9.76
N SER C 433 15.53 65.51 -10.61
CA SER C 433 15.24 64.61 -11.73
C SER C 433 15.32 63.12 -11.36
N PHE C 434 15.65 62.79 -10.11
CA PHE C 434 15.70 61.39 -9.72
C PHE C 434 14.28 60.82 -9.71
N SER C 435 14.10 59.61 -10.23
CA SER C 435 12.89 58.83 -9.95
C SER C 435 13.27 57.42 -9.54
N THR C 436 12.40 56.77 -8.79
CA THR C 436 12.65 55.38 -8.38
C THR C 436 13.02 54.58 -9.62
N ARG C 437 14.15 53.86 -9.58
CA ARG C 437 14.61 53.08 -10.70
C ARG C 437 13.79 51.80 -10.87
N ARG C 438 13.10 51.68 -11.99
CA ARG C 438 12.28 50.55 -12.32
C ARG C 438 12.54 50.13 -13.77
N GLY C 439 13.21 49.03 -14.01
CA GLY C 439 13.66 48.66 -15.36
C GLY C 439 14.43 49.81 -16.00
N PHE C 440 15.41 50.33 -15.28
CA PHE C 440 16.12 51.54 -15.64
C PHE C 440 17.47 51.22 -16.27
N TRP C 441 18.17 50.25 -15.70
CA TRP C 441 19.46 49.86 -16.28
C TRP C 441 19.32 48.66 -17.17
N HIS D 5 18.69 -6.79 8.45
CA HIS D 5 18.57 -5.69 9.45
C HIS D 5 17.55 -4.67 9.04
N HIS D 6 16.47 -4.58 9.80
CA HIS D 6 15.40 -3.63 9.50
C HIS D 6 15.60 -2.26 10.09
N HIS D 7 16.54 -2.14 11.01
CA HIS D 7 16.94 -0.80 11.50
C HIS D 7 15.78 -0.05 12.12
N SER D 8 15.00 -0.75 12.95
CA SER D 8 13.90 -0.14 13.70
C SER D 8 12.61 0.03 12.90
N SER D 9 12.66 -0.16 11.58
CA SER D 9 11.47 0.14 10.76
C SER D 9 10.69 -1.11 10.40
N GLY D 10 9.38 -1.10 10.68
CA GLY D 10 8.52 -2.22 10.31
C GLY D 10 8.52 -3.35 11.33
N VAL D 11 9.19 -3.15 12.47
CA VAL D 11 9.39 -4.25 13.42
C VAL D 11 8.82 -3.96 14.82
N ASP D 12 8.53 -4.99 15.59
CA ASP D 12 8.21 -4.81 17.02
C ASP D 12 9.36 -4.10 17.72
N LEU D 13 9.04 -3.20 18.65
CA LEU D 13 10.03 -2.39 19.37
C LEU D 13 11.20 -3.23 19.89
N GLY D 14 12.41 -2.84 19.50
CA GLY D 14 13.63 -3.52 19.96
C GLY D 14 14.01 -4.84 19.33
N THR D 15 13.28 -5.30 18.31
CA THR D 15 13.59 -6.60 17.74
C THR D 15 13.86 -6.47 16.26
N GLU D 16 14.06 -7.61 15.59
CA GLU D 16 14.10 -7.66 14.13
C GLU D 16 12.85 -8.34 13.54
N ASN D 17 11.81 -8.49 14.36
CA ASN D 17 10.61 -9.23 13.93
C ASN D 17 9.59 -8.30 13.29
N LEU D 18 9.29 -8.51 12.02
CA LEU D 18 8.36 -7.64 11.30
C LEU D 18 6.98 -7.82 11.86
N TYR D 19 6.21 -6.74 11.98
CA TYR D 19 4.78 -6.95 12.23
C TYR D 19 3.99 -7.12 10.93
N PHE D 20 2.71 -7.50 11.02
CA PHE D 20 1.87 -7.65 9.82
C PHE D 20 2.03 -6.49 8.84
N GLN D 21 2.44 -6.82 7.62
CA GLN D 21 2.81 -5.86 6.60
C GLN D 21 1.74 -5.80 5.49
N SER D 22 1.68 -4.65 4.83
CA SER D 22 0.94 -4.45 3.61
C SER D 22 1.90 -3.82 2.58
N MET D 23 1.87 -4.27 1.32
CA MET D 23 2.74 -3.71 0.27
C MET D 23 1.95 -3.53 -1.03
N LEU D 24 1.48 -2.33 -1.29
CA LEU D 24 0.51 -2.14 -2.35
C LEU D 24 1.20 -1.60 -3.58
N ILE D 25 0.72 -2.01 -4.74
CA ILE D 25 1.19 -1.44 -5.98
C ILE D 25 0.77 0.04 -6.10
N ARG D 26 1.74 0.89 -6.37
CA ARG D 26 1.49 2.31 -6.62
C ARG D 26 1.23 2.57 -8.11
N GLU D 27 2.10 2.06 -8.97
CA GLU D 27 1.84 2.22 -10.40
C GLU D 27 2.60 1.17 -11.18
N VAL D 28 2.22 1.02 -12.44
CA VAL D 28 2.85 0.04 -13.29
C VAL D 28 3.21 0.70 -14.60
N ARG D 29 4.50 0.71 -14.92
CA ARG D 29 4.94 1.30 -16.17
C ARG D 29 5.10 0.22 -17.23
N VAL D 30 4.62 0.52 -18.43
CA VAL D 30 4.64 -0.47 -19.51
C VAL D 30 5.37 0.14 -20.67
N THR D 31 6.44 -0.52 -21.12
CA THR D 31 7.27 0.03 -22.20
C THR D 31 7.50 -0.95 -23.35
N PRO D 32 6.97 -0.64 -24.53
CA PRO D 32 7.30 -1.53 -25.65
C PRO D 32 8.72 -1.25 -26.17
N VAL D 33 9.41 -2.30 -26.58
CA VAL D 33 10.78 -2.18 -27.10
C VAL D 33 10.93 -3.00 -28.36
N ALA D 34 11.89 -2.62 -29.21
CA ALA D 34 12.20 -3.40 -30.40
C ALA D 34 13.72 -3.58 -30.43
N PHE D 35 14.14 -4.74 -30.88
CA PHE D 35 15.59 -4.98 -31.02
C PHE D 35 15.84 -5.74 -32.30
N ARG D 36 17.09 -5.77 -32.72
CA ARG D 36 17.42 -6.33 -34.05
C ARG D 36 17.41 -7.86 -33.99
N ASP D 37 16.91 -8.51 -35.06
CA ASP D 37 16.81 -9.95 -35.11
C ASP D 37 17.27 -10.35 -36.51
N PRO D 38 18.04 -11.43 -36.61
CA PRO D 38 18.53 -11.88 -37.93
C PRO D 38 17.43 -12.65 -38.66
N PRO D 39 17.63 -12.91 -39.96
CA PRO D 39 16.61 -13.58 -40.82
C PRO D 39 16.61 -15.07 -40.65
N LEU D 40 16.22 -15.53 -39.46
CA LEU D 40 16.17 -16.93 -39.16
C LEU D 40 14.93 -17.54 -39.84
N LEU D 41 15.08 -18.73 -40.38
CA LEU D 41 13.99 -19.36 -41.11
C LEU D 41 13.25 -20.37 -40.25
N ASN D 42 11.97 -20.52 -40.49
CA ASN D 42 11.23 -21.56 -39.81
C ASN D 42 10.02 -21.92 -40.68
N ALA D 43 9.18 -22.80 -40.18
CA ALA D 43 8.07 -23.31 -41.01
C ALA D 43 7.11 -22.19 -41.42
N ALA D 44 7.09 -21.12 -40.64
CA ALA D 44 6.14 -20.03 -40.87
C ALA D 44 6.70 -18.95 -41.78
N GLY D 45 7.99 -19.00 -42.08
CA GLY D 45 8.52 -17.98 -42.98
C GLY D 45 9.92 -17.56 -42.54
N VAL D 46 10.10 -16.28 -42.28
CA VAL D 46 11.41 -15.75 -41.88
C VAL D 46 11.18 -14.65 -40.84
N HIS D 47 12.04 -14.60 -39.83
CA HIS D 47 11.94 -13.56 -38.79
C HIS D 47 12.11 -12.22 -39.43
N GLN D 48 11.29 -11.24 -39.01
CA GLN D 48 11.45 -9.86 -39.38
C GLN D 48 12.71 -9.22 -38.77
N PRO D 49 13.12 -8.07 -39.31
CA PRO D 49 14.37 -7.45 -38.83
C PRO D 49 14.28 -6.85 -37.43
N TRP D 50 13.05 -6.64 -36.93
CA TRP D 50 12.83 -6.18 -35.54
C TRP D 50 12.01 -7.17 -34.77
N ALA D 51 12.44 -7.51 -33.55
CA ALA D 51 11.63 -8.33 -32.66
C ALA D 51 11.07 -7.41 -31.57
N LEU D 52 9.85 -7.68 -31.14
CA LEU D 52 9.17 -6.81 -30.19
C LEU D 52 8.99 -7.48 -28.82
N ARG D 53 9.14 -6.71 -27.74
CA ARG D 53 8.79 -7.18 -26.40
C ARG D 53 8.12 -6.01 -25.66
N THR D 54 7.54 -6.33 -24.52
CA THR D 54 6.96 -5.32 -23.63
C THR D 54 7.60 -5.50 -22.29
N ILE D 55 8.13 -4.42 -21.74
CA ILE D 55 8.75 -4.45 -20.41
C ILE D 55 7.74 -3.87 -19.41
N VAL D 56 7.56 -4.55 -18.29
CA VAL D 56 6.67 -4.07 -17.27
C VAL D 56 7.50 -3.77 -16.03
N GLU D 57 7.30 -2.60 -15.46
CA GLU D 57 7.89 -2.29 -14.16
C GLU D 57 6.79 -1.96 -13.15
N VAL D 58 6.63 -2.81 -12.14
CA VAL D 58 5.68 -2.62 -11.05
C VAL D 58 6.40 -1.86 -9.92
N VAL D 59 5.79 -0.78 -9.49
CA VAL D 59 6.36 0.07 -8.42
C VAL D 59 5.45 0.04 -7.21
N THR D 60 5.98 -0.26 -6.02
CA THR D 60 5.12 -0.33 -4.84
C THR D 60 5.10 1.04 -4.18
N ASP D 61 4.21 1.21 -3.22
CA ASP D 61 4.20 2.43 -2.41
C ASP D 61 5.56 2.65 -1.71
N GLU D 62 6.19 1.58 -1.24
CA GLU D 62 7.47 1.72 -0.52
C GLU D 62 8.68 1.91 -1.43
N GLY D 63 8.43 2.06 -2.72
CA GLY D 63 9.47 2.30 -3.70
C GLY D 63 10.18 1.07 -4.27
N ILE D 64 9.88 -0.13 -3.75
CA ILE D 64 10.45 -1.37 -4.34
C ILE D 64 9.90 -1.57 -5.76
N THR D 65 10.74 -1.97 -6.69
CA THR D 65 10.26 -2.20 -8.07
C THR D 65 10.52 -3.61 -8.53
N GLY D 66 9.67 -4.12 -9.41
CA GLY D 66 9.86 -5.45 -9.93
C GLY D 66 9.69 -5.40 -11.43
N LEU D 67 10.36 -6.28 -12.14
CA LEU D 67 10.35 -6.24 -13.60
C LEU D 67 9.71 -7.49 -14.15
N GLY D 68 8.99 -7.31 -15.26
CA GLY D 68 8.49 -8.45 -16.04
C GLY D 68 8.69 -8.16 -17.53
N GLU D 69 8.53 -9.17 -18.36
CA GLU D 69 8.77 -8.97 -19.80
C GLU D 69 7.76 -9.88 -20.46
N THR D 70 7.12 -9.41 -21.51
CA THR D 70 6.16 -10.27 -22.22
C THR D 70 6.21 -9.94 -23.73
N TYR D 71 5.32 -10.52 -24.53
CA TYR D 71 5.22 -10.24 -25.97
C TYR D 71 4.99 -8.78 -26.27
N GLY D 72 5.48 -8.36 -27.42
CA GLY D 72 5.32 -6.98 -27.88
C GLY D 72 4.25 -6.77 -28.97
N ASP D 73 3.53 -7.82 -29.37
CA ASP D 73 2.46 -7.68 -30.37
C ASP D 73 1.37 -6.68 -29.91
N LEU D 74 0.87 -5.92 -30.85
CA LEU D 74 0.03 -4.75 -30.52
C LEU D 74 -1.21 -5.07 -29.69
N ALA D 75 -1.98 -6.08 -30.09
CA ALA D 75 -3.19 -6.43 -29.34
C ALA D 75 -2.85 -6.87 -27.90
N HIS D 76 -1.77 -7.62 -27.74
CA HIS D 76 -1.35 -8.01 -26.39
C HIS D 76 -0.88 -6.80 -25.58
N LEU D 77 -0.08 -5.92 -26.20
CA LEU D 77 0.44 -4.74 -25.51
C LEU D 77 -0.72 -3.86 -25.02
N GLU D 78 -1.76 -3.76 -25.81
CA GLU D 78 -2.94 -2.96 -25.41
C GLU D 78 -3.61 -3.55 -24.19
N GLN D 79 -3.69 -4.88 -24.14
CA GLN D 79 -4.27 -5.53 -22.95
C GLN D 79 -3.39 -5.37 -21.73
N VAL D 80 -2.08 -5.46 -21.92
CA VAL D 80 -1.15 -5.27 -20.82
C VAL D 80 -1.23 -3.84 -20.29
N ARG D 81 -1.32 -2.84 -21.17
CA ARG D 81 -1.47 -1.46 -20.71
CA ARG D 81 -1.50 -1.43 -20.76
C ARG D 81 -2.80 -1.26 -19.99
N ALA D 82 -3.86 -1.88 -20.50
CA ALA D 82 -5.16 -1.73 -19.83
C ALA D 82 -5.14 -2.36 -18.44
N ALA D 83 -4.52 -3.54 -18.31
CA ALA D 83 -4.47 -4.20 -16.99
C ALA D 83 -3.59 -3.39 -16.02
N ALA D 84 -2.49 -2.85 -16.52
CA ALA D 84 -1.54 -2.12 -15.70
C ALA D 84 -2.21 -0.92 -15.08
N ALA D 85 -3.07 -0.27 -15.84
CA ALA D 85 -3.79 0.89 -15.30
C ALA D 85 -4.79 0.53 -14.20
N ARG D 86 -5.19 -0.73 -14.08
CA ARG D 86 -6.16 -1.11 -13.07
C ARG D 86 -5.58 -1.92 -11.91
N LEU D 87 -4.26 -2.05 -11.86
CA LEU D 87 -3.62 -2.80 -10.77
C LEU D 87 -3.25 -2.02 -9.49
N PRO D 88 -3.02 -0.71 -9.62
CA PRO D 88 -2.70 0.05 -8.43
C PRO D 88 -3.66 -0.22 -7.28
N GLY D 89 -3.12 -0.30 -6.07
CA GLY D 89 -3.97 -0.55 -4.91
C GLY D 89 -4.04 -1.99 -4.49
N LEU D 90 -3.61 -2.91 -5.35
CA LEU D 90 -3.59 -4.32 -4.94
C LEU D 90 -2.23 -4.66 -4.31
N ASP D 91 -2.22 -5.65 -3.41
CA ASP D 91 -1.01 -6.07 -2.69
C ASP D 91 -0.21 -7.01 -3.59
N VAL D 92 1.12 -6.89 -3.60
CA VAL D 92 1.97 -7.75 -4.45
C VAL D 92 2.00 -9.19 -4.02
N TYR D 93 1.46 -9.52 -2.84
CA TYR D 93 1.34 -10.95 -2.47
C TYR D 93 0.00 -11.52 -2.91
N ALA D 94 -0.94 -10.65 -3.26
CA ALA D 94 -2.33 -11.09 -3.49
C ALA D 94 -2.44 -11.57 -4.94
N LEU D 95 -1.69 -12.62 -5.30
CA LEU D 95 -1.66 -13.01 -6.72
C LEU D 95 -2.99 -13.56 -7.22
N HIS D 96 -3.74 -14.28 -6.38
CA HIS D 96 -5.11 -14.69 -6.79
C HIS D 96 -5.95 -13.48 -7.15
N ARG D 97 -5.86 -12.44 -6.32
CA ARG D 97 -6.71 -11.27 -6.52
C ARG D 97 -6.29 -10.49 -7.76
N ILE D 98 -4.99 -10.38 -8.02
CA ILE D 98 -4.49 -9.77 -9.23
C ILE D 98 -4.93 -10.57 -10.45
N TYR D 99 -4.85 -11.89 -10.35
CA TYR D 99 -5.28 -12.72 -11.47
C TYR D 99 -6.76 -12.40 -11.82
N ARG D 100 -7.60 -12.32 -10.81
CA ARG D 100 -9.03 -12.01 -11.04
C ARG D 100 -9.21 -10.59 -11.65
N ARG D 101 -8.40 -9.62 -11.19
CA ARG D 101 -8.46 -8.26 -11.71
C ARG D 101 -8.06 -8.25 -13.17
N VAL D 102 -7.01 -8.99 -13.54
CA VAL D 102 -6.68 -9.16 -14.96
C VAL D 102 -7.79 -9.82 -15.78
N ALA D 103 -8.37 -10.87 -15.21
CA ALA D 103 -9.51 -11.54 -15.84
C ALA D 103 -10.66 -10.58 -16.14
N ASP D 104 -10.99 -9.72 -15.19
CA ASP D 104 -12.04 -8.72 -15.40
C ASP D 104 -11.66 -7.76 -16.53
N VAL D 105 -10.40 -7.33 -16.60
CA VAL D 105 -9.99 -6.36 -17.62
C VAL D 105 -10.06 -6.96 -19.04
N VAL D 106 -9.63 -8.21 -19.21
CA VAL D 106 -9.63 -8.84 -20.54
C VAL D 106 -10.97 -9.54 -20.85
N GLY D 107 -11.98 -9.30 -20.03
CA GLY D 107 -13.38 -9.74 -20.31
C GLY D 107 -13.65 -11.21 -20.11
N ALA D 108 -12.77 -11.89 -19.38
CA ALA D 108 -12.90 -13.31 -19.08
C ALA D 108 -13.82 -13.59 -17.90
N ASN D 109 -14.51 -14.71 -17.95
CA ASN D 109 -15.21 -15.22 -16.77
C ASN D 109 -14.50 -16.46 -16.22
N ILE D 110 -13.87 -16.33 -15.05
CA ILE D 110 -13.11 -17.40 -14.42
C ILE D 110 -13.86 -17.94 -13.19
N VAL D 111 -15.17 -17.71 -13.14
CA VAL D 111 -16.03 -18.28 -12.12
C VAL D 111 -17.21 -18.97 -12.77
N SER D 122 -14.63 -18.72 -21.74
CA SER D 122 -13.42 -19.26 -21.11
C SER D 122 -12.18 -18.77 -21.84
N ARG D 123 -11.71 -17.60 -21.41
CA ARG D 123 -10.60 -16.92 -22.04
C ARG D 123 -9.33 -17.08 -21.20
N VAL D 124 -9.15 -18.26 -20.60
CA VAL D 124 -7.96 -18.53 -19.78
C VAL D 124 -6.63 -18.30 -20.53
N LYS D 125 -6.56 -18.63 -21.82
CA LYS D 125 -5.26 -18.41 -22.52
C LYS D 125 -4.89 -16.95 -22.52
N THR D 126 -5.86 -16.08 -22.75
CA THR D 126 -5.57 -14.67 -22.72
C THR D 126 -5.29 -14.17 -21.32
N VAL D 127 -6.08 -14.58 -20.35
CA VAL D 127 -5.82 -14.11 -18.98
C VAL D 127 -4.38 -14.53 -18.54
N ASP D 128 -4.05 -15.79 -18.76
CA ASP D 128 -2.68 -16.30 -18.48
C ASP D 128 -1.54 -15.49 -19.12
N ARG D 129 -1.64 -15.20 -20.43
CA ARG D 129 -0.61 -14.44 -21.15
C ARG D 129 -0.49 -13.01 -20.60
N VAL D 130 -1.62 -12.39 -20.29
CA VAL D 130 -1.57 -11.01 -19.76
C VAL D 130 -1.09 -10.96 -18.28
N PHE D 131 -1.54 -11.93 -17.47
CA PHE D 131 -1.16 -11.98 -16.06
C PHE D 131 0.36 -12.26 -15.90
N ALA D 132 0.92 -13.04 -16.82
CA ALA D 132 2.31 -13.52 -16.61
C ALA D 132 3.36 -12.45 -16.35
N ALA D 133 3.35 -11.34 -17.08
CA ALA D 133 4.39 -10.32 -16.84
C ALA D 133 4.25 -9.69 -15.47
N PHE D 134 3.01 -9.45 -15.03
CA PHE D 134 2.78 -8.88 -13.72
C PHE D 134 3.19 -9.84 -12.60
N GLU D 135 2.89 -11.11 -12.76
CA GLU D 135 3.21 -12.10 -11.75
C GLU D 135 4.76 -12.18 -11.56
N VAL D 136 5.48 -12.15 -12.65
CA VAL D 136 6.96 -12.19 -12.57
C VAL D 136 7.46 -10.96 -11.83
N ALA D 137 6.94 -9.78 -12.18
CA ALA D 137 7.32 -8.57 -11.46
C ALA D 137 6.91 -8.62 -9.98
N CYS D 138 5.73 -9.14 -9.67
CA CYS D 138 5.37 -9.28 -8.26
C CYS D 138 6.29 -10.23 -7.50
N LEU D 139 6.72 -11.31 -8.13
CA LEU D 139 7.65 -12.25 -7.50
C LEU D 139 9.02 -11.60 -7.29
N ASP D 140 9.43 -10.78 -8.24
CA ASP D 140 10.70 -10.01 -8.16
C ASP D 140 10.59 -9.13 -6.90
N ILE D 141 9.44 -8.46 -6.68
CA ILE D 141 9.27 -7.61 -5.51
C ILE D 141 9.24 -8.46 -4.21
N GLN D 142 8.54 -9.57 -4.22
CA GLN D 142 8.48 -10.41 -3.02
C GLN D 142 9.90 -10.88 -2.63
N GLY D 143 10.69 -11.22 -3.63
CA GLY D 143 12.07 -11.68 -3.36
C GLY D 143 12.86 -10.55 -2.74
N LYS D 144 12.66 -9.34 -3.26
CA LYS D 144 13.41 -8.20 -2.75
C LYS D 144 12.99 -7.88 -1.32
N ALA D 145 11.70 -7.99 -1.05
CA ALA D 145 11.18 -7.80 0.31
C ALA D 145 11.79 -8.79 1.30
N ALA D 146 11.97 -10.03 0.86
CA ALA D 146 12.47 -11.09 1.72
C ALA D 146 13.98 -11.17 1.71
N GLY D 147 14.61 -10.43 0.81
CA GLY D 147 16.07 -10.51 0.61
C GLY D 147 16.48 -11.85 0.04
N ARG D 148 15.62 -12.44 -0.79
CA ARG D 148 15.90 -13.76 -1.38
C ARG D 148 15.72 -13.73 -2.92
N PRO D 149 16.45 -14.60 -3.62
CA PRO D 149 16.20 -14.74 -5.06
C PRO D 149 14.85 -15.41 -5.30
N VAL D 150 14.30 -15.19 -6.49
CA VAL D 150 12.97 -15.72 -6.83
C VAL D 150 12.93 -17.25 -6.69
N ALA D 151 14.04 -17.93 -6.99
CA ALA D 151 14.07 -19.41 -6.83
C ALA D 151 13.62 -19.84 -5.43
N ASP D 152 13.94 -19.03 -4.42
CA ASP D 152 13.57 -19.35 -3.04
C ASP D 152 12.07 -19.25 -2.74
N LEU D 153 11.36 -18.46 -3.52
CA LEU D 153 9.90 -18.39 -3.39
C LEU D 153 9.21 -19.55 -4.11
N LEU D 154 10.00 -20.31 -4.86
CA LEU D 154 9.54 -21.44 -5.67
C LEU D 154 9.96 -22.80 -5.07
N GLY D 155 10.41 -22.82 -3.83
CA GLY D 155 10.87 -24.08 -3.20
C GLY D 155 12.40 -24.21 -3.09
N GLY D 156 13.11 -23.20 -3.56
CA GLY D 156 14.58 -23.17 -3.47
C GLY D 156 15.24 -23.86 -4.65
N LYS D 157 16.48 -23.50 -4.97
CA LYS D 157 17.09 -24.12 -6.13
C LYS D 157 17.49 -25.57 -5.83
N VAL D 158 17.38 -26.44 -6.83
CA VAL D 158 17.89 -27.79 -6.70
C VAL D 158 19.13 -27.94 -7.54
N ARG D 159 19.46 -26.91 -8.32
CA ARG D 159 20.67 -26.89 -9.12
C ARG D 159 21.22 -25.47 -9.11
N ASP D 160 22.55 -25.32 -9.21
CA ASP D 160 23.17 -24.00 -9.08
C ASP D 160 23.23 -23.25 -10.40
N ALA D 161 23.11 -23.97 -11.50
CA ALA D 161 23.11 -23.33 -12.80
C ALA D 161 22.15 -24.10 -13.69
N VAL D 162 21.61 -23.42 -14.68
CA VAL D 162 20.61 -24.04 -15.53
C VAL D 162 21.17 -24.23 -16.93
N PRO D 163 21.27 -25.49 -17.39
CA PRO D 163 21.78 -25.73 -18.77
C PRO D 163 20.82 -25.32 -19.87
N TYR D 164 21.35 -24.67 -20.90
CA TYR D 164 20.60 -24.32 -22.10
C TYR D 164 21.17 -25.01 -23.29
N SER D 165 20.36 -25.21 -24.32
CA SER D 165 20.85 -25.76 -25.58
C SER D 165 21.21 -24.66 -26.58
N ALA D 166 22.03 -25.04 -27.56
CA ALA D 166 22.33 -24.23 -28.75
C ALA D 166 21.14 -24.32 -29.69
N TYR D 167 20.48 -23.20 -29.95
CA TYR D 167 19.28 -23.26 -30.77
C TYR D 167 19.68 -22.87 -32.18
N LEU D 168 19.74 -23.83 -33.11
CA LEU D 168 20.29 -23.56 -34.44
C LEU D 168 19.15 -23.35 -35.44
N PHE D 169 19.39 -22.47 -36.41
CA PHE D 169 18.42 -22.11 -37.44
C PHE D 169 19.06 -22.08 -38.81
N TYR D 170 18.33 -22.55 -39.82
CA TYR D 170 18.68 -22.14 -41.16
C TYR D 170 18.47 -20.63 -41.23
N LYS D 171 19.29 -19.93 -42.00
CA LYS D 171 19.17 -18.49 -42.06
C LYS D 171 19.82 -17.91 -43.31
N TRP D 172 19.28 -16.78 -43.77
CA TRP D 172 19.94 -16.02 -44.82
C TRP D 172 21.13 -15.31 -44.25
N ALA D 173 22.00 -14.82 -45.13
CA ALA D 173 23.18 -14.03 -44.69
C ALA D 173 22.77 -12.69 -44.06
N GLY D 174 21.66 -12.13 -44.52
CA GLY D 174 21.15 -10.93 -43.91
C GLY D 174 19.76 -10.61 -44.43
N HIS D 175 19.14 -9.55 -43.90
CA HIS D 175 17.87 -9.07 -44.46
C HIS D 175 18.15 -8.26 -45.70
N PRO D 176 17.33 -8.43 -46.74
CA PRO D 176 17.56 -7.72 -47.99
C PRO D 176 17.66 -6.22 -47.77
N GLY D 177 18.62 -5.59 -48.45
CA GLY D 177 18.81 -4.14 -48.36
C GLY D 177 19.36 -3.72 -47.01
N LYS D 178 20.11 -4.61 -46.36
CA LYS D 178 20.77 -4.27 -45.12
C LYS D 178 22.04 -5.11 -44.95
N PRO D 179 22.95 -4.66 -44.09
CA PRO D 179 24.25 -5.31 -43.91
C PRO D 179 24.12 -6.74 -43.36
N GLU D 180 24.93 -7.67 -43.87
CA GLU D 180 24.97 -9.03 -43.35
C GLU D 180 25.43 -9.10 -41.91
N ASP D 181 24.91 -10.06 -41.17
CA ASP D 181 25.23 -10.18 -39.76
C ASP D 181 26.46 -11.07 -39.60
N ARG D 182 26.97 -11.13 -38.39
CA ARG D 182 28.21 -11.81 -38.11
C ARG D 182 28.04 -13.32 -38.11
N PHE D 183 26.81 -13.83 -38.20
CA PHE D 183 26.66 -15.27 -38.09
C PHE D 183 26.91 -15.98 -39.42
N GLY D 184 26.76 -15.28 -40.53
CA GLY D 184 26.83 -15.90 -41.85
C GLY D 184 25.54 -16.65 -42.20
N PRO D 185 25.39 -17.04 -43.47
CA PRO D 185 24.21 -17.80 -43.93
C PRO D 185 24.32 -19.26 -43.49
N ALA D 186 23.19 -19.95 -43.37
CA ALA D 186 23.21 -21.37 -43.11
C ALA D 186 22.06 -22.00 -43.86
N LEU D 187 22.39 -22.77 -44.89
CA LEU D 187 21.39 -23.22 -45.83
C LEU D 187 21.55 -24.70 -46.16
N ASP D 188 22.53 -25.34 -45.54
CA ASP D 188 22.81 -26.76 -45.74
C ASP D 188 23.57 -27.29 -44.53
N PRO D 189 23.89 -28.61 -44.52
CA PRO D 189 24.47 -29.20 -43.31
C PRO D 189 25.79 -28.54 -42.89
N ASP D 190 26.64 -28.19 -43.86
CA ASP D 190 27.92 -27.55 -43.53
C ASP D 190 27.72 -26.21 -42.84
N GLY D 191 26.78 -25.41 -43.34
CA GLY D 191 26.44 -24.13 -42.72
C GLY D 191 25.91 -24.31 -41.31
N ILE D 192 25.07 -25.32 -41.11
CA ILE D 192 24.49 -25.62 -39.79
C ILE D 192 25.60 -26.05 -38.81
N VAL D 193 26.53 -26.87 -39.29
CA VAL D 193 27.63 -27.26 -38.40
C VAL D 193 28.54 -26.09 -38.01
N ALA D 194 28.91 -25.28 -38.99
CA ALA D 194 29.70 -24.08 -38.74
C ALA D 194 28.98 -23.16 -37.73
N GLN D 195 27.67 -23.05 -37.85
CA GLN D 195 26.92 -22.23 -36.93
C GLN D 195 27.00 -22.81 -35.52
N ALA D 196 26.91 -24.13 -35.43
CA ALA D 196 27.00 -24.81 -34.13
C ALA D 196 28.36 -24.58 -33.48
N ARG D 197 29.43 -24.71 -34.28
CA ARG D 197 30.78 -24.42 -33.76
C ARG D 197 30.89 -23.02 -33.20
N LEU D 198 30.27 -22.06 -33.89
CA LEU D 198 30.36 -20.69 -33.51
C LEU D 198 29.63 -20.46 -32.16
N LEU D 199 28.41 -20.94 -32.04
CA LEU D 199 27.66 -20.77 -30.79
C LEU D 199 28.23 -21.61 -29.65
N ILE D 200 28.55 -22.87 -29.91
CA ILE D 200 29.09 -23.69 -28.85
C ILE D 200 30.41 -23.07 -28.40
N GLY D 201 31.21 -22.60 -29.36
CA GLY D 201 32.47 -21.93 -29.01
C GLY D 201 32.29 -20.80 -28.02
N GLU D 202 31.22 -20.02 -28.15
CA GLU D 202 31.07 -18.81 -27.35
C GLU D 202 30.31 -19.00 -26.03
N TYR D 203 29.37 -19.95 -25.99
CA TYR D 203 28.46 -20.12 -24.84
C TYR D 203 28.69 -21.43 -24.11
N GLY D 204 29.26 -22.39 -24.81
CA GLY D 204 29.57 -23.68 -24.23
C GLY D 204 28.43 -24.65 -24.14
N PHE D 205 27.39 -24.47 -24.98
CA PHE D 205 26.21 -25.35 -24.88
C PHE D 205 26.58 -26.82 -24.94
N ARG D 206 25.92 -27.63 -24.12
CA ARG D 206 26.19 -29.07 -24.11
C ARG D 206 25.05 -29.87 -24.76
N SER D 207 24.15 -29.18 -25.44
CA SER D 207 23.00 -29.81 -26.14
C SER D 207 22.68 -28.94 -27.34
N ILE D 208 21.99 -29.50 -28.33
CA ILE D 208 21.71 -28.80 -29.57
C ILE D 208 20.28 -29.06 -30.05
N LYS D 209 19.59 -28.01 -30.46
CA LYS D 209 18.30 -28.17 -31.14
CA LYS D 209 18.26 -28.10 -31.07
C LYS D 209 18.33 -27.47 -32.48
N LEU D 210 17.80 -28.14 -33.50
CA LEU D 210 17.78 -27.58 -34.82
C LEU D 210 16.32 -27.20 -35.15
N LYS D 211 16.10 -25.95 -35.54
CA LYS D 211 14.76 -25.54 -35.98
C LYS D 211 14.57 -26.01 -37.42
N GLY D 212 13.60 -26.89 -37.64
CA GLY D 212 13.39 -27.48 -38.98
C GLY D 212 12.16 -26.94 -39.69
N GLY D 213 11.62 -27.69 -40.65
CA GLY D 213 10.40 -27.26 -41.35
C GLY D 213 10.68 -26.35 -42.53
N VAL D 214 11.97 -26.15 -42.84
CA VAL D 214 12.36 -25.13 -43.79
C VAL D 214 12.75 -25.79 -45.13
N PHE D 215 13.49 -26.89 -45.04
CA PHE D 215 13.92 -27.66 -46.21
C PHE D 215 13.30 -29.01 -46.16
N PRO D 216 13.33 -29.74 -47.29
CA PRO D 216 12.80 -31.10 -47.26
C PRO D 216 13.47 -31.93 -46.15
N PRO D 217 12.68 -32.80 -45.49
CA PRO D 217 13.09 -33.53 -44.29
C PRO D 217 14.38 -34.33 -44.49
N GLU D 218 14.59 -34.88 -45.67
CA GLU D 218 15.82 -35.64 -45.93
C GLU D 218 17.05 -34.75 -45.70
N GLN D 219 16.93 -33.47 -46.05
CA GLN D 219 18.01 -32.50 -45.88
C GLN D 219 18.21 -32.12 -44.43
N GLU D 220 17.11 -31.93 -43.70
CA GLU D 220 17.25 -31.68 -42.27
C GLU D 220 17.80 -32.91 -41.53
N ALA D 221 17.41 -34.11 -41.95
CA ALA D 221 17.93 -35.33 -41.34
C ALA D 221 19.44 -35.42 -41.57
N GLU D 222 19.87 -34.96 -42.73
CA GLU D 222 21.28 -34.87 -43.04
C GLU D 222 22.01 -33.86 -42.15
N ALA D 223 21.39 -32.72 -41.83
CA ALA D 223 22.02 -31.73 -40.97
C ALA D 223 22.16 -32.34 -39.57
N ILE D 224 21.13 -33.09 -39.15
CA ILE D 224 21.17 -33.76 -37.83
C ILE D 224 22.31 -34.77 -37.75
N GLN D 225 22.46 -35.59 -38.79
CA GLN D 225 23.59 -36.56 -38.83
C GLN D 225 24.97 -35.87 -38.84
N ALA D 226 25.08 -34.76 -39.57
CA ALA D 226 26.32 -34.00 -39.58
C ALA D 226 26.63 -33.40 -38.22
N LEU D 227 25.62 -32.92 -37.50
CA LEU D 227 25.86 -32.43 -36.14
C LEU D 227 26.35 -33.56 -35.22
N ARG D 228 25.76 -34.73 -35.37
CA ARG D 228 26.08 -35.88 -34.53
C ARG D 228 27.55 -36.25 -34.76
N ASP D 229 27.97 -36.22 -36.02
CA ASP D 229 29.36 -36.48 -36.41
C ASP D 229 30.32 -35.44 -35.88
N ALA D 230 29.92 -34.18 -35.92
CA ALA D 230 30.79 -33.12 -35.44
C ALA D 230 30.77 -32.95 -33.91
N PHE D 231 29.74 -33.46 -33.26
CA PHE D 231 29.54 -33.25 -31.81
C PHE D 231 29.11 -34.54 -31.12
N PRO D 232 30.02 -35.54 -31.10
CA PRO D 232 29.62 -36.89 -30.76
C PRO D 232 28.94 -37.02 -29.41
N GLY D 233 29.38 -36.26 -28.43
CA GLY D 233 28.78 -36.39 -27.10
C GLY D 233 27.40 -35.78 -26.83
N LEU D 234 26.92 -34.87 -27.69
CA LEU D 234 25.85 -33.92 -27.28
C LEU D 234 24.44 -34.36 -27.67
N PRO D 235 23.49 -34.29 -26.73
CA PRO D 235 22.11 -34.62 -27.11
C PRO D 235 21.61 -33.71 -28.25
N LEU D 236 20.78 -34.25 -29.15
CA LEU D 236 20.31 -33.48 -30.31
C LEU D 236 18.79 -33.53 -30.35
N ARG D 237 18.14 -32.42 -30.66
CA ARG D 237 16.68 -32.38 -30.83
C ARG D 237 16.38 -31.69 -32.15
N LEU D 238 15.20 -31.99 -32.72
CA LEU D 238 14.82 -31.46 -34.00
C LEU D 238 13.37 -30.95 -33.85
N ASP D 239 13.12 -29.73 -34.35
CA ASP D 239 11.79 -29.09 -34.23
C ASP D 239 11.26 -28.59 -35.56
N PRO D 240 10.45 -29.41 -36.25
CA PRO D 240 9.84 -29.02 -37.53
C PRO D 240 8.63 -28.07 -37.39
N ASN D 241 8.20 -27.72 -36.20
CA ASN D 241 7.12 -26.85 -35.88
CA ASN D 241 7.08 -26.82 -35.96
C ASN D 241 5.87 -27.21 -36.71
N ALA D 242 5.55 -28.45 -36.70
CA ALA D 242 4.31 -29.00 -37.33
C ALA D 242 4.28 -29.00 -38.87
N ALA D 243 5.46 -28.89 -39.49
CA ALA D 243 5.52 -28.81 -40.94
C ALA D 243 5.40 -30.17 -41.65
N TRP D 244 5.42 -31.28 -40.92
CA TRP D 244 5.42 -32.61 -41.58
C TRP D 244 4.10 -33.28 -41.47
N THR D 245 3.86 -34.21 -42.40
CA THR D 245 2.71 -35.08 -42.30
C THR D 245 2.98 -36.17 -41.29
N VAL D 246 1.92 -36.86 -40.87
CA VAL D 246 2.13 -38.07 -40.04
C VAL D 246 3.09 -39.10 -40.65
N GLU D 247 2.86 -39.39 -41.93
CA GLU D 247 3.68 -40.36 -42.65
C GLU D 247 5.16 -39.98 -42.72
N THR D 248 5.43 -38.72 -43.01
CA THR D 248 6.81 -38.27 -43.09
C THR D 248 7.45 -38.31 -41.71
N SER D 249 6.69 -37.94 -40.70
CA SER D 249 7.20 -37.93 -39.32
C SER D 249 7.64 -39.31 -38.88
N ILE D 250 6.82 -40.31 -39.20
CA ILE D 250 7.16 -41.68 -38.86
C ILE D 250 8.42 -42.18 -39.58
N ARG D 251 8.52 -41.89 -40.88
CA ARG D 251 9.70 -42.26 -41.65
C ARG D 251 10.97 -41.59 -41.11
N VAL D 252 10.95 -40.28 -40.92
CA VAL D 252 12.12 -39.57 -40.36
C VAL D 252 12.42 -40.05 -38.94
N GLY D 253 11.38 -40.18 -38.13
CA GLY D 253 11.60 -40.59 -36.73
C GLY D 253 12.32 -41.93 -36.67
N ARG D 254 11.87 -42.89 -37.48
CA ARG D 254 12.51 -44.21 -37.52
C ARG D 254 13.94 -44.15 -38.03
N ALA D 255 14.17 -43.29 -39.02
CA ALA D 255 15.48 -43.15 -39.63
C ALA D 255 16.50 -42.48 -38.71
N LEU D 256 16.01 -41.77 -37.70
CA LEU D 256 16.87 -41.04 -36.76
C LEU D 256 16.90 -41.74 -35.41
N ASP D 257 16.51 -43.02 -35.41
CA ASP D 257 16.55 -43.82 -34.20
C ASP D 257 17.94 -43.80 -33.58
N GLY D 258 18.00 -43.50 -32.29
CA GLY D 258 19.27 -43.48 -31.56
C GLY D 258 20.00 -42.15 -31.62
N VAL D 259 19.56 -41.26 -32.50
CA VAL D 259 20.26 -39.99 -32.72
C VAL D 259 19.64 -38.79 -31.98
N LEU D 260 18.31 -38.68 -31.99
CA LEU D 260 17.61 -37.58 -31.33
C LEU D 260 17.21 -37.88 -29.90
N GLU D 261 17.35 -36.90 -29.04
CA GLU D 261 16.83 -36.98 -27.68
C GLU D 261 15.30 -36.95 -27.75
N TYR D 262 14.77 -36.04 -28.55
CA TYR D 262 13.33 -36.00 -28.80
C TYR D 262 13.02 -35.30 -30.10
N LEU D 263 11.82 -35.53 -30.61
CA LEU D 263 11.42 -34.92 -31.86
C LEU D 263 10.24 -34.01 -31.47
N GLU D 264 10.39 -32.71 -31.68
CA GLU D 264 9.40 -31.74 -31.22
C GLU D 264 8.40 -31.34 -32.31
N ASP D 265 7.09 -31.45 -32.02
CA ASP D 265 6.04 -30.96 -32.95
C ASP D 265 6.28 -31.30 -34.42
N PRO D 266 6.43 -32.59 -34.70
CA PRO D 266 6.72 -32.90 -36.07
C PRO D 266 5.48 -32.63 -36.95
N THR D 267 4.29 -32.79 -36.39
CA THR D 267 3.07 -32.82 -37.21
C THR D 267 1.95 -32.06 -36.46
N PRO D 268 0.96 -31.53 -37.21
CA PRO D 268 -0.08 -30.73 -36.53
C PRO D 268 -1.16 -31.51 -35.75
N GLY D 269 -1.54 -30.99 -34.58
CA GLY D 269 -2.68 -31.51 -33.81
C GLY D 269 -2.41 -32.71 -32.92
N ILE D 270 -3.14 -32.80 -31.82
CA ILE D 270 -3.02 -33.92 -30.87
C ILE D 270 -3.25 -35.28 -31.54
N ASP D 271 -4.26 -35.40 -32.39
CA ASP D 271 -4.52 -36.71 -32.99
C ASP D 271 -3.30 -37.23 -33.81
N GLY D 272 -2.80 -36.41 -34.73
CA GLY D 272 -1.64 -36.73 -35.55
C GLY D 272 -0.38 -37.01 -34.73
N MET D 273 -0.16 -36.18 -33.71
CA MET D 273 0.98 -36.36 -32.84
C MET D 273 0.90 -37.73 -32.16
N ALA D 274 -0.30 -38.10 -31.69
CA ALA D 274 -0.46 -39.40 -31.02
C ALA D 274 -0.20 -40.58 -31.94
N ARG D 275 -0.59 -40.45 -33.21
CA ARG D 275 -0.33 -41.53 -34.20
C ARG D 275 1.15 -41.70 -34.46
N VAL D 276 1.87 -40.59 -34.57
CA VAL D 276 3.31 -40.59 -34.74
C VAL D 276 4.02 -41.16 -33.51
N ALA D 277 3.62 -40.67 -32.33
CA ALA D 277 4.25 -41.06 -31.08
C ALA D 277 4.27 -42.58 -30.91
N ALA D 278 3.18 -43.23 -31.31
CA ALA D 278 3.06 -44.67 -31.18
C ALA D 278 3.99 -45.44 -32.15
N GLU D 279 4.59 -44.77 -33.14
CA GLU D 279 5.36 -45.49 -34.16
C GLU D 279 6.82 -45.08 -34.31
N VAL D 280 7.32 -44.20 -33.44
CA VAL D 280 8.73 -43.79 -33.55
C VAL D 280 9.42 -44.14 -32.25
N PRO D 281 10.74 -44.34 -32.32
CA PRO D 281 11.47 -44.85 -31.15
C PRO D 281 11.77 -43.77 -30.09
N MET D 282 11.78 -42.51 -30.47
CA MET D 282 12.05 -41.46 -29.48
C MET D 282 10.76 -40.76 -29.03
N PRO D 283 10.82 -40.13 -27.86
CA PRO D 283 9.68 -39.37 -27.35
C PRO D 283 9.41 -38.15 -28.24
N LEU D 284 8.15 -37.77 -28.34
CA LEU D 284 7.79 -36.50 -28.98
C LEU D 284 7.69 -35.42 -27.89
N ALA D 285 7.94 -34.18 -28.28
CA ALA D 285 7.81 -33.04 -27.41
C ALA D 285 6.79 -32.11 -28.07
N THR D 286 6.13 -31.26 -27.30
CA THR D 286 5.31 -30.22 -27.96
C THR D 286 5.38 -28.89 -27.23
N ASN D 287 5.25 -27.81 -27.99
CA ASN D 287 4.91 -26.50 -27.46
C ASN D 287 3.79 -25.87 -28.28
N MET D 288 3.08 -26.69 -29.05
CA MET D 288 2.04 -26.14 -29.96
C MET D 288 0.66 -26.72 -29.72
N CYS D 289 0.58 -27.99 -29.35
CA CYS D 289 -0.74 -28.61 -29.21
C CYS D 289 -1.17 -28.80 -27.75
N VAL D 290 -0.26 -28.50 -26.83
CA VAL D 290 -0.62 -28.49 -25.41
C VAL D 290 -0.02 -27.20 -24.87
N VAL D 291 -0.90 -26.22 -24.67
CA VAL D 291 -0.45 -24.84 -24.37
C VAL D 291 -1.28 -24.16 -23.29
N THR D 292 -2.24 -24.88 -22.71
CA THR D 292 -3.07 -24.33 -21.63
C THR D 292 -3.65 -25.50 -20.83
N PRO D 293 -4.05 -25.28 -19.56
CA PRO D 293 -4.43 -26.46 -18.77
C PRO D 293 -5.61 -27.24 -19.36
N GLU D 294 -6.51 -26.57 -20.08
CA GLU D 294 -7.64 -27.32 -20.67
C GLU D 294 -7.21 -28.37 -21.72
N HIS D 295 -5.99 -28.25 -22.23
CA HIS D 295 -5.47 -29.30 -23.10
C HIS D 295 -4.92 -30.54 -22.43
N LEU D 296 -4.72 -30.47 -21.12
CA LEU D 296 -3.99 -31.54 -20.44
C LEU D 296 -4.76 -32.87 -20.33
N PRO D 297 -6.07 -32.82 -20.06
CA PRO D 297 -6.85 -34.07 -20.08
C PRO D 297 -6.69 -34.81 -21.43
N ALA D 298 -6.76 -34.10 -22.54
CA ALA D 298 -6.61 -34.75 -23.85
C ALA D 298 -5.20 -35.29 -24.04
N ALA D 299 -4.19 -34.59 -23.52
CA ALA D 299 -2.80 -35.05 -23.64
C ALA D 299 -2.58 -36.33 -22.83
N VAL D 300 -3.18 -36.40 -21.65
CA VAL D 300 -3.10 -37.60 -20.82
C VAL D 300 -3.84 -38.78 -21.45
N GLU D 301 -5.02 -38.52 -21.98
CA GLU D 301 -5.81 -39.59 -22.61
C GLU D 301 -5.19 -40.10 -23.94
N ARG D 302 -4.71 -39.21 -24.80
CA ARG D 302 -4.26 -39.61 -26.15
C ARG D 302 -2.76 -39.89 -26.22
N ARG D 303 -2.02 -39.36 -25.26
CA ARG D 303 -0.56 -39.49 -25.25
C ARG D 303 0.15 -39.00 -26.53
N PRO D 304 -0.09 -37.76 -26.94
CA PRO D 304 0.66 -37.21 -28.10
C PRO D 304 2.14 -36.95 -27.77
N ILE D 305 2.49 -36.88 -26.48
CA ILE D 305 3.85 -36.45 -26.12
C ILE D 305 4.41 -37.20 -24.93
N GLY D 306 5.73 -37.34 -24.91
CA GLY D 306 6.43 -37.77 -23.72
C GLY D 306 7.05 -36.59 -23.01
N VAL D 307 7.18 -35.44 -23.69
CA VAL D 307 7.84 -34.24 -23.15
C VAL D 307 7.02 -32.98 -23.41
N LEU D 308 6.73 -32.22 -22.36
CA LEU D 308 5.98 -30.98 -22.53
C LEU D 308 6.98 -29.84 -22.42
N LEU D 309 6.99 -28.97 -23.41
CA LEU D 309 7.80 -27.77 -23.31
C LEU D 309 6.95 -26.69 -22.68
N ILE D 310 7.29 -26.28 -21.47
CA ILE D 310 6.53 -25.23 -20.85
C ILE D 310 7.19 -23.87 -21.03
N ASP D 311 6.37 -22.84 -21.01
CA ASP D 311 6.82 -21.48 -21.25
C ASP D 311 6.00 -20.64 -20.27
N HIS D 312 6.67 -19.99 -19.30
CA HIS D 312 5.87 -19.26 -18.33
C HIS D 312 5.15 -18.07 -18.92
N HIS D 313 5.53 -17.63 -20.14
CA HIS D 313 4.88 -16.45 -20.72
C HIS D 313 3.47 -16.73 -21.15
N TYR D 314 3.14 -17.99 -21.38
CA TYR D 314 1.73 -18.31 -21.74
C TYR D 314 1.03 -19.33 -20.85
N TRP D 315 1.77 -19.93 -19.92
CA TRP D 315 1.13 -20.76 -18.91
C TRP D 315 0.67 -19.95 -17.71
N GLY D 316 1.05 -18.69 -17.65
CA GLY D 316 0.50 -17.85 -16.58
C GLY D 316 1.48 -17.53 -15.48
N GLY D 317 2.77 -17.48 -15.79
CA GLY D 317 3.74 -17.02 -14.80
C GLY D 317 4.47 -18.18 -14.12
N LEU D 318 5.39 -17.87 -13.20
CA LEU D 318 6.28 -18.90 -12.63
C LEU D 318 5.56 -19.90 -11.71
N VAL D 319 4.61 -19.40 -10.92
CA VAL D 319 3.94 -20.27 -9.96
C VAL D 319 3.01 -21.25 -10.66
N ARG D 320 2.18 -20.74 -11.59
CA ARG D 320 1.31 -21.65 -12.35
C ARG D 320 2.14 -22.65 -13.16
N SER D 321 3.28 -22.22 -13.70
CA SER D 321 4.15 -23.15 -14.42
C SER D 321 4.65 -24.28 -13.53
N ALA D 322 5.02 -23.95 -12.28
CA ALA D 322 5.45 -24.95 -11.29
C ALA D 322 4.31 -25.93 -10.98
N HIS D 323 3.06 -25.46 -10.97
CA HIS D 323 1.94 -26.36 -10.76
C HIS D 323 1.82 -27.33 -11.91
N ILE D 324 2.00 -26.81 -13.12
CA ILE D 324 1.87 -27.67 -14.32
C ILE D 324 2.99 -28.72 -14.31
N ALA D 325 4.18 -28.32 -13.90
CA ALA D 325 5.28 -29.31 -13.81
C ALA D 325 4.90 -30.48 -12.89
N THR D 326 4.28 -30.18 -11.75
CA THR D 326 3.86 -31.21 -10.81
C THR D 326 2.86 -32.17 -11.45
N LEU D 327 1.92 -31.61 -12.19
CA LEU D 327 0.90 -32.41 -12.86
C LEU D 327 1.52 -33.32 -13.91
N CYS D 328 2.39 -32.77 -14.74
CA CYS D 328 3.10 -33.57 -15.75
C CYS D 328 3.85 -34.72 -15.13
N ALA D 329 4.59 -34.45 -14.06
CA ALA D 329 5.35 -35.51 -13.38
C ALA D 329 4.42 -36.62 -12.89
N THR D 330 3.27 -36.24 -12.36
CA THR D 330 2.29 -37.23 -11.85
C THR D 330 1.78 -38.17 -12.94
N PHE D 331 1.65 -37.65 -14.16
CA PHE D 331 1.20 -38.47 -15.27
C PHE D 331 2.32 -39.00 -16.15
N GLY D 332 3.55 -38.90 -15.68
CA GLY D 332 4.68 -39.49 -16.40
C GLY D 332 5.14 -38.70 -17.60
N ILE D 333 4.83 -37.41 -17.62
CA ILE D 333 5.27 -36.55 -18.73
C ILE D 333 6.50 -35.77 -18.28
N GLU D 334 7.58 -35.79 -19.07
CA GLU D 334 8.77 -35.01 -18.76
C GLU D 334 8.64 -33.57 -19.24
N LEU D 335 9.55 -32.72 -18.75
CA LEU D 335 9.44 -31.29 -18.95
C LEU D 335 10.72 -30.69 -19.44
N SER D 336 10.60 -29.75 -20.36
CA SER D 336 11.70 -28.88 -20.71
C SER D 336 11.08 -27.47 -20.81
N MET D 337 11.83 -26.52 -21.34
CA MET D 337 11.38 -25.13 -21.42
C MET D 337 11.51 -24.60 -22.82
N HIS D 338 10.46 -23.90 -23.28
CA HIS D 338 10.38 -23.32 -24.59
C HIS D 338 10.76 -21.87 -24.49
N SER D 339 11.26 -21.31 -25.58
CA SER D 339 11.49 -19.86 -25.57
C SER D 339 11.16 -19.21 -26.89
N ASN D 340 10.97 -17.90 -26.85
CA ASN D 340 10.84 -17.09 -28.05
C ASN D 340 11.89 -15.99 -27.89
N SER D 341 12.24 -15.30 -28.97
CA SER D 341 13.18 -14.15 -28.87
C SER D 341 12.86 -13.34 -27.63
N HIS D 342 13.82 -13.19 -26.73
CA HIS D 342 13.52 -12.55 -25.44
C HIS D 342 14.71 -11.81 -24.91
N LEU D 343 14.50 -11.00 -23.89
CA LEU D 343 15.62 -10.25 -23.33
C LEU D 343 16.04 -10.83 -21.96
N GLY D 344 16.85 -10.08 -21.21
CA GLY D 344 17.40 -10.60 -19.95
C GLY D 344 16.41 -10.75 -18.80
N ILE D 345 15.30 -10.03 -18.80
CA ILE D 345 14.33 -10.20 -17.73
C ILE D 345 13.68 -11.56 -17.85
N SER D 346 13.32 -11.93 -19.08
CA SER D 346 12.77 -13.26 -19.32
C SER D 346 13.80 -14.36 -19.09
N LEU D 347 15.05 -14.11 -19.44
CA LEU D 347 16.10 -15.11 -19.17
C LEU D 347 16.28 -15.37 -17.67
N ALA D 348 16.26 -14.30 -16.86
CA ALA D 348 16.38 -14.45 -15.41
C ALA D 348 15.20 -15.23 -14.87
N ALA D 349 14.00 -14.84 -15.29
CA ALA D 349 12.77 -15.53 -14.81
C ALA D 349 12.81 -17.02 -15.13
N MET D 350 13.14 -17.34 -16.39
CA MET D 350 13.23 -18.71 -16.87
CA MET D 350 13.18 -18.72 -16.81
C MET D 350 14.26 -19.49 -16.05
N THR D 351 15.37 -18.82 -15.76
CA THR D 351 16.45 -19.48 -15.01
C THR D 351 16.04 -19.78 -13.56
N HIS D 352 15.41 -18.83 -12.87
CA HIS D 352 14.95 -19.07 -11.51
C HIS D 352 13.93 -20.19 -11.50
N LEU D 353 13.03 -20.19 -12.47
CA LEU D 353 12.00 -21.26 -12.54
C LEU D 353 12.61 -22.66 -12.73
N ALA D 354 13.51 -22.78 -13.69
CA ALA D 354 14.13 -24.07 -13.99
C ALA D 354 15.04 -24.51 -12.84
N ALA D 355 15.70 -23.58 -12.17
CA ALA D 355 16.61 -23.94 -11.07
C ALA D 355 15.83 -24.52 -9.91
N ALA D 356 14.58 -24.10 -9.78
CA ALA D 356 13.75 -24.45 -8.65
C ALA D 356 12.73 -25.55 -8.96
N THR D 357 12.83 -26.15 -10.14
CA THR D 357 11.81 -27.15 -10.54
C THR D 357 12.53 -28.46 -10.83
N PRO D 358 12.46 -29.42 -9.88
CA PRO D 358 13.15 -30.70 -10.03
C PRO D 358 12.74 -31.41 -11.32
N ALA D 359 11.46 -31.27 -11.69
CA ALA D 359 10.93 -31.93 -12.89
C ALA D 359 11.51 -31.43 -14.22
N ILE D 360 12.15 -30.27 -14.22
CA ILE D 360 12.78 -29.76 -15.45
C ILE D 360 14.19 -30.31 -15.59
N THR D 361 14.31 -31.47 -16.24
CA THR D 361 15.59 -32.19 -16.33
C THR D 361 16.35 -31.94 -17.63
N HIS D 362 15.62 -31.64 -18.70
CA HIS D 362 16.23 -31.35 -19.99
C HIS D 362 16.80 -29.95 -20.06
N ALA D 363 17.80 -29.74 -20.90
CA ALA D 363 18.27 -28.38 -21.17
C ALA D 363 17.13 -27.54 -21.72
N CYS D 364 17.07 -26.30 -21.28
CA CYS D 364 16.09 -25.33 -21.75
C CYS D 364 16.49 -24.67 -23.06
N ASP D 365 15.51 -24.14 -23.79
CA ASP D 365 15.81 -23.40 -25.02
C ASP D 365 16.01 -21.93 -24.71
N THR D 366 16.85 -21.27 -25.48
CA THR D 366 16.91 -19.82 -25.44
C THR D 366 17.38 -19.28 -26.78
N HIS D 367 16.89 -18.09 -27.13
CA HIS D 367 17.33 -17.42 -28.33
C HIS D 367 18.46 -16.47 -28.02
N THR D 368 18.93 -16.46 -26.78
CA THR D 368 19.86 -15.40 -26.36
C THR D 368 21.01 -15.08 -27.36
N PRO D 369 21.68 -16.10 -27.88
CA PRO D 369 22.82 -15.86 -28.82
C PRO D 369 22.44 -15.02 -30.02
N TRP D 370 21.21 -15.16 -30.49
CA TRP D 370 20.75 -14.45 -31.68
C TRP D 370 20.50 -12.98 -31.47
N GLN D 371 20.34 -12.54 -30.23
CA GLN D 371 20.18 -11.11 -30.01
CA GLN D 371 20.18 -11.12 -29.89
C GLN D 371 21.51 -10.36 -29.88
N ASP D 372 22.62 -11.08 -29.99
CA ASP D 372 23.95 -10.46 -30.14
C ASP D 372 24.26 -9.37 -29.09
N GLY D 373 23.95 -9.65 -27.83
CA GLY D 373 24.25 -8.75 -26.71
C GLY D 373 23.27 -7.62 -26.45
N GLN D 374 22.24 -7.49 -27.28
CA GLN D 374 21.28 -6.43 -27.03
C GLN D 374 20.53 -6.76 -25.73
N ASP D 375 20.39 -5.81 -24.82
CA ASP D 375 19.63 -6.09 -23.59
C ASP D 375 19.12 -4.82 -22.90
N VAL D 376 18.18 -4.96 -21.97
CA VAL D 376 17.69 -3.84 -21.21
C VAL D 376 18.14 -3.92 -19.75
N VAL D 377 18.82 -4.99 -19.38
CA VAL D 377 19.30 -5.07 -18.01
C VAL D 377 20.78 -4.73 -17.87
N ALA D 378 21.21 -4.30 -16.70
CA ALA D 378 22.63 -4.01 -16.50
C ALA D 378 23.47 -5.25 -16.76
N PRO D 379 24.65 -5.05 -17.38
CA PRO D 379 25.58 -6.16 -17.63
C PRO D 379 26.05 -6.83 -16.34
N GLY D 380 26.37 -8.12 -16.39
CA GLY D 380 27.07 -8.79 -15.29
C GLY D 380 26.26 -9.76 -14.43
N ALA D 381 24.95 -9.71 -14.55
CA ALA D 381 24.08 -10.53 -13.70
C ALA D 381 23.87 -11.88 -14.33
N LEU D 382 23.77 -11.90 -15.66
CA LEU D 382 23.47 -13.13 -16.41
C LEU D 382 24.67 -13.50 -17.28
N ARG D 383 25.16 -14.73 -17.16
CA ARG D 383 26.27 -15.13 -17.99
C ARG D 383 26.12 -16.60 -18.26
N PHE D 384 26.72 -17.05 -19.34
CA PHE D 384 26.72 -18.46 -19.64
C PHE D 384 28.09 -19.01 -19.32
N VAL D 385 28.12 -20.07 -18.51
CA VAL D 385 29.37 -20.75 -18.20
C VAL D 385 29.15 -22.22 -18.55
N ASP D 386 29.93 -22.75 -19.50
CA ASP D 386 29.78 -24.15 -19.91
C ASP D 386 28.31 -24.48 -20.26
N GLY D 387 27.67 -23.57 -20.98
CA GLY D 387 26.32 -23.87 -21.50
C GLY D 387 25.22 -23.60 -20.51
N ALA D 388 25.57 -23.22 -19.28
CA ALA D 388 24.58 -23.10 -18.20
C ALA D 388 24.58 -21.69 -17.66
N VAL D 389 23.41 -21.22 -17.22
CA VAL D 389 23.30 -19.87 -16.59
C VAL D 389 23.23 -20.05 -15.06
N PRO D 390 24.24 -19.53 -14.35
CA PRO D 390 24.20 -19.59 -12.91
C PRO D 390 23.01 -18.77 -12.39
N VAL D 391 22.29 -19.33 -11.45
CA VAL D 391 21.14 -18.61 -10.91
C VAL D 391 21.64 -17.33 -10.26
N PRO D 392 21.12 -16.18 -10.69
CA PRO D 392 21.66 -14.94 -10.14
C PRO D 392 21.63 -14.93 -8.61
N ASP D 393 22.58 -14.24 -8.04
N ASP D 393 22.61 -14.29 -8.00
CA ASP D 393 22.62 -13.95 -6.64
CA ASP D 393 22.71 -14.29 -6.54
C ASP D 393 22.10 -12.54 -6.48
C ASP D 393 21.75 -13.28 -5.91
N GLY D 394 21.64 -12.21 -5.30
N GLY D 394 21.84 -12.04 -6.37
CA GLY D 394 21.00 -10.91 -5.12
CA GLY D 394 21.02 -10.95 -5.85
C GLY D 394 19.50 -11.06 -5.18
C GLY D 394 19.63 -11.37 -5.41
N PRO D 395 18.80 -10.46 -4.20
N PRO D 395 18.93 -10.48 -4.70
CA PRO D 395 17.36 -10.53 -4.01
CA PRO D 395 17.58 -10.83 -4.33
C PRO D 395 16.55 -10.32 -5.30
C PRO D 395 16.68 -10.63 -5.54
N GLY D 396 15.42 -11.05 -5.43
CA GLY D 396 14.51 -10.88 -6.55
C GLY D 396 14.98 -11.66 -7.77
N LEU D 397 14.77 -11.11 -8.97
CA LEU D 397 15.24 -11.79 -10.19
C LEU D 397 16.77 -11.67 -10.34
N GLY D 398 17.35 -10.71 -9.64
CA GLY D 398 18.81 -10.53 -9.67
C GLY D 398 19.28 -9.66 -10.82
N VAL D 399 18.35 -9.03 -11.53
CA VAL D 399 18.70 -8.09 -12.62
C VAL D 399 18.20 -6.68 -12.34
N GLU D 400 18.93 -5.69 -12.86
CA GLU D 400 18.57 -4.29 -12.70
C GLU D 400 18.27 -3.69 -14.07
N LEU D 401 17.24 -2.87 -14.15
CA LEU D 401 16.92 -2.19 -15.39
C LEU D 401 18.01 -1.18 -15.77
N ASP D 402 18.45 -1.21 -17.01
CA ASP D 402 19.33 -0.18 -17.55
C ASP D 402 18.46 0.88 -18.26
N ARG D 403 18.19 2.00 -17.59
CA ARG D 403 17.15 2.91 -18.09
C ARG D 403 17.56 3.57 -19.40
N ASP D 404 18.85 3.73 -19.65
CA ASP D 404 19.32 4.29 -20.92
C ASP D 404 19.06 3.33 -22.09
N ALA D 405 19.38 2.05 -21.91
CA ALA D 405 19.17 1.04 -22.94
C ALA D 405 17.65 0.86 -23.19
N LEU D 406 16.87 0.91 -22.13
CA LEU D 406 15.43 0.80 -22.29
C LEU D 406 14.92 1.92 -23.21
N ALA D 407 15.38 3.14 -22.97
CA ALA D 407 14.96 4.29 -23.76
C ALA D 407 15.37 4.14 -25.23
N VAL D 408 16.57 3.64 -25.48
CA VAL D 408 17.04 3.42 -26.86
C VAL D 408 16.16 2.38 -27.59
N MET D 409 15.85 1.27 -26.92
CA MET D 409 14.99 0.22 -27.53
C MET D 409 13.55 0.68 -27.67
N HIS D 410 13.11 1.55 -26.76
CA HIS D 410 11.78 2.11 -26.90
C HIS D 410 11.68 3.02 -28.10
N GLU D 411 12.70 3.84 -28.31
CA GLU D 411 12.74 4.67 -29.51
C GLU D 411 12.86 3.81 -30.78
N GLN D 412 13.60 2.70 -30.73
CA GLN D 412 13.61 1.77 -31.87
C GLN D 412 12.21 1.21 -32.17
N TYR D 413 11.49 0.88 -31.13
CA TYR D 413 10.08 0.46 -31.33
C TYR D 413 9.26 1.53 -32.06
N GLU D 414 9.32 2.76 -31.55
CA GLU D 414 8.52 3.85 -32.12
C GLU D 414 8.79 4.09 -33.62
N ARG D 415 10.04 3.89 -34.05
CA ARG D 415 10.43 4.19 -35.44
C ARG D 415 10.41 2.97 -36.35
N CYS D 416 10.30 1.77 -35.83
CA CYS D 416 10.46 0.66 -36.73
C CYS D 416 9.07 0.50 -37.36
N GLY D 417 8.96 -0.25 -38.42
CA GLY D 417 7.63 -0.33 -39.03
C GLY D 417 6.74 -1.43 -38.49
N ILE D 418 7.19 -2.11 -37.42
CA ILE D 418 6.60 -3.41 -37.07
C ILE D 418 5.80 -3.29 -35.78
N ARG D 419 4.62 -3.90 -35.75
CA ARG D 419 3.76 -3.77 -34.56
C ARG D 419 3.24 -5.12 -34.09
N THR D 420 3.30 -6.12 -34.94
CA THR D 420 2.84 -7.47 -34.60
C THR D 420 3.73 -8.40 -35.40
N ARG D 421 4.25 -9.44 -34.75
CA ARG D 421 5.09 -10.45 -35.44
C ARG D 421 4.30 -11.09 -36.60
N ASP D 422 4.89 -11.18 -37.80
CA ASP D 422 4.25 -11.89 -38.94
C ASP D 422 5.29 -12.52 -39.89
N ASP D 423 5.84 -13.67 -39.50
CA ASP D 423 6.91 -14.28 -40.30
C ASP D 423 6.40 -14.61 -41.69
N GLU D 424 5.14 -15.02 -41.79
CA GLU D 424 4.60 -15.41 -43.09
C GLU D 424 4.44 -14.19 -43.99
N GLY D 425 3.90 -13.11 -43.43
CA GLY D 425 3.68 -11.88 -44.20
C GLY D 425 5.02 -11.37 -44.70
N TYR D 426 6.05 -11.50 -43.87
CA TYR D 426 7.38 -11.00 -44.28
C TYR D 426 7.94 -11.87 -45.40
N MET D 427 7.86 -13.19 -45.27
CA MET D 427 8.26 -14.06 -46.35
C MET D 427 7.47 -13.73 -47.64
N ARG D 428 6.16 -13.55 -47.52
CA ARG D 428 5.35 -13.21 -48.69
C ARG D 428 5.77 -11.92 -49.38
N SER D 429 6.39 -11.00 -48.64
CA SER D 429 6.84 -9.77 -49.25
C SER D 429 7.95 -10.07 -50.26
N PHE D 430 8.60 -11.24 -50.15
CA PHE D 430 9.62 -11.66 -51.13
C PHE D 430 9.13 -12.74 -52.11
N ASP D 431 8.26 -13.61 -51.63
CA ASP D 431 7.70 -14.68 -52.44
C ASP D 431 6.21 -14.82 -52.10
N PRO D 432 5.36 -14.12 -52.86
CA PRO D 432 3.91 -14.09 -52.58
C PRO D 432 3.27 -15.47 -52.55
N SER D 433 3.88 -16.45 -53.25
CA SER D 433 3.29 -17.78 -53.27
C SER D 433 3.59 -18.62 -52.01
N PHE D 434 4.51 -18.15 -51.15
CA PHE D 434 4.77 -18.84 -49.88
C PHE D 434 3.51 -18.90 -49.00
N SER D 435 3.29 -20.03 -48.32
CA SER D 435 2.37 -20.10 -47.17
C SER D 435 3.05 -20.92 -46.09
N THR D 436 2.73 -20.62 -44.84
CA THR D 436 3.24 -21.37 -43.70
C THR D 436 3.11 -22.87 -43.92
N ARG D 437 4.20 -23.59 -43.73
CA ARG D 437 4.18 -25.03 -43.89
C ARG D 437 3.57 -25.75 -42.72
N ARG D 438 2.45 -26.40 -42.94
CA ARG D 438 1.72 -27.08 -41.89
CA ARG D 438 1.75 -27.11 -41.89
C ARG D 438 1.24 -28.42 -42.45
N GLY D 439 1.76 -29.54 -41.93
CA GLY D 439 1.38 -30.85 -42.48
C GLY D 439 1.72 -30.90 -43.97
N PHE D 440 2.89 -30.37 -44.31
CA PHE D 440 3.23 -30.03 -45.70
C PHE D 440 4.19 -31.08 -46.25
N TRP D 441 5.29 -31.37 -45.55
CA TRP D 441 6.34 -32.22 -46.12
C TRP D 441 6.00 -33.64 -45.87
P PO4 E . -18.73 4.29 2.28
O1 PO4 E . -19.49 3.24 1.50
O2 PO4 E . -18.74 4.04 3.76
O3 PO4 E . -17.28 4.25 1.84
O4 PO4 E . -19.31 5.67 1.99
I IOD F . 2.57 5.62 0.84
C1 GOL G . -22.01 1.82 23.61
O1 GOL G . -22.80 2.72 22.83
C2 GOL G . -21.25 0.87 22.70
O2 GOL G . -22.15 0.33 21.74
C3 GOL G . -20.64 -0.26 23.52
O3 GOL G . -21.66 -1.26 23.68
I IOD H . 12.62 5.87 19.10
P PO4 I . -11.64 -40.89 12.68
O1 PO4 I . -12.48 -40.02 11.78
O2 PO4 I . -11.08 -40.09 13.83
O3 PO4 I . -12.44 -42.07 13.18
O4 PO4 I . -10.46 -41.40 11.88
I IOD J . 20.32 -25.25 1.73
O2 UNL K . -10.60 -48.07 -0.35
C UNL K . -9.43 -48.48 -0.11
O1 UNL K . -8.59 -48.68 -1.02
O3 UNL K . -9.07 -48.72 1.15
C1 GOL L . -12.22 -12.36 -2.45
O1 GOL L . -11.80 -11.51 -3.53
C2 GOL L . -11.83 -11.76 -1.12
O2 GOL L . -12.73 -12.23 -0.11
C3 GOL L . -10.40 -12.16 -0.74
O3 GOL L . -10.39 -12.63 0.62
I IOD M . 17.93 -31.79 -4.30
P PO4 N . 15.20 48.61 2.16
O1 PO4 N . 13.80 48.37 1.62
O2 PO4 N . 15.08 48.94 3.63
O3 PO4 N . 16.02 47.35 1.98
O4 PO4 N . 15.81 49.74 1.37
C1 GOL O . 17.39 28.38 21.96
O1 GOL O . 16.62 27.76 20.92
C2 GOL O . 17.68 27.32 23.00
O2 GOL O . 16.42 26.83 23.49
C3 GOL O . 18.40 26.16 22.33
O3 GOL O . 18.54 25.10 23.29
P PO4 P . 10.97 -19.22 -33.46
O1 PO4 P . 10.98 -19.49 -34.92
O2 PO4 P . 9.57 -18.74 -33.12
O3 PO4 P . 11.31 -20.50 -32.72
O4 PO4 P . 11.95 -18.15 -33.00
I IOD Q . -8.63 -17.05 -25.24
I IOD R . 13.64 -1.80 -5.90
I IOD S . -9.79 -13.53 -5.47
I IOD T . 31.32 -33.57 -28.26
I IOD U . 10.55 -2.23 -40.54
I IOD V . -3.49 -12.06 -47.82
I IOD W . -10.60 -1.59 -11.17
#